data_9IFE
#
_entry.id   9IFE
#
_cell.length_a   101.262
_cell.length_b   63.529
_cell.length_c   169.441
_cell.angle_alpha   90.000
_cell.angle_beta   97.834
_cell.angle_gamma   90.000
#
_symmetry.space_group_name_H-M   'P 1 21 1'
#
loop_
_entity.id
_entity.type
_entity.pdbx_description
1 polymer 'Trypanothione reductase'
2 non-polymer 'FLAVIN-ADENINE DINUCLEOTIDE'
3 non-polymer IMIDAZOLE
4 non-polymer DI(HYDROXYETHYL)ETHER
5 non-polymer 'DIMETHYL SULFOXIDE'
6 non-polymer 'BROMIDE ION'
7 non-polymer 'SODIUM ION'
8 non-polymer ~{N}-(4-hydroxyphenyl)-2-methoxy-ethanamide
9 water water
#
_entity_poly.entity_id   1
_entity_poly.type   'polypeptide(L)'
_entity_poly.pdbx_seq_one_letter_code
;GSHMSKAFDLVVIGAGSGGLEAGWNAATLYGKRVAVVDVQTSHGPPFYAALGGTCVNVGCVPKKLMVTGAQYMDHLRESA
GFGWEFDGSSVKANWKKLIAAKNEAVLDINKSYEGMFNDTEGLDFFLGWGSLESKNVVVVRETADPKSAVKERLQADHIL
LATGSWPQMPAIPGIEHCISSNEAFYLPEPPRRVLTVGGGFISVEFAGIFNAYKPPGGKVTLCYRNNLILRGFDETIREE
VTKQLTANGIEIMTNENPAKVSLNTDGSKHVTFESGKTLDVDVVMMAIGRIPRTNDLQLGNVGVKLTPKGGVQVDEFSRT
NVPNIYAIGDITDRLMLTPVAINEGAALVDTVFGNKPRKTDHTRVASAVFSIPPIGTCGLIEEVAAKEFEKVAVYMSSFT
PLMHNISGSKYKKFVAKIVTNHSDGTVLGVHLLGDGAPEIIQAVGVCLRLNAKISDFYNTIGVHPTSAEELCSMRTPSYY
YVKGEKMEKLPDSNL
;
_entity_poly.pdbx_strand_id   A,B,C,D
#
# COMPACT_ATOMS: atom_id res chain seq x y z
N HIS A 3 1.79 -31.10 -36.25
CA HIS A 3 0.81 -30.01 -36.37
C HIS A 3 1.49 -28.71 -36.85
N MET A 4 0.89 -28.04 -37.83
CA MET A 4 1.48 -26.87 -38.47
C MET A 4 0.79 -25.59 -38.00
N SER A 5 1.57 -24.50 -37.96
CA SER A 5 1.00 -23.19 -37.72
C SER A 5 0.10 -22.79 -38.88
N LYS A 6 -0.78 -21.84 -38.60
CA LYS A 6 -1.70 -21.30 -39.59
C LYS A 6 -1.32 -19.85 -39.86
N ALA A 7 -1.60 -19.38 -41.08
CA ALA A 7 -1.18 -18.04 -41.49
C ALA A 7 -2.38 -17.18 -41.85
N PHE A 8 -2.31 -15.88 -41.52
CA PHE A 8 -3.43 -14.97 -41.68
C PHE A 8 -2.92 -13.60 -42.14
N ASP A 9 -3.80 -12.88 -42.85
CA ASP A 9 -3.53 -11.46 -43.09
C ASP A 9 -3.55 -10.67 -41.79
N LEU A 10 -4.50 -10.99 -40.93
CA LEU A 10 -4.74 -10.24 -39.70
C LEU A 10 -5.02 -11.22 -38.57
N VAL A 11 -4.34 -11.02 -37.44
CA VAL A 11 -4.64 -11.76 -36.23
C VAL A 11 -5.11 -10.75 -35.19
N VAL A 12 -6.27 -11.01 -34.61
CA VAL A 12 -6.86 -10.15 -33.60
C VAL A 12 -6.75 -10.83 -32.24
N ILE A 13 -6.13 -10.17 -31.27
CA ILE A 13 -6.06 -10.71 -29.92
C ILE A 13 -7.15 -10.04 -29.11
N GLY A 14 -8.20 -10.80 -28.78
CA GLY A 14 -9.35 -10.24 -28.09
C GLY A 14 -10.59 -10.16 -28.97
N ALA A 15 -11.54 -11.06 -28.70
CA ALA A 15 -12.75 -11.17 -29.52
C ALA A 15 -13.87 -10.33 -28.95
N GLY A 16 -13.62 -9.04 -28.75
CA GLY A 16 -14.54 -8.16 -28.08
C GLY A 16 -15.13 -7.13 -29.02
N SER A 17 -15.60 -6.03 -28.42
CA SER A 17 -16.35 -5.04 -29.19
C SER A 17 -15.55 -4.56 -30.42
N GLY A 18 -14.32 -4.11 -30.20
CA GLY A 18 -13.48 -3.65 -31.29
C GLY A 18 -12.90 -4.77 -32.14
N GLY A 19 -12.43 -5.84 -31.49
CA GLY A 19 -11.77 -6.91 -32.23
C GLY A 19 -12.71 -7.63 -33.19
N LEU A 20 -13.96 -7.85 -32.77
CA LEU A 20 -14.91 -8.53 -33.65
C LEU A 20 -15.33 -7.64 -34.80
N GLU A 21 -15.50 -6.32 -34.56
CA GLU A 21 -15.81 -5.43 -35.68
C GLU A 21 -14.70 -5.47 -36.72
N ALA A 22 -13.46 -5.28 -36.29
CA ALA A 22 -12.32 -5.33 -37.20
C ALA A 22 -12.26 -6.67 -37.91
N GLY A 23 -12.36 -7.77 -37.16
CA GLY A 23 -12.23 -9.09 -37.78
C GLY A 23 -13.31 -9.38 -38.81
N TRP A 24 -14.57 -9.18 -38.44
CA TRP A 24 -15.67 -9.37 -39.39
C TRP A 24 -15.52 -8.48 -40.62
N ASN A 25 -15.18 -7.20 -40.44
CA ASN A 25 -15.08 -6.32 -41.59
C ASN A 25 -13.95 -6.74 -42.53
N ALA A 26 -12.77 -7.04 -41.98
CA ALA A 26 -11.65 -7.45 -42.82
C ALA A 26 -11.99 -8.68 -43.63
N ALA A 27 -12.69 -9.65 -43.02
CA ALA A 27 -13.00 -10.88 -43.73
C ALA A 27 -14.12 -10.68 -44.76
N THR A 28 -15.25 -10.10 -44.35
CA THR A 28 -16.42 -10.05 -45.21
C THR A 28 -16.42 -8.88 -46.17
N LEU A 29 -15.80 -7.75 -45.82
CA LEU A 29 -15.75 -6.62 -46.74
C LEU A 29 -14.55 -6.66 -47.69
N TYR A 30 -13.39 -7.11 -47.23
CA TYR A 30 -12.16 -7.00 -48.01
C TYR A 30 -11.53 -8.35 -48.33
N GLY A 31 -12.20 -9.44 -48.00
CA GLY A 31 -11.73 -10.77 -48.38
C GLY A 31 -10.44 -11.20 -47.70
N LYS A 32 -10.14 -10.67 -46.52
CA LYS A 32 -8.87 -11.03 -45.89
C LYS A 32 -9.05 -12.27 -45.02
N ARG A 33 -7.94 -12.94 -44.74
CA ARG A 33 -7.92 -14.11 -43.88
C ARG A 33 -7.62 -13.64 -42.46
N VAL A 34 -8.55 -13.91 -41.53
CA VAL A 34 -8.54 -13.34 -40.19
C VAL A 34 -8.58 -14.45 -39.16
N ALA A 35 -7.78 -14.31 -38.11
CA ALA A 35 -7.89 -15.12 -36.91
C ALA A 35 -8.23 -14.21 -35.74
N VAL A 36 -9.09 -14.67 -34.85
CA VAL A 36 -9.44 -13.94 -33.63
C VAL A 36 -9.25 -14.88 -32.45
N VAL A 37 -8.63 -14.38 -31.38
CA VAL A 37 -8.27 -15.17 -30.19
C VAL A 37 -9.05 -14.64 -29.00
N ASP A 38 -9.66 -15.54 -28.22
CA ASP A 38 -10.19 -15.15 -26.91
C ASP A 38 -10.06 -16.32 -25.94
N VAL A 39 -10.18 -16.01 -24.65
CA VAL A 39 -9.81 -16.96 -23.60
C VAL A 39 -10.96 -17.87 -23.18
N GLN A 40 -12.20 -17.58 -23.62
CA GLN A 40 -13.37 -18.28 -23.16
C GLN A 40 -14.44 -18.17 -24.22
N THR A 41 -15.25 -19.21 -24.40
CA THR A 41 -16.26 -19.19 -25.44
C THR A 41 -17.62 -18.69 -24.97
N SER A 42 -17.85 -18.61 -23.66
CA SER A 42 -19.10 -18.10 -23.13
C SER A 42 -18.84 -17.42 -21.78
N HIS A 43 -19.85 -16.70 -21.31
CA HIS A 43 -19.67 -15.74 -20.22
C HIS A 43 -19.36 -16.43 -18.88
N GLY A 44 -18.71 -15.68 -17.99
CA GLY A 44 -18.70 -16.06 -16.59
C GLY A 44 -17.36 -16.53 -16.05
N PRO A 45 -17.35 -16.94 -14.79
CA PRO A 45 -16.11 -17.43 -14.21
C PRO A 45 -15.56 -18.59 -15.03
N PRO A 46 -14.24 -18.76 -15.08
CA PRO A 46 -13.19 -18.03 -14.32
C PRO A 46 -12.77 -16.69 -14.92
N PHE A 47 -12.92 -16.46 -16.22
CA PHE A 47 -12.29 -15.31 -16.86
C PHE A 47 -13.27 -14.18 -17.17
N TYR A 48 -14.57 -14.41 -16.96
CA TYR A 48 -15.67 -13.44 -16.97
C TYR A 48 -15.96 -12.92 -18.38
N ALA A 49 -15.06 -12.10 -18.94
CA ALA A 49 -15.18 -11.79 -20.36
C ALA A 49 -14.85 -13.02 -21.19
N ALA A 50 -15.34 -13.02 -22.42
CA ALA A 50 -15.25 -14.18 -23.30
C ALA A 50 -15.55 -13.68 -24.70
N LEU A 51 -15.64 -14.62 -25.64
CA LEU A 51 -16.13 -14.37 -26.99
C LEU A 51 -17.30 -13.38 -26.96
N GLY A 52 -17.13 -12.25 -27.67
CA GLY A 52 -18.09 -11.17 -27.66
C GLY A 52 -17.60 -9.94 -26.92
N GLY A 53 -16.75 -10.12 -25.91
CA GLY A 53 -16.09 -9.01 -25.24
C GLY A 53 -16.66 -8.68 -23.88
N THR A 54 -16.19 -7.58 -23.31
CA THR A 54 -16.60 -7.22 -21.95
C THR A 54 -18.02 -6.70 -21.94
N CYS A 55 -18.40 -5.94 -22.95
CA CYS A 55 -19.76 -5.41 -23.03
C CYS A 55 -20.80 -6.52 -23.05
N VAL A 56 -20.61 -7.49 -23.95
CA VAL A 56 -21.56 -8.58 -24.11
C VAL A 56 -21.64 -9.41 -22.83
N ASN A 57 -20.49 -9.72 -22.23
CA ASN A 57 -20.49 -10.76 -21.21
C ASN A 57 -20.67 -10.23 -19.79
N VAL A 58 -19.99 -9.14 -19.43
CA VAL A 58 -19.98 -8.67 -18.05
C VAL A 58 -19.92 -7.14 -18.10
N GLY A 59 -20.77 -6.55 -18.95
CA GLY A 59 -20.69 -5.12 -19.26
C GLY A 59 -22.02 -4.55 -19.70
N CYS A 60 -22.03 -3.77 -20.79
CA CYS A 60 -23.23 -3.00 -21.16
C CYS A 60 -24.48 -3.88 -21.25
N VAL A 61 -24.36 -5.05 -21.86
CA VAL A 61 -25.55 -5.82 -22.21
C VAL A 61 -26.20 -6.38 -20.94
N PRO A 62 -25.50 -7.16 -20.11
CA PRO A 62 -26.14 -7.61 -18.86
C PRO A 62 -26.48 -6.48 -17.90
N LYS A 63 -25.66 -5.44 -17.82
CA LYS A 63 -25.97 -4.42 -16.83
C LYS A 63 -27.24 -3.66 -17.20
N LYS A 64 -27.48 -3.46 -18.50
CA LYS A 64 -28.68 -2.74 -18.88
C LYS A 64 -29.93 -3.57 -18.58
N LEU A 65 -29.84 -4.89 -18.77
CA LEU A 65 -30.96 -5.75 -18.40
C LEU A 65 -31.22 -5.68 -16.90
N MET A 66 -30.16 -5.63 -16.12
CA MET A 66 -30.33 -5.59 -14.66
C MET A 66 -30.85 -4.22 -14.21
N VAL A 67 -30.40 -3.13 -14.85
CA VAL A 67 -30.97 -1.82 -14.54
C VAL A 67 -32.45 -1.79 -14.90
N THR A 68 -32.79 -2.37 -16.05
CA THR A 68 -34.19 -2.46 -16.44
C THR A 68 -35.01 -3.20 -15.37
N GLY A 69 -34.48 -4.32 -14.89
CA GLY A 69 -35.12 -5.01 -13.78
C GLY A 69 -35.26 -4.12 -12.57
N ALA A 70 -34.21 -3.37 -12.24
CA ALA A 70 -34.26 -2.52 -11.06
C ALA A 70 -35.28 -1.40 -11.20
N GLN A 71 -35.51 -0.93 -12.43
CA GLN A 71 -36.48 0.14 -12.65
C GLN A 71 -37.89 -0.26 -12.26
N TYR A 72 -38.20 -1.56 -12.17
CA TYR A 72 -39.56 -1.92 -11.79
C TYR A 72 -39.89 -1.59 -10.35
N MET A 73 -38.89 -1.50 -9.47
CA MET A 73 -39.21 -1.00 -8.13
C MET A 73 -39.88 0.37 -8.21
N ASP A 74 -39.36 1.25 -9.06
CA ASP A 74 -39.97 2.55 -9.24
C ASP A 74 -41.33 2.43 -9.93
N HIS A 75 -41.42 1.63 -11.00
CA HIS A 75 -42.70 1.50 -11.73
C HIS A 75 -43.81 1.00 -10.81
N LEU A 76 -43.56 -0.06 -10.03
CA LEU A 76 -44.59 -0.59 -9.14
C LEU A 76 -45.08 0.48 -8.17
N ARG A 77 -44.16 1.25 -7.58
CA ARG A 77 -44.60 2.29 -6.64
C ARG A 77 -45.32 3.43 -7.37
N GLU A 78 -44.77 3.86 -8.51
CA GLU A 78 -45.30 5.01 -9.21
C GLU A 78 -46.64 4.71 -9.85
N SER A 79 -46.96 3.43 -10.07
CA SER A 79 -48.24 3.08 -10.68
C SER A 79 -49.44 3.51 -9.83
N ALA A 80 -49.27 3.67 -8.52
CA ALA A 80 -50.42 3.97 -7.67
C ALA A 80 -50.98 5.35 -7.94
N GLY A 81 -50.12 6.33 -8.21
CA GLY A 81 -50.59 7.65 -8.56
C GLY A 81 -51.51 7.67 -9.78
N PHE A 82 -51.37 6.68 -10.67
CA PHE A 82 -52.22 6.58 -11.84
C PHE A 82 -53.37 5.62 -11.63
N GLY A 83 -53.60 5.20 -10.39
CA GLY A 83 -54.77 4.44 -10.03
C GLY A 83 -54.56 2.96 -9.89
N TRP A 84 -53.33 2.48 -10.05
CA TRP A 84 -53.11 1.05 -9.94
C TRP A 84 -53.07 0.63 -8.47
N GLU A 85 -53.77 -0.46 -8.16
CA GLU A 85 -53.90 -0.96 -6.80
C GLU A 85 -53.49 -2.43 -6.81
N PHE A 86 -52.66 -2.82 -5.86
CA PHE A 86 -52.33 -4.23 -5.66
C PHE A 86 -51.73 -4.38 -4.27
N ASP A 87 -51.62 -5.62 -3.83
CA ASP A 87 -51.14 -5.97 -2.49
C ASP A 87 -49.66 -5.64 -2.40
N GLY A 88 -49.33 -4.44 -1.90
CA GLY A 88 -47.92 -4.07 -1.78
C GLY A 88 -47.13 -5.00 -0.89
N SER A 89 -47.79 -5.61 0.11
CA SER A 89 -47.12 -6.51 1.03
C SER A 89 -46.61 -7.77 0.34
N SER A 90 -47.16 -8.11 -0.83
CA SER A 90 -46.78 -9.32 -1.55
C SER A 90 -45.58 -9.11 -2.47
N VAL A 91 -45.08 -7.88 -2.63
CA VAL A 91 -44.06 -7.62 -3.65
C VAL A 91 -42.71 -8.17 -3.20
N LYS A 92 -42.07 -8.95 -4.07
CA LYS A 92 -40.72 -9.44 -3.84
C LYS A 92 -39.90 -9.31 -5.11
N ALA A 93 -38.63 -9.04 -4.93
CA ALA A 93 -37.68 -8.91 -6.05
C ALA A 93 -36.80 -10.14 -6.02
N ASN A 94 -36.99 -11.02 -7.00
CA ASN A 94 -36.30 -12.30 -7.01
C ASN A 94 -35.03 -12.14 -7.84
N TRP A 95 -33.91 -11.97 -7.15
CA TRP A 95 -32.63 -11.76 -7.81
C TRP A 95 -32.16 -13.00 -8.59
N LYS A 96 -32.44 -14.20 -8.07
CA LYS A 96 -32.01 -15.39 -8.78
C LYS A 96 -32.67 -15.50 -10.16
N LYS A 97 -33.93 -15.09 -10.26
CA LYS A 97 -34.58 -15.11 -11.57
C LYS A 97 -33.98 -14.08 -12.51
N LEU A 98 -33.68 -12.89 -12.00
CA LEU A 98 -33.03 -11.88 -12.82
C LEU A 98 -31.70 -12.39 -13.40
N ILE A 99 -30.84 -12.94 -12.54
CA ILE A 99 -29.54 -13.44 -12.97
C ILE A 99 -29.71 -14.62 -13.94
N ALA A 100 -30.66 -15.51 -13.66
CA ALA A 100 -30.87 -16.63 -14.58
C ALA A 100 -31.32 -16.14 -15.95
N ALA A 101 -32.20 -15.13 -15.98
CA ALA A 101 -32.66 -14.57 -17.25
C ALA A 101 -31.51 -13.87 -17.98
N LYS A 102 -30.74 -13.06 -17.24
CA LYS A 102 -29.57 -12.42 -17.82
C LYS A 102 -28.58 -13.45 -18.37
N ASN A 103 -28.32 -14.51 -17.61
CA ASN A 103 -27.38 -15.52 -18.07
C ASN A 103 -27.81 -16.15 -19.37
N GLU A 104 -29.11 -16.44 -19.51
CA GLU A 104 -29.58 -17.10 -20.73
C GLU A 104 -29.48 -16.17 -21.93
N ALA A 105 -29.76 -14.88 -21.73
CA ALA A 105 -29.64 -13.91 -22.82
C ALA A 105 -28.19 -13.79 -23.28
N VAL A 106 -27.26 -13.66 -22.33
CA VAL A 106 -25.85 -13.49 -22.70
C VAL A 106 -25.36 -14.73 -23.41
N LEU A 107 -25.71 -15.92 -22.89
CA LEU A 107 -25.28 -17.16 -23.49
C LEU A 107 -25.81 -17.30 -24.92
N ASP A 108 -27.04 -16.84 -25.16
CA ASP A 108 -27.56 -16.83 -26.53
C ASP A 108 -26.67 -16.02 -27.46
N ILE A 109 -26.17 -14.87 -26.99
CA ILE A 109 -25.25 -14.09 -27.82
C ILE A 109 -23.95 -14.86 -28.03
N ASN A 110 -23.40 -15.44 -26.95
CA ASN A 110 -22.21 -16.29 -27.07
C ASN A 110 -22.38 -17.32 -28.18
N LYS A 111 -23.51 -18.04 -28.16
CA LYS A 111 -23.72 -19.10 -29.14
C LYS A 111 -23.82 -18.56 -30.55
N SER A 112 -24.41 -17.36 -30.71
CA SER A 112 -24.53 -16.82 -32.05
C SER A 112 -23.17 -16.39 -32.61
N TYR A 113 -22.28 -15.86 -31.76
CA TYR A 113 -20.92 -15.54 -32.18
C TYR A 113 -20.17 -16.79 -32.54
N GLU A 114 -20.31 -17.84 -31.72
CA GLU A 114 -19.77 -19.16 -32.04
C GLU A 114 -20.21 -19.59 -33.44
N GLY A 115 -21.47 -19.34 -33.80
CA GLY A 115 -21.94 -19.75 -35.12
C GLY A 115 -21.40 -18.90 -36.24
N MET A 116 -21.16 -17.62 -35.97
CA MET A 116 -20.56 -16.73 -36.96
C MET A 116 -19.20 -17.24 -37.41
N PHE A 117 -18.36 -17.65 -36.46
CA PHE A 117 -17.03 -18.14 -36.82
C PHE A 117 -17.12 -19.47 -37.55
N ASN A 118 -18.00 -20.37 -37.10
CA ASN A 118 -18.17 -21.64 -37.79
C ASN A 118 -18.56 -21.43 -39.25
N ASP A 119 -19.31 -20.36 -39.54
CA ASP A 119 -19.93 -20.18 -40.84
C ASP A 119 -19.13 -19.36 -41.83
N THR A 120 -18.32 -18.40 -41.36
CA THR A 120 -17.85 -17.31 -42.21
C THR A 120 -16.47 -17.62 -42.79
N GLU A 121 -16.37 -17.55 -44.11
CA GLU A 121 -15.09 -17.80 -44.78
C GLU A 121 -14.06 -16.74 -44.42
N GLY A 122 -12.86 -17.19 -44.02
CA GLY A 122 -11.77 -16.28 -43.69
C GLY A 122 -11.86 -15.63 -42.33
N LEU A 123 -12.72 -16.13 -41.44
CA LEU A 123 -12.88 -15.57 -40.10
C LEU A 123 -12.88 -16.75 -39.13
N ASP A 124 -11.73 -16.98 -38.49
CA ASP A 124 -11.50 -18.16 -37.67
C ASP A 124 -11.33 -17.73 -36.21
N PHE A 125 -11.81 -18.56 -35.29
CA PHE A 125 -11.69 -18.31 -33.87
C PHE A 125 -10.75 -19.33 -33.22
N PHE A 126 -9.84 -18.85 -32.39
CA PHE A 126 -8.95 -19.71 -31.63
C PHE A 126 -9.10 -19.43 -30.15
N LEU A 127 -9.24 -20.49 -29.36
CA LEU A 127 -9.44 -20.39 -27.92
C LEU A 127 -8.10 -20.48 -27.20
N GLY A 128 -7.81 -19.49 -26.37
CA GLY A 128 -6.63 -19.51 -25.54
C GLY A 128 -6.15 -18.10 -25.29
N TRP A 129 -4.91 -17.99 -24.79
CA TRP A 129 -4.34 -16.70 -24.41
C TRP A 129 -3.33 -16.27 -25.46
N GLY A 130 -3.60 -15.14 -26.12
CA GLY A 130 -2.75 -14.66 -27.19
C GLY A 130 -1.65 -13.77 -26.63
N SER A 131 -0.44 -13.91 -27.18
CA SER A 131 0.65 -12.99 -26.89
C SER A 131 1.56 -12.87 -28.11
N LEU A 132 2.40 -11.85 -28.08
CA LEU A 132 3.28 -11.52 -29.20
C LEU A 132 4.62 -12.21 -29.02
N GLU A 133 4.95 -13.09 -29.95
CA GLU A 133 6.26 -13.71 -29.91
C GLU A 133 7.26 -12.95 -30.76
N SER A 134 6.82 -12.56 -31.97
CA SER A 134 7.60 -11.73 -32.86
C SER A 134 6.64 -10.88 -33.68
N LYS A 135 7.22 -10.04 -34.53
CA LYS A 135 6.47 -9.06 -35.31
C LYS A 135 5.34 -9.70 -36.10
N ASN A 136 5.50 -10.97 -36.51
CA ASN A 136 4.51 -11.63 -37.35
C ASN A 136 4.07 -12.99 -36.80
N VAL A 137 4.23 -13.24 -35.49
CA VAL A 137 3.76 -14.51 -34.92
C VAL A 137 3.05 -14.22 -33.61
N VAL A 138 1.77 -14.61 -33.53
CA VAL A 138 1.02 -14.59 -32.29
C VAL A 138 0.98 -16.00 -31.75
N VAL A 139 1.36 -16.18 -30.50
CA VAL A 139 1.30 -17.50 -29.88
C VAL A 139 0.03 -17.59 -29.05
N VAL A 140 -0.65 -18.72 -29.11
CA VAL A 140 -1.84 -18.94 -28.29
C VAL A 140 -1.51 -20.04 -27.29
N ARG A 141 -1.58 -19.71 -26.00
CA ARG A 141 -1.20 -20.62 -24.92
C ARG A 141 -2.40 -21.00 -24.08
N GLU A 142 -2.22 -22.02 -23.22
CA GLU A 142 -3.34 -22.50 -22.42
C GLU A 142 -3.72 -21.55 -21.29
N THR A 143 -2.78 -20.74 -20.77
CA THR A 143 -3.09 -19.77 -19.71
C THR A 143 -2.34 -18.48 -19.97
N ALA A 144 -2.61 -17.48 -19.12
CA ALA A 144 -1.88 -16.21 -19.17
C ALA A 144 -0.40 -16.37 -18.84
N ASP A 145 -0.01 -17.48 -18.24
CA ASP A 145 1.39 -17.70 -17.89
C ASP A 145 2.16 -17.96 -19.16
N PRO A 146 3.22 -17.19 -19.48
CA PRO A 146 3.93 -17.42 -20.74
C PRO A 146 4.70 -18.73 -20.77
N LYS A 147 4.77 -19.47 -19.66
CA LYS A 147 5.35 -20.80 -19.66
C LYS A 147 4.33 -21.90 -19.92
N SER A 148 3.04 -21.56 -20.00
CA SER A 148 2.01 -22.58 -20.23
C SER A 148 2.12 -23.11 -21.67
N ALA A 149 1.41 -24.22 -21.92
CA ALA A 149 1.58 -24.96 -23.16
C ALA A 149 1.06 -24.19 -24.38
N VAL A 150 1.74 -24.34 -25.52
CA VAL A 150 1.37 -23.68 -26.75
C VAL A 150 0.29 -24.48 -27.48
N LYS A 151 -0.86 -23.85 -27.70
CA LYS A 151 -1.92 -24.49 -28.47
C LYS A 151 -1.81 -24.21 -29.97
N GLU A 152 -1.42 -23.00 -30.35
CA GLU A 152 -1.30 -22.64 -31.75
C GLU A 152 -0.24 -21.56 -31.88
N ARG A 153 0.36 -21.48 -33.06
CA ARG A 153 1.08 -20.30 -33.50
C ARG A 153 0.39 -19.77 -34.74
N LEU A 154 0.06 -18.48 -34.72
CA LEU A 154 -0.68 -17.82 -35.78
C LEU A 154 0.23 -16.81 -36.47
N GLN A 155 0.64 -17.10 -37.71
CA GLN A 155 1.41 -16.12 -38.47
C GLN A 155 0.48 -15.01 -38.96
N ALA A 156 0.97 -13.77 -38.91
CA ALA A 156 0.13 -12.60 -39.12
C ALA A 156 0.91 -11.54 -39.85
N ASP A 157 0.40 -11.09 -41.00
CA ASP A 157 0.96 -9.89 -41.62
C ASP A 157 0.67 -8.66 -40.78
N HIS A 158 -0.50 -8.61 -40.16
CA HIS A 158 -0.96 -7.49 -39.36
C HIS A 158 -1.50 -8.03 -38.06
N ILE A 159 -1.23 -7.35 -36.94
CA ILE A 159 -1.68 -7.80 -35.63
C ILE A 159 -2.47 -6.69 -34.96
N LEU A 160 -3.66 -7.02 -34.47
CA LEU A 160 -4.52 -6.07 -33.78
C LEU A 160 -4.60 -6.42 -32.29
N LEU A 161 -4.14 -5.52 -31.42
CA LEU A 161 -4.28 -5.69 -29.98
C LEU A 161 -5.61 -5.09 -29.55
N ALA A 162 -6.51 -5.92 -29.01
CA ALA A 162 -7.83 -5.45 -28.60
C ALA A 162 -8.32 -6.24 -27.37
N THR A 163 -7.49 -6.33 -26.34
CA THR A 163 -7.77 -7.17 -25.18
C THR A 163 -8.58 -6.45 -24.10
N GLY A 164 -8.92 -5.17 -24.31
CA GLY A 164 -9.82 -4.48 -23.39
C GLY A 164 -9.16 -4.06 -22.08
N SER A 165 -9.96 -4.03 -21.01
CA SER A 165 -9.51 -3.58 -19.70
C SER A 165 -9.98 -4.57 -18.62
N TRP A 166 -9.67 -4.24 -17.36
CA TRP A 166 -9.86 -5.11 -16.20
C TRP A 166 -10.08 -4.24 -14.96
N PRO A 167 -10.86 -4.69 -13.98
CA PRO A 167 -11.09 -3.84 -12.79
C PRO A 167 -9.80 -3.64 -12.01
N GLN A 168 -9.64 -2.44 -11.49
CA GLN A 168 -8.50 -2.08 -10.66
C GLN A 168 -8.89 -2.31 -9.20
N MET A 169 -8.01 -2.94 -8.43
CA MET A 169 -8.28 -3.17 -7.02
C MET A 169 -7.23 -2.44 -6.20
N PRO A 170 -7.62 -1.60 -5.24
CA PRO A 170 -6.63 -0.89 -4.43
C PRO A 170 -5.93 -1.86 -3.49
N ALA A 171 -4.66 -1.56 -3.18
CA ALA A 171 -3.88 -2.43 -2.31
C ALA A 171 -4.10 -2.00 -0.86
N ILE A 172 -5.23 -2.45 -0.30
CA ILE A 172 -5.55 -2.18 1.10
C ILE A 172 -5.58 -3.52 1.82
N PRO A 173 -5.30 -3.56 3.12
CA PRO A 173 -5.50 -4.80 3.88
C PRO A 173 -6.93 -5.28 3.74
N GLY A 174 -7.08 -6.59 3.53
CA GLY A 174 -8.39 -7.20 3.36
C GLY A 174 -9.01 -7.02 1.99
N ILE A 175 -8.23 -6.64 0.98
CA ILE A 175 -8.79 -6.49 -0.36
C ILE A 175 -9.34 -7.82 -0.87
N GLU A 176 -8.83 -8.94 -0.36
CA GLU A 176 -9.32 -10.26 -0.78
C GLU A 176 -10.77 -10.50 -0.37
N HIS A 177 -11.31 -9.71 0.56
CA HIS A 177 -12.71 -9.83 0.95
C HIS A 177 -13.64 -9.04 0.03
N CYS A 178 -13.12 -8.41 -1.00
CA CYS A 178 -13.88 -7.52 -1.85
C CYS A 178 -14.04 -8.15 -3.23
N ILE A 179 -15.04 -7.68 -3.97
CA ILE A 179 -15.26 -8.12 -5.34
C ILE A 179 -15.20 -6.95 -6.30
N SER A 180 -15.33 -7.22 -7.59
CA SER A 180 -15.48 -6.18 -8.60
C SER A 180 -16.82 -6.38 -9.29
N SER A 181 -17.06 -5.60 -10.35
CA SER A 181 -18.29 -5.81 -11.10
C SER A 181 -18.36 -7.21 -11.71
N ASN A 182 -17.22 -7.84 -12.04
CA ASN A 182 -17.25 -9.18 -12.63
C ASN A 182 -18.03 -10.14 -11.76
N GLU A 183 -17.68 -10.17 -10.48
CA GLU A 183 -18.33 -11.06 -9.53
C GLU A 183 -19.75 -10.61 -9.24
N ALA A 184 -20.01 -9.31 -9.30
CA ALA A 184 -21.34 -8.80 -9.01
C ALA A 184 -22.39 -9.45 -9.90
N PHE A 185 -22.03 -9.76 -11.15
CA PHE A 185 -22.96 -10.32 -12.12
C PHE A 185 -23.35 -11.75 -11.78
N TYR A 186 -22.70 -12.35 -10.79
CA TYR A 186 -22.94 -13.76 -10.47
C TYR A 186 -23.24 -14.01 -8.99
N LEU A 187 -23.55 -13.00 -8.23
CA LEU A 187 -23.82 -13.22 -6.80
C LEU A 187 -24.98 -14.19 -6.63
N PRO A 188 -24.84 -15.24 -5.82
CA PRO A 188 -25.95 -16.21 -5.67
C PRO A 188 -27.20 -15.57 -5.09
N GLU A 189 -27.04 -14.63 -4.18
CA GLU A 189 -28.15 -13.94 -3.54
C GLU A 189 -27.89 -12.44 -3.60
N PRO A 190 -28.94 -11.63 -3.59
CA PRO A 190 -28.74 -10.17 -3.52
C PRO A 190 -28.27 -9.76 -2.13
N PRO A 191 -27.26 -8.91 -2.03
CA PRO A 191 -26.74 -8.53 -0.70
C PRO A 191 -27.75 -7.70 0.09
N ARG A 192 -27.88 -8.04 1.38
CA ARG A 192 -28.68 -7.21 2.25
C ARG A 192 -28.04 -5.83 2.43
N ARG A 193 -26.75 -5.79 2.77
CA ARG A 193 -25.99 -4.55 2.86
C ARG A 193 -24.82 -4.63 1.90
N VAL A 194 -24.60 -3.57 1.12
CA VAL A 194 -23.51 -3.55 0.14
C VAL A 194 -22.92 -2.16 0.11
N LEU A 195 -21.60 -2.09 0.04
CA LEU A 195 -20.86 -0.86 -0.19
C LEU A 195 -20.31 -0.92 -1.60
N THR A 196 -20.68 0.06 -2.45
CA THR A 196 -20.03 0.18 -3.76
C THR A 196 -19.03 1.33 -3.67
N VAL A 197 -17.78 1.03 -3.98
CA VAL A 197 -16.67 1.96 -3.82
C VAL A 197 -16.32 2.55 -5.19
N GLY A 198 -16.50 3.85 -5.33
CA GLY A 198 -16.16 4.54 -6.57
C GLY A 198 -17.28 5.52 -6.85
N GLY A 199 -16.94 6.59 -7.55
CA GLY A 199 -17.90 7.60 -7.95
C GLY A 199 -18.23 7.60 -9.43
N GLY A 200 -17.75 6.60 -10.18
CA GLY A 200 -18.00 6.53 -11.61
C GLY A 200 -19.24 5.76 -11.94
N PHE A 201 -19.45 5.57 -13.25
CA PHE A 201 -20.75 5.09 -13.70
C PHE A 201 -21.02 3.65 -13.26
N ILE A 202 -19.98 2.83 -13.11
CA ILE A 202 -20.22 1.43 -12.76
C ILE A 202 -20.67 1.33 -11.30
N SER A 203 -20.04 2.11 -10.41
CA SER A 203 -20.47 2.13 -9.03
C SER A 203 -21.90 2.65 -8.90
N VAL A 204 -22.22 3.73 -9.60
CA VAL A 204 -23.53 4.35 -9.52
C VAL A 204 -24.59 3.42 -10.08
N GLU A 205 -24.29 2.75 -11.20
CA GLU A 205 -25.26 1.86 -11.82
C GLU A 205 -25.51 0.64 -10.96
N PHE A 206 -24.46 0.06 -10.36
CA PHE A 206 -24.71 -1.10 -9.52
C PHE A 206 -25.39 -0.72 -8.23
N ALA A 207 -25.14 0.48 -7.72
CA ALA A 207 -25.87 0.94 -6.55
C ALA A 207 -27.37 0.92 -6.81
N GLY A 208 -27.76 1.34 -8.02
CA GLY A 208 -29.17 1.32 -8.37
C GLY A 208 -29.72 -0.10 -8.46
N ILE A 209 -28.96 -1.01 -9.05
CA ILE A 209 -29.40 -2.40 -9.19
C ILE A 209 -29.58 -3.04 -7.81
N PHE A 210 -28.54 -2.95 -6.96
CA PHE A 210 -28.63 -3.56 -5.63
C PHE A 210 -29.76 -2.96 -4.81
N ASN A 211 -29.99 -1.65 -4.96
CA ASN A 211 -31.01 -0.98 -4.16
C ASN A 211 -32.40 -1.54 -4.45
N ALA A 212 -32.65 -1.95 -5.69
CA ALA A 212 -33.97 -2.44 -6.07
C ALA A 212 -34.17 -3.89 -5.66
N TYR A 213 -33.11 -4.70 -5.65
CA TYR A 213 -33.23 -6.12 -5.37
C TYR A 213 -32.82 -6.50 -3.95
N LYS A 214 -32.47 -5.52 -3.12
CA LYS A 214 -32.03 -5.83 -1.75
C LYS A 214 -33.18 -6.49 -0.99
N PRO A 215 -32.89 -7.46 -0.13
CA PRO A 215 -33.94 -8.10 0.67
C PRO A 215 -34.46 -7.17 1.75
N PRO A 216 -35.52 -7.56 2.45
CA PRO A 216 -36.06 -6.72 3.52
C PRO A 216 -35.01 -6.23 4.50
N GLY A 217 -35.10 -4.95 4.85
CA GLY A 217 -34.16 -4.35 5.79
C GLY A 217 -32.78 -4.11 5.23
N GLY A 218 -32.63 -4.11 3.92
CA GLY A 218 -31.32 -3.90 3.35
C GLY A 218 -30.98 -2.44 3.18
N LYS A 219 -29.73 -2.19 2.79
CA LYS A 219 -29.24 -0.84 2.63
C LYS A 219 -28.06 -0.87 1.67
N VAL A 220 -28.08 0.03 0.68
CA VAL A 220 -26.97 0.21 -0.26
C VAL A 220 -26.25 1.50 0.10
N THR A 221 -24.93 1.41 0.23
CA THR A 221 -24.08 2.56 0.48
C THR A 221 -23.09 2.68 -0.67
N LEU A 222 -22.94 3.89 -1.20
CA LEU A 222 -21.92 4.18 -2.19
C LEU A 222 -20.95 5.15 -1.53
N CYS A 223 -19.65 4.90 -1.66
CA CYS A 223 -18.66 5.83 -1.13
C CYS A 223 -17.77 6.31 -2.26
N TYR A 224 -17.26 7.53 -2.09
CA TYR A 224 -16.41 8.14 -3.09
C TYR A 224 -15.40 9.03 -2.38
N ARG A 225 -14.14 8.96 -2.81
CA ARG A 225 -13.09 9.58 -2.01
C ARG A 225 -13.04 11.09 -2.16
N ASN A 226 -13.67 11.65 -3.19
CA ASN A 226 -13.72 13.09 -3.40
C ASN A 226 -15.11 13.63 -3.07
N ASN A 227 -15.36 14.90 -3.40
CA ASN A 227 -16.52 15.58 -2.85
C ASN A 227 -17.81 15.29 -3.63
N LEU A 228 -17.73 14.90 -4.89
CA LEU A 228 -18.93 14.83 -5.73
C LEU A 228 -18.76 13.73 -6.76
N ILE A 229 -19.73 12.81 -6.81
CA ILE A 229 -19.61 11.67 -7.72
C ILE A 229 -19.69 12.11 -9.18
N LEU A 230 -19.28 11.20 -10.06
CA LEU A 230 -19.46 11.31 -11.50
C LEU A 230 -18.61 12.43 -12.10
N ARG A 231 -17.34 12.50 -11.71
N ARG A 231 -17.34 12.50 -11.71
CA ARG A 231 -16.41 13.42 -12.34
CA ARG A 231 -16.41 13.42 -12.34
C ARG A 231 -16.44 13.26 -13.86
C ARG A 231 -16.44 13.26 -13.86
N GLY A 232 -16.32 14.39 -14.57
CA GLY A 232 -16.38 14.40 -16.01
C GLY A 232 -17.76 14.67 -16.58
N PHE A 233 -18.81 14.45 -15.80
CA PHE A 233 -20.15 14.78 -16.24
C PHE A 233 -20.53 16.19 -15.79
N ASP A 234 -21.61 16.68 -16.35
CA ASP A 234 -22.12 18.01 -16.04
C ASP A 234 -22.35 18.16 -14.54
N GLU A 235 -21.93 19.31 -13.97
CA GLU A 235 -21.94 19.45 -12.51
C GLU A 235 -23.36 19.55 -11.96
N THR A 236 -24.25 20.27 -12.65
CA THR A 236 -25.65 20.29 -12.25
C THR A 236 -26.20 18.87 -12.17
N ILE A 237 -25.88 18.05 -13.18
CA ILE A 237 -26.35 16.67 -13.22
C ILE A 237 -25.68 15.84 -12.13
N ARG A 238 -24.40 16.10 -11.87
CA ARG A 238 -23.72 15.39 -10.78
C ARG A 238 -24.43 15.64 -9.45
N GLU A 239 -24.76 16.89 -9.17
CA GLU A 239 -25.46 17.24 -7.94
C GLU A 239 -26.86 16.66 -7.91
N GLU A 240 -27.58 16.72 -9.04
CA GLU A 240 -28.95 16.21 -9.04
C GLU A 240 -29.01 14.69 -8.92
N VAL A 241 -28.13 13.97 -9.62
CA VAL A 241 -28.20 12.52 -9.51
C VAL A 241 -27.86 12.09 -8.10
N THR A 242 -26.99 12.83 -7.42
CA THR A 242 -26.71 12.54 -6.02
C THR A 242 -27.98 12.64 -5.18
N LYS A 243 -28.76 13.72 -5.39
CA LYS A 243 -30.00 13.90 -4.62
C LYS A 243 -31.00 12.79 -4.95
N GLN A 244 -31.06 12.36 -6.20
CA GLN A 244 -32.12 11.43 -6.57
C GLN A 244 -31.78 10.01 -6.16
N LEU A 245 -30.48 9.67 -6.12
CA LEU A 245 -30.09 8.41 -5.52
C LEU A 245 -30.43 8.41 -4.03
N THR A 246 -30.09 9.49 -3.35
CA THR A 246 -30.41 9.64 -1.93
C THR A 246 -31.90 9.49 -1.70
N ALA A 247 -32.71 10.11 -2.57
CA ALA A 247 -34.15 10.10 -2.41
C ALA A 247 -34.72 8.70 -2.58
N ASN A 248 -34.03 7.83 -3.32
CA ASN A 248 -34.46 6.44 -3.45
C ASN A 248 -33.79 5.53 -2.42
N GLY A 249 -33.19 6.09 -1.37
CA GLY A 249 -32.74 5.29 -0.27
C GLY A 249 -31.28 4.87 -0.31
N ILE A 250 -30.50 5.35 -1.26
CA ILE A 250 -29.07 5.04 -1.30
C ILE A 250 -28.30 6.09 -0.49
N GLU A 251 -27.42 5.61 0.40
CA GLU A 251 -26.60 6.49 1.22
C GLU A 251 -25.30 6.77 0.45
N ILE A 252 -25.02 8.04 0.19
CA ILE A 252 -23.83 8.43 -0.56
C ILE A 252 -22.83 9.03 0.43
N MET A 253 -21.72 8.34 0.64
CA MET A 253 -20.60 8.82 1.47
C MET A 253 -19.53 9.42 0.58
N THR A 254 -19.51 10.74 0.49
CA THR A 254 -18.42 11.40 -0.22
C THR A 254 -17.31 11.79 0.76
N ASN A 255 -16.13 12.05 0.20
CA ASN A 255 -14.92 12.32 0.98
C ASN A 255 -14.60 11.18 1.93
N GLU A 256 -14.87 9.94 1.50
CA GLU A 256 -14.61 8.75 2.30
C GLU A 256 -13.99 7.68 1.42
N ASN A 257 -13.08 6.90 2.01
CA ASN A 257 -12.31 5.93 1.23
C ASN A 257 -11.93 4.77 2.14
N PRO A 258 -12.21 3.53 1.75
CA PRO A 258 -11.86 2.39 2.61
C PRO A 258 -10.36 2.31 2.84
N ALA A 259 -9.98 2.14 4.11
CA ALA A 259 -8.59 1.89 4.48
C ALA A 259 -8.26 0.42 4.65
N LYS A 260 -9.24 -0.40 5.05
CA LYS A 260 -9.02 -1.82 5.26
C LYS A 260 -10.37 -2.50 5.41
N VAL A 261 -10.36 -3.81 5.21
CA VAL A 261 -11.57 -4.64 5.35
C VAL A 261 -11.18 -5.88 6.15
N SER A 262 -12.00 -6.24 7.12
CA SER A 262 -11.80 -7.47 7.88
C SER A 262 -13.14 -8.18 8.01
N LEU A 263 -13.10 -9.45 8.40
CA LEU A 263 -14.33 -10.22 8.58
C LEU A 263 -14.74 -10.18 10.04
N ASN A 264 -16.00 -9.81 10.27
CA ASN A 264 -16.60 -10.01 11.58
C ASN A 264 -16.74 -11.50 11.86
N THR A 265 -17.04 -11.83 13.12
CA THR A 265 -17.14 -13.23 13.50
C THR A 265 -18.31 -13.92 12.80
N ASP A 266 -19.33 -13.17 12.38
CA ASP A 266 -20.41 -13.77 11.61
C ASP A 266 -20.11 -13.84 10.12
N GLY A 267 -18.92 -13.44 9.68
CA GLY A 267 -18.57 -13.54 8.27
C GLY A 267 -18.89 -12.33 7.43
N SER A 268 -19.57 -11.32 7.97
CA SER A 268 -19.80 -10.08 7.24
C SER A 268 -18.53 -9.22 7.21
N LYS A 269 -18.52 -8.23 6.33
CA LYS A 269 -17.35 -7.41 6.10
C LYS A 269 -17.39 -6.17 6.98
N HIS A 270 -16.31 -5.95 7.71
CA HIS A 270 -16.14 -4.75 8.53
C HIS A 270 -15.21 -3.81 7.78
N VAL A 271 -15.75 -2.70 7.27
CA VAL A 271 -14.98 -1.70 6.52
C VAL A 271 -14.58 -0.59 7.48
N THR A 272 -13.29 -0.29 7.54
CA THR A 272 -12.82 0.92 8.20
C THR A 272 -12.34 1.90 7.14
N PHE A 273 -12.91 3.09 7.16
CA PHE A 273 -12.50 4.16 6.26
C PHE A 273 -11.29 4.88 6.84
N GLU A 274 -10.61 5.65 5.97
CA GLU A 274 -9.47 6.43 6.41
C GLU A 274 -9.85 7.42 7.50
N SER A 275 -11.10 7.89 7.51
CA SER A 275 -11.57 8.79 8.55
C SER A 275 -11.79 8.10 9.89
N GLY A 276 -11.79 6.78 9.93
CA GLY A 276 -12.12 6.07 11.14
C GLY A 276 -13.58 5.69 11.27
N LYS A 277 -14.44 6.17 10.37
CA LYS A 277 -15.79 5.64 10.29
C LYS A 277 -15.71 4.16 9.97
N THR A 278 -16.76 3.44 10.35
CA THR A 278 -16.84 2.01 10.11
C THR A 278 -18.20 1.68 9.52
N LEU A 279 -18.24 0.63 8.71
CA LEU A 279 -19.47 0.16 8.11
C LEU A 279 -19.42 -1.35 7.99
N ASP A 280 -20.50 -2.00 8.41
CA ASP A 280 -20.64 -3.45 8.27
C ASP A 280 -21.54 -3.76 7.08
N VAL A 281 -21.02 -4.53 6.13
CA VAL A 281 -21.77 -4.89 4.93
C VAL A 281 -21.57 -6.36 4.62
N ASP A 282 -22.40 -6.87 3.73
CA ASP A 282 -22.27 -8.24 3.25
C ASP A 282 -21.43 -8.35 1.98
N VAL A 283 -21.34 -7.29 1.19
CA VAL A 283 -20.54 -7.26 -0.03
C VAL A 283 -19.86 -5.91 -0.13
N VAL A 284 -18.56 -5.92 -0.42
CA VAL A 284 -17.83 -4.72 -0.81
C VAL A 284 -17.48 -4.87 -2.29
N MET A 285 -18.05 -4.01 -3.13
CA MET A 285 -17.78 -4.03 -4.56
C MET A 285 -16.91 -2.83 -4.92
N MET A 286 -15.70 -3.11 -5.35
CA MET A 286 -14.76 -2.07 -5.79
C MET A 286 -15.04 -1.72 -7.25
N ALA A 287 -15.21 -0.43 -7.52
CA ALA A 287 -15.46 0.07 -8.87
C ALA A 287 -14.74 1.41 -8.99
N ILE A 288 -13.43 1.39 -8.73
CA ILE A 288 -12.63 2.61 -8.69
C ILE A 288 -11.90 2.88 -9.98
N GLY A 289 -12.08 2.05 -10.99
CA GLY A 289 -11.41 2.28 -12.26
C GLY A 289 -11.12 0.98 -12.97
N ARG A 290 -10.82 1.09 -14.26
CA ARG A 290 -10.46 -0.07 -15.05
C ARG A 290 -9.15 0.21 -15.75
N ILE A 291 -8.28 -0.79 -15.84
CA ILE A 291 -6.95 -0.57 -16.39
C ILE A 291 -6.75 -1.42 -17.64
N PRO A 292 -5.99 -0.93 -18.62
CA PRO A 292 -5.81 -1.70 -19.87
C PRO A 292 -5.09 -3.00 -19.63
N ARG A 293 -5.53 -4.04 -20.35
CA ARG A 293 -5.01 -5.40 -20.18
C ARG A 293 -3.82 -5.61 -21.09
N THR A 294 -2.64 -5.21 -20.62
CA THR A 294 -1.44 -5.34 -21.42
C THR A 294 -0.45 -6.38 -20.90
N ASN A 295 -0.51 -6.74 -19.61
CA ASN A 295 0.53 -7.56 -19.02
C ASN A 295 0.72 -8.88 -19.75
N ASP A 296 -0.37 -9.53 -20.18
CA ASP A 296 -0.24 -10.89 -20.66
C ASP A 296 0.18 -10.97 -22.12
N LEU A 297 0.26 -9.85 -22.83
CA LEU A 297 0.57 -9.83 -24.26
C LEU A 297 2.06 -9.98 -24.55
N GLN A 298 2.93 -9.85 -23.55
CA GLN A 298 4.38 -9.95 -23.71
C GLN A 298 4.87 -8.93 -24.74
N LEU A 299 4.45 -7.69 -24.56
CA LEU A 299 4.76 -6.66 -25.54
C LEU A 299 6.27 -6.38 -25.64
N GLY A 300 7.02 -6.66 -24.56
CA GLY A 300 8.46 -6.54 -24.62
C GLY A 300 9.10 -7.37 -25.73
N ASN A 301 8.45 -8.46 -26.13
CA ASN A 301 9.06 -9.31 -27.15
C ASN A 301 9.25 -8.58 -28.46
N VAL A 302 8.40 -7.58 -28.74
CA VAL A 302 8.46 -6.86 -30.00
C VAL A 302 8.67 -5.36 -29.81
N GLY A 303 8.62 -4.86 -28.57
CA GLY A 303 8.94 -3.48 -28.31
C GLY A 303 7.78 -2.49 -28.47
N VAL A 304 6.54 -2.95 -28.30
CA VAL A 304 5.40 -2.04 -28.38
C VAL A 304 5.40 -1.11 -27.18
N LYS A 305 5.37 0.19 -27.43
CA LYS A 305 5.49 1.17 -26.37
C LYS A 305 4.16 1.39 -25.66
N LEU A 306 4.21 1.46 -24.34
CA LEU A 306 3.07 1.87 -23.52
C LEU A 306 3.20 3.34 -23.15
N THR A 307 2.06 3.98 -22.89
CA THR A 307 2.07 5.34 -22.36
C THR A 307 2.48 5.31 -20.90
N PRO A 308 2.86 6.47 -20.33
CA PRO A 308 3.08 6.52 -18.88
C PRO A 308 1.90 5.94 -18.12
N LYS A 309 0.69 6.20 -18.63
CA LYS A 309 -0.52 5.73 -17.96
C LYS A 309 -0.61 4.21 -17.94
N GLY A 310 -0.16 3.55 -19.01
CA GLY A 310 -0.24 2.10 -19.12
C GLY A 310 -0.97 1.59 -20.34
N GLY A 311 -1.66 2.44 -21.09
CA GLY A 311 -2.27 1.99 -22.32
C GLY A 311 -1.25 1.79 -23.43
N VAL A 312 -1.63 1.01 -24.44
CA VAL A 312 -0.79 0.92 -25.63
C VAL A 312 -0.81 2.28 -26.33
N GLN A 313 0.37 2.82 -26.60
CA GLN A 313 0.43 4.10 -27.29
C GLN A 313 0.04 3.93 -28.75
N VAL A 314 -0.85 4.79 -29.23
CA VAL A 314 -1.29 4.74 -30.62
C VAL A 314 -1.34 6.16 -31.20
N ASP A 315 -1.20 6.26 -32.52
CA ASP A 315 -1.44 7.51 -33.22
C ASP A 315 -2.92 7.58 -33.57
N GLU A 316 -3.31 8.59 -34.35
CA GLU A 316 -4.72 8.77 -34.68
C GLU A 316 -5.28 7.63 -35.51
N PHE A 317 -4.42 6.84 -36.17
CA PHE A 317 -4.85 5.73 -37.00
C PHE A 317 -4.67 4.39 -36.30
N SER A 318 -4.54 4.39 -34.97
CA SER A 318 -4.44 3.19 -34.15
C SER A 318 -3.15 2.44 -34.35
N ARG A 319 -2.10 3.09 -34.88
CA ARG A 319 -0.83 2.40 -35.13
C ARG A 319 0.07 2.53 -33.91
N THR A 320 0.66 1.40 -33.48
CA THR A 320 1.70 1.41 -32.45
C THR A 320 3.02 1.87 -33.09
N ASN A 321 4.09 1.89 -32.30
CA ASN A 321 5.41 2.21 -32.84
C ASN A 321 5.99 1.08 -33.69
N VAL A 322 5.35 -0.08 -33.71
CA VAL A 322 5.76 -1.21 -34.56
C VAL A 322 4.83 -1.22 -35.77
N PRO A 323 5.36 -1.09 -37.01
CA PRO A 323 4.54 -0.73 -38.19
C PRO A 323 3.22 -1.48 -38.40
N ASN A 324 3.23 -2.79 -38.23
CA ASN A 324 2.11 -3.66 -38.56
C ASN A 324 1.33 -4.10 -37.35
N ILE A 325 1.52 -3.45 -36.21
CA ILE A 325 0.81 -3.80 -34.98
C ILE A 325 -0.04 -2.61 -34.57
N TYR A 326 -1.33 -2.86 -34.36
CA TYR A 326 -2.29 -1.82 -34.08
C TYR A 326 -2.98 -2.11 -32.75
N ALA A 327 -3.65 -1.09 -32.21
CA ALA A 327 -4.40 -1.29 -30.98
C ALA A 327 -5.62 -0.38 -30.97
N ILE A 328 -6.75 -0.92 -30.52
CA ILE A 328 -8.00 -0.19 -30.43
C ILE A 328 -8.67 -0.56 -29.12
N GLY A 329 -9.68 0.25 -28.74
CA GLY A 329 -10.53 -0.08 -27.60
C GLY A 329 -9.90 0.31 -26.27
N ASP A 330 -10.39 -0.33 -25.21
CA ASP A 330 -9.97 0.01 -23.85
C ASP A 330 -8.47 -0.15 -23.61
N ILE A 331 -7.78 -0.99 -24.40
CA ILE A 331 -6.34 -1.16 -24.22
C ILE A 331 -5.58 0.14 -24.50
N THR A 332 -6.18 1.07 -25.24
CA THR A 332 -5.54 2.36 -25.47
C THR A 332 -5.83 3.36 -24.36
N ASP A 333 -6.60 2.96 -23.36
CA ASP A 333 -6.78 3.72 -22.11
C ASP A 333 -7.21 5.14 -22.37
N ARG A 334 -8.27 5.30 -23.16
N ARG A 334 -8.27 5.30 -23.16
CA ARG A 334 -8.81 6.60 -23.51
CA ARG A 334 -8.81 6.60 -23.51
C ARG A 334 -10.30 6.62 -23.16
C ARG A 334 -10.30 6.62 -23.16
N LEU A 335 -11.17 6.68 -24.16
CA LEU A 335 -12.61 6.57 -23.94
C LEU A 335 -12.96 5.09 -23.92
N MET A 336 -13.38 4.59 -22.75
CA MET A 336 -13.69 3.16 -22.64
C MET A 336 -15.18 2.95 -22.84
N LEU A 337 -15.58 2.92 -24.11
CA LEU A 337 -16.97 2.73 -24.55
C LEU A 337 -16.99 1.76 -25.72
N THR A 338 -17.99 0.86 -25.72
CA THR A 338 -18.08 -0.13 -26.80
C THR A 338 -18.22 0.49 -28.18
N PRO A 339 -19.07 1.50 -28.42
CA PRO A 339 -19.16 2.03 -29.79
C PRO A 339 -17.92 2.76 -30.26
N VAL A 340 -17.07 3.25 -29.35
CA VAL A 340 -15.80 3.83 -29.77
C VAL A 340 -14.85 2.74 -30.25
N ALA A 341 -14.75 1.64 -29.49
CA ALA A 341 -13.94 0.50 -29.91
C ALA A 341 -14.38 -0.02 -31.28
N ILE A 342 -15.69 -0.13 -31.49
CA ILE A 342 -16.23 -0.59 -32.77
C ILE A 342 -15.84 0.37 -33.89
N ASN A 343 -16.01 1.68 -33.65
CA ASN A 343 -15.63 2.68 -34.64
C ASN A 343 -14.16 2.57 -34.99
N GLU A 344 -13.30 2.46 -33.97
CA GLU A 344 -11.86 2.35 -34.22
C GLU A 344 -11.53 1.12 -35.04
N GLY A 345 -12.15 -0.01 -34.71
CA GLY A 345 -11.92 -1.23 -35.46
C GLY A 345 -12.28 -1.08 -36.92
N ALA A 346 -13.46 -0.52 -37.19
CA ALA A 346 -13.89 -0.36 -38.57
C ALA A 346 -12.99 0.63 -39.32
N ALA A 347 -12.62 1.73 -38.66
CA ALA A 347 -11.74 2.72 -39.29
C ALA A 347 -10.38 2.11 -39.64
N LEU A 348 -9.81 1.35 -38.69
CA LEU A 348 -8.52 0.72 -38.93
C LEU A 348 -8.55 -0.20 -40.14
N VAL A 349 -9.59 -1.02 -40.25
CA VAL A 349 -9.66 -2.00 -41.32
C VAL A 349 -9.91 -1.32 -42.66
N ASP A 350 -10.72 -0.26 -42.68
CA ASP A 350 -10.90 0.49 -43.91
C ASP A 350 -9.58 1.13 -44.35
N THR A 351 -8.75 1.56 -43.39
CA THR A 351 -7.48 2.19 -43.73
C THR A 351 -6.47 1.15 -44.24
N VAL A 352 -6.32 0.04 -43.51
CA VAL A 352 -5.25 -0.91 -43.80
C VAL A 352 -5.57 -1.71 -45.05
N PHE A 353 -6.80 -2.22 -45.15
CA PHE A 353 -7.18 -3.12 -46.22
C PHE A 353 -8.10 -2.52 -47.25
N GLY A 354 -8.66 -1.33 -47.01
CA GLY A 354 -9.69 -0.81 -47.89
C GLY A 354 -9.33 0.36 -48.78
N ASN A 355 -8.08 0.86 -48.68
CA ASN A 355 -7.63 2.01 -49.46
C ASN A 355 -8.48 3.25 -49.20
N LYS A 356 -9.11 3.35 -48.03
CA LYS A 356 -9.94 4.50 -47.67
C LYS A 356 -9.57 4.93 -46.26
N PRO A 357 -8.48 5.69 -46.12
CA PRO A 357 -8.00 6.05 -44.79
C PRO A 357 -9.05 6.80 -43.99
N ARG A 358 -9.08 6.54 -42.68
CA ARG A 358 -10.10 7.11 -41.82
C ARG A 358 -9.63 7.04 -40.38
N LYS A 359 -9.84 8.10 -39.62
CA LYS A 359 -9.52 8.10 -38.20
C LYS A 359 -10.79 8.35 -37.40
N THR A 360 -10.89 7.67 -36.25
CA THR A 360 -12.03 7.86 -35.36
C THR A 360 -12.02 9.27 -34.77
N ASP A 361 -13.20 9.88 -34.74
CA ASP A 361 -13.38 11.17 -34.07
C ASP A 361 -13.76 10.90 -32.62
N HIS A 362 -12.88 11.27 -31.70
CA HIS A 362 -13.08 11.05 -30.28
C HIS A 362 -13.78 12.22 -29.61
N THR A 363 -14.20 13.23 -30.36
CA THR A 363 -14.94 14.35 -29.83
C THR A 363 -16.42 14.15 -30.14
N ARG A 364 -17.26 14.74 -29.30
CA ARG A 364 -18.70 14.77 -29.54
C ARG A 364 -19.28 13.36 -29.58
N VAL A 365 -18.73 12.48 -28.75
CA VAL A 365 -19.23 11.13 -28.58
C VAL A 365 -20.39 11.15 -27.60
N ALA A 366 -21.56 10.73 -28.05
CA ALA A 366 -22.68 10.59 -27.14
C ALA A 366 -22.51 9.34 -26.28
N SER A 367 -22.93 9.44 -25.02
CA SER A 367 -22.81 8.32 -24.10
C SER A 367 -23.88 8.48 -23.02
N ALA A 368 -24.01 7.46 -22.16
CA ALA A 368 -25.08 7.44 -21.17
C ALA A 368 -24.58 6.85 -19.86
N VAL A 369 -25.30 7.17 -18.78
CA VAL A 369 -25.18 6.47 -17.51
C VAL A 369 -26.56 5.93 -17.18
N PHE A 370 -26.68 4.62 -17.02
CA PHE A 370 -27.97 4.03 -16.69
C PHE A 370 -28.21 3.97 -15.19
N SER A 371 -27.98 5.12 -14.57
CA SER A 371 -28.47 5.38 -13.23
C SER A 371 -29.99 5.47 -13.28
N ILE A 372 -30.58 5.50 -12.09
CA ILE A 372 -32.03 5.64 -12.01
C ILE A 372 -32.31 6.96 -11.29
N PRO A 373 -32.74 7.99 -12.03
CA PRO A 373 -32.96 8.02 -13.48
C PRO A 373 -31.66 8.28 -14.26
N PRO A 374 -31.67 8.12 -15.58
CA PRO A 374 -30.41 8.02 -16.32
C PRO A 374 -29.89 9.35 -16.88
N ILE A 375 -28.64 9.30 -17.34
CA ILE A 375 -27.94 10.44 -17.93
C ILE A 375 -27.70 10.17 -19.41
N GLY A 376 -27.83 11.22 -20.23
CA GLY A 376 -27.39 11.15 -21.61
C GLY A 376 -26.61 12.40 -21.91
N THR A 377 -25.45 12.27 -22.55
CA THR A 377 -24.59 13.42 -22.74
C THR A 377 -23.82 13.28 -24.05
N CYS A 378 -23.42 14.43 -24.59
CA CYS A 378 -22.61 14.45 -25.80
C CYS A 378 -21.86 15.78 -25.83
N GLY A 379 -20.54 15.74 -25.91
CA GLY A 379 -19.76 16.97 -26.03
C GLY A 379 -19.27 17.50 -24.70
N LEU A 380 -18.88 18.79 -24.72
CA LEU A 380 -18.13 19.37 -23.62
C LEU A 380 -19.03 19.78 -22.47
N ILE A 381 -18.54 19.58 -21.25
CA ILE A 381 -19.13 20.24 -20.09
C ILE A 381 -18.67 21.70 -20.07
N GLU A 382 -19.44 22.54 -19.38
CA GLU A 382 -19.26 23.98 -19.53
C GLU A 382 -17.92 24.47 -18.99
N GLU A 383 -17.44 23.89 -17.88
CA GLU A 383 -16.16 24.36 -17.35
C GLU A 383 -15.01 24.02 -18.30
N VAL A 384 -15.11 22.91 -19.03
CA VAL A 384 -14.11 22.62 -20.05
C VAL A 384 -14.23 23.61 -21.20
N ALA A 385 -15.45 23.87 -21.66
CA ALA A 385 -15.63 24.81 -22.75
C ALA A 385 -15.11 26.20 -22.39
N ALA A 386 -15.33 26.63 -21.14
CA ALA A 386 -14.90 27.95 -20.73
C ALA A 386 -13.38 28.10 -20.75
N LYS A 387 -12.65 26.99 -20.67
CA LYS A 387 -11.20 27.06 -20.78
C LYS A 387 -10.75 27.28 -22.22
N GLU A 388 -11.57 26.89 -23.19
CA GLU A 388 -11.18 26.94 -24.60
C GLU A 388 -11.79 28.09 -25.37
N PHE A 389 -12.94 28.61 -24.95
CA PHE A 389 -13.68 29.60 -25.70
C PHE A 389 -13.85 30.85 -24.87
N GLU A 390 -13.65 32.01 -25.53
CA GLU A 390 -13.70 33.28 -24.83
C GLU A 390 -15.08 33.52 -24.23
N LYS A 391 -16.15 33.16 -24.94
CA LYS A 391 -17.50 33.38 -24.46
C LYS A 391 -18.32 32.11 -24.64
N VAL A 392 -18.80 31.56 -23.52
CA VAL A 392 -19.62 30.35 -23.52
C VAL A 392 -21.00 30.68 -22.95
N ALA A 393 -22.03 30.19 -23.61
CA ALA A 393 -23.40 30.33 -23.09
C ALA A 393 -23.91 28.98 -22.63
N VAL A 394 -24.74 28.99 -21.59
CA VAL A 394 -25.37 27.80 -21.04
C VAL A 394 -26.87 28.02 -21.02
N TYR A 395 -27.60 27.18 -21.75
CA TYR A 395 -29.06 27.17 -21.76
C TYR A 395 -29.51 26.00 -20.91
N MET A 396 -30.40 26.25 -19.97
CA MET A 396 -30.70 25.25 -18.96
C MET A 396 -32.18 25.24 -18.63
N SER A 397 -32.79 24.07 -18.67
CA SER A 397 -34.15 23.85 -18.21
C SER A 397 -34.13 22.75 -17.17
N SER A 398 -34.74 23.00 -16.02
CA SER A 398 -34.79 21.98 -14.98
C SER A 398 -36.11 22.11 -14.24
N PHE A 399 -36.78 20.99 -14.03
CA PHE A 399 -38.13 20.99 -13.49
C PHE A 399 -38.53 19.53 -13.27
N THR A 400 -39.38 19.27 -12.28
CA THR A 400 -39.99 17.95 -12.15
C THR A 400 -41.09 17.80 -13.21
N PRO A 401 -41.00 16.80 -14.09
CA PRO A 401 -42.06 16.63 -15.09
C PRO A 401 -43.41 16.34 -14.43
N LEU A 402 -44.47 16.75 -15.12
CA LEU A 402 -45.82 16.59 -14.60
C LEU A 402 -46.13 15.15 -14.20
N MET A 403 -45.73 14.16 -15.02
CA MET A 403 -46.08 12.78 -14.69
C MET A 403 -45.51 12.38 -13.34
N HIS A 404 -44.37 12.93 -12.94
CA HIS A 404 -43.81 12.59 -11.65
C HIS A 404 -44.37 13.42 -10.50
N ASN A 405 -45.13 14.47 -10.81
CA ASN A 405 -45.95 15.07 -9.76
C ASN A 405 -47.17 14.21 -9.45
N ILE A 406 -47.58 13.34 -10.37
CA ILE A 406 -48.65 12.37 -10.10
C ILE A 406 -48.10 11.05 -9.57
N SER A 407 -46.95 10.60 -10.10
CA SER A 407 -46.38 9.34 -9.66
C SER A 407 -45.95 9.37 -8.20
N GLY A 408 -45.71 10.56 -7.65
CA GLY A 408 -45.19 10.69 -6.31
C GLY A 408 -43.69 10.88 -6.24
N SER A 409 -42.96 10.68 -7.35
CA SER A 409 -41.51 10.82 -7.36
C SER A 409 -41.11 12.24 -7.74
N LYS A 410 -41.56 13.20 -6.91
CA LYS A 410 -41.34 14.60 -7.21
C LYS A 410 -39.86 14.97 -7.20
N TYR A 411 -39.01 14.16 -6.57
CA TYR A 411 -37.57 14.40 -6.60
C TYR A 411 -36.96 14.19 -7.98
N LYS A 412 -37.71 13.68 -8.96
CA LYS A 412 -37.15 13.32 -10.27
C LYS A 412 -37.18 14.54 -11.21
N LYS A 413 -36.30 15.48 -10.93
CA LYS A 413 -36.14 16.63 -11.81
C LYS A 413 -35.46 16.24 -13.11
N PHE A 414 -36.07 16.58 -14.25
CA PHE A 414 -35.42 16.44 -15.55
C PHE A 414 -34.53 17.65 -15.78
N VAL A 415 -33.27 17.41 -16.15
CA VAL A 415 -32.33 18.49 -16.44
C VAL A 415 -31.94 18.41 -17.91
N ALA A 416 -32.06 19.52 -18.62
CA ALA A 416 -31.54 19.63 -19.98
C ALA A 416 -30.65 20.86 -20.06
N LYS A 417 -29.41 20.68 -20.52
CA LYS A 417 -28.50 21.81 -20.68
C LYS A 417 -27.84 21.76 -22.05
N ILE A 418 -27.75 22.91 -22.71
CA ILE A 418 -27.01 23.06 -23.96
C ILE A 418 -25.91 24.07 -23.70
N VAL A 419 -24.67 23.70 -24.07
CA VAL A 419 -23.51 24.56 -23.91
C VAL A 419 -23.06 25.01 -25.30
N THR A 420 -22.89 26.32 -25.47
CA THR A 420 -22.56 26.86 -26.78
C THR A 420 -21.30 27.72 -26.72
N ASN A 421 -20.67 27.83 -27.88
CA ASN A 421 -19.73 28.91 -28.18
C ASN A 421 -20.59 30.12 -28.51
N HIS A 422 -20.72 31.05 -27.58
CA HIS A 422 -21.66 32.14 -27.80
C HIS A 422 -21.23 33.08 -28.91
N SER A 423 -19.97 33.01 -29.33
CA SER A 423 -19.50 33.89 -30.40
C SER A 423 -20.14 33.56 -31.73
N ASP A 424 -20.53 32.30 -31.95
CA ASP A 424 -21.16 31.92 -33.21
C ASP A 424 -22.33 30.95 -33.04
N GLY A 425 -22.71 30.61 -31.81
CA GLY A 425 -23.86 29.74 -31.55
C GLY A 425 -23.62 28.25 -31.63
N THR A 426 -22.41 27.80 -31.99
CA THR A 426 -22.17 26.38 -32.15
C THR A 426 -22.42 25.63 -30.85
N VAL A 427 -23.15 24.52 -30.93
CA VAL A 427 -23.39 23.68 -29.76
C VAL A 427 -22.14 22.86 -29.46
N LEU A 428 -21.58 23.07 -28.27
CA LEU A 428 -20.38 22.38 -27.81
C LEU A 428 -20.70 21.13 -27.03
N GLY A 429 -21.85 21.08 -26.37
CA GLY A 429 -22.24 19.96 -25.54
C GLY A 429 -23.71 20.00 -25.16
N VAL A 430 -24.32 18.83 -24.97
CA VAL A 430 -25.69 18.71 -24.50
C VAL A 430 -25.70 17.68 -23.38
N HIS A 431 -26.39 17.97 -22.28
CA HIS A 431 -26.34 17.17 -21.06
C HIS A 431 -27.75 16.99 -20.50
N LEU A 432 -28.16 15.74 -20.35
CA LEU A 432 -29.53 15.42 -19.97
C LEU A 432 -29.53 14.48 -18.76
N LEU A 433 -30.48 14.70 -17.86
CA LEU A 433 -30.75 13.81 -16.73
C LEU A 433 -32.24 13.59 -16.67
N GLY A 434 -32.67 12.32 -16.70
CA GLY A 434 -34.07 12.01 -16.62
C GLY A 434 -34.48 10.85 -17.52
N ASP A 435 -35.70 10.36 -17.31
CA ASP A 435 -36.18 9.20 -18.06
C ASP A 435 -36.06 9.46 -19.56
N GLY A 436 -35.50 8.49 -20.27
CA GLY A 436 -35.29 8.61 -21.71
C GLY A 436 -34.05 9.35 -22.15
N ALA A 437 -33.27 9.93 -21.24
CA ALA A 437 -32.11 10.71 -21.65
C ALA A 437 -31.14 9.96 -22.56
N PRO A 438 -30.84 8.66 -22.35
CA PRO A 438 -29.94 7.98 -23.30
C PRO A 438 -30.52 7.85 -24.70
N GLU A 439 -31.85 7.73 -24.82
CA GLU A 439 -32.49 7.62 -26.13
C GLU A 439 -32.53 8.96 -26.83
N ILE A 440 -32.80 10.04 -26.07
CA ILE A 440 -32.85 11.39 -26.63
C ILE A 440 -31.50 11.79 -27.18
N ILE A 441 -30.42 11.44 -26.48
CA ILE A 441 -29.13 12.02 -26.83
C ILE A 441 -28.55 11.46 -28.13
N GLN A 442 -28.99 10.29 -28.62
CA GLN A 442 -28.32 9.70 -29.78
C GLN A 442 -28.35 10.61 -31.00
N ALA A 443 -29.52 11.10 -31.37
CA ALA A 443 -29.57 11.96 -32.55
C ALA A 443 -28.97 13.31 -32.26
N VAL A 444 -28.79 13.65 -30.98
CA VAL A 444 -28.03 14.87 -30.67
C VAL A 444 -26.59 14.70 -31.14
N GLY A 445 -26.06 13.47 -31.06
CA GLY A 445 -24.71 13.22 -31.53
C GLY A 445 -24.57 13.47 -33.03
N VAL A 446 -25.61 13.13 -33.79
CA VAL A 446 -25.59 13.42 -35.23
C VAL A 446 -25.59 14.94 -35.45
N CYS A 447 -26.38 15.67 -34.66
CA CYS A 447 -26.44 17.13 -34.74
C CYS A 447 -25.08 17.76 -34.52
N LEU A 448 -24.38 17.33 -33.46
CA LEU A 448 -23.08 17.93 -33.19
C LEU A 448 -22.06 17.57 -34.27
N ARG A 449 -22.13 16.37 -34.84
CA ARG A 449 -21.25 16.04 -35.95
C ARG A 449 -21.50 16.96 -37.15
N LEU A 450 -22.72 17.48 -37.26
CA LEU A 450 -23.09 18.42 -38.30
C LEU A 450 -22.90 19.87 -37.88
N ASN A 451 -22.22 20.13 -36.76
CA ASN A 451 -21.91 21.49 -36.31
C ASN A 451 -23.17 22.32 -36.10
N ALA A 452 -24.21 21.68 -35.55
CA ALA A 452 -25.44 22.39 -35.24
C ALA A 452 -25.17 23.57 -34.32
N LYS A 453 -25.95 24.63 -34.52
CA LYS A 453 -25.95 25.81 -33.67
C LYS A 453 -27.22 25.82 -32.82
N ILE A 454 -27.22 26.66 -31.78
CA ILE A 454 -28.39 26.73 -30.90
C ILE A 454 -29.64 27.11 -31.69
N SER A 455 -29.49 27.94 -32.74
CA SER A 455 -30.65 28.32 -33.54
C SER A 455 -31.20 27.14 -34.34
N ASP A 456 -30.36 26.18 -34.70
CA ASP A 456 -30.86 24.98 -35.36
C ASP A 456 -31.77 24.18 -34.43
N PHE A 457 -31.39 24.10 -33.15
CA PHE A 457 -32.28 23.48 -32.18
C PHE A 457 -33.54 24.30 -31.99
N TYR A 458 -33.40 25.62 -31.83
CA TYR A 458 -34.56 26.41 -31.44
C TYR A 458 -35.57 26.52 -32.59
N ASN A 459 -35.09 26.47 -33.84
CA ASN A 459 -35.98 26.55 -35.00
C ASN A 459 -36.72 25.25 -35.25
N THR A 460 -36.25 24.14 -34.70
CA THR A 460 -36.92 22.86 -34.85
C THR A 460 -38.18 22.83 -34.01
N ILE A 461 -39.28 22.40 -34.61
CA ILE A 461 -40.55 22.35 -33.90
C ILE A 461 -40.58 21.15 -32.96
N GLY A 462 -41.03 21.39 -31.73
CA GLY A 462 -41.04 20.34 -30.72
C GLY A 462 -42.04 19.23 -31.03
N VAL A 463 -41.74 18.04 -30.51
CA VAL A 463 -42.71 16.96 -30.36
C VAL A 463 -43.33 17.06 -28.97
N HIS A 464 -44.65 17.19 -28.90
CA HIS A 464 -45.29 17.46 -27.62
C HIS A 464 -46.33 16.40 -27.28
N PRO A 465 -46.42 15.94 -26.02
CA PRO A 465 -45.56 16.24 -24.86
C PRO A 465 -44.39 15.28 -24.77
N THR A 466 -43.16 15.79 -24.70
CA THR A 466 -41.98 14.97 -24.45
C THR A 466 -41.02 15.73 -23.55
N SER A 467 -40.04 15.00 -23.01
CA SER A 467 -38.93 15.68 -22.35
C SER A 467 -38.01 16.30 -23.38
N ALA A 468 -37.82 15.61 -24.51
CA ALA A 468 -36.85 16.04 -25.52
C ALA A 468 -37.16 17.43 -26.05
N GLU A 469 -38.44 17.81 -26.09
CA GLU A 469 -38.78 19.10 -26.70
C GLU A 469 -38.20 20.29 -25.95
N GLU A 470 -37.79 20.12 -24.68
CA GLU A 470 -37.08 21.19 -23.99
C GLU A 470 -35.82 21.60 -24.74
N LEU A 471 -35.17 20.67 -25.47
CA LEU A 471 -33.98 20.99 -26.24
C LEU A 471 -34.27 21.95 -27.38
N CYS A 472 -35.53 22.08 -27.78
CA CYS A 472 -35.90 22.87 -28.93
C CYS A 472 -36.68 24.11 -28.53
N SER A 473 -36.71 24.42 -27.23
CA SER A 473 -37.48 25.54 -26.68
C SER A 473 -36.59 26.52 -25.95
N MET A 474 -35.27 26.46 -26.12
CA MET A 474 -34.37 27.31 -25.36
C MET A 474 -33.72 28.32 -26.30
N ARG A 475 -34.05 29.59 -26.09
CA ARG A 475 -33.58 30.70 -26.91
C ARG A 475 -32.68 31.67 -26.16
N THR A 476 -32.80 31.77 -24.84
CA THR A 476 -32.03 32.75 -24.08
C THR A 476 -31.10 32.06 -23.08
N PRO A 477 -29.81 32.39 -23.05
CA PRO A 477 -28.91 31.75 -22.09
C PRO A 477 -29.37 31.96 -20.66
N SER A 478 -29.22 30.92 -19.86
CA SER A 478 -29.39 31.07 -18.43
C SER A 478 -28.21 31.82 -17.81
N TYR A 479 -27.01 31.63 -18.33
CA TYR A 479 -25.83 32.34 -17.86
C TYR A 479 -24.69 32.10 -18.85
N TYR A 480 -23.54 32.68 -18.52
CA TYR A 480 -22.41 32.76 -19.44
C TYR A 480 -21.11 32.45 -18.72
N TYR A 481 -20.09 32.19 -19.51
CA TYR A 481 -18.71 32.26 -19.07
C TYR A 481 -17.98 33.23 -20.00
N VAL A 482 -17.32 34.23 -19.44
CA VAL A 482 -16.58 35.21 -20.21
C VAL A 482 -15.13 35.16 -19.75
N LYS A 483 -14.24 34.83 -20.68
CA LYS A 483 -12.87 34.42 -20.39
C LYS A 483 -12.78 33.64 -19.07
N GLY A 484 -13.54 32.56 -18.95
CA GLY A 484 -13.45 31.68 -17.81
C GLY A 484 -14.34 32.04 -16.64
N GLU A 485 -14.99 33.20 -16.65
CA GLU A 485 -15.69 33.71 -15.49
C GLU A 485 -17.20 33.58 -15.65
N LYS A 486 -17.85 32.90 -14.69
CA LYS A 486 -19.29 32.66 -14.75
C LYS A 486 -20.07 33.90 -14.35
N MET A 487 -21.13 34.21 -15.08
CA MET A 487 -21.92 35.41 -14.82
C MET A 487 -23.27 35.32 -15.51
N GLU A 488 -24.32 35.80 -14.83
CA GLU A 488 -25.67 35.74 -15.38
C GLU A 488 -25.78 36.50 -16.70
N LYS A 489 -25.06 37.60 -16.83
CA LYS A 489 -25.22 38.53 -17.95
C LYS A 489 -23.86 38.83 -18.57
N LEU A 490 -23.89 39.17 -19.87
CA LEU A 490 -22.69 39.64 -20.54
C LEU A 490 -22.37 41.06 -20.10
N PRO A 491 -21.08 41.42 -20.00
CA PRO A 491 -20.71 42.77 -19.56
C PRO A 491 -20.84 43.83 -20.66
N SER B 5 -66.51 49.57 -24.16
CA SER B 5 -65.79 49.50 -25.42
C SER B 5 -64.30 49.84 -25.21
N LYS B 6 -63.40 49.02 -25.77
CA LYS B 6 -62.00 49.02 -25.39
C LYS B 6 -61.12 48.81 -26.62
N ALA B 7 -59.91 49.40 -26.59
CA ALA B 7 -59.06 49.54 -27.77
C ALA B 7 -57.78 48.73 -27.63
N PHE B 8 -57.48 47.91 -28.63
CA PHE B 8 -56.35 46.97 -28.56
C PHE B 8 -55.58 46.95 -29.88
N ASP B 9 -54.29 46.65 -29.79
CA ASP B 9 -53.49 46.40 -30.98
C ASP B 9 -53.87 45.07 -31.62
N LEU B 10 -54.14 44.08 -30.79
CA LEU B 10 -54.39 42.71 -31.24
C LEU B 10 -55.46 42.12 -30.35
N VAL B 11 -56.50 41.55 -30.95
CA VAL B 11 -57.47 40.74 -30.22
C VAL B 11 -57.38 39.33 -30.78
N VAL B 12 -57.23 38.36 -29.87
CA VAL B 12 -57.07 36.95 -30.17
C VAL B 12 -58.34 36.25 -29.74
N ILE B 13 -59.00 35.55 -30.67
CA ILE B 13 -60.16 34.74 -30.34
C ILE B 13 -59.71 33.29 -30.22
N GLY B 14 -59.69 32.80 -28.98
CA GLY B 14 -59.17 31.49 -28.66
C GLY B 14 -57.91 31.57 -27.82
N ALA B 15 -58.02 31.26 -26.54
CA ALA B 15 -56.87 31.21 -25.62
C ALA B 15 -56.15 29.86 -25.66
N GLY B 16 -55.80 29.41 -26.85
CA GLY B 16 -55.24 28.09 -27.03
C GLY B 16 -53.74 28.11 -27.28
N SER B 17 -53.23 26.98 -27.75
CA SER B 17 -51.81 26.84 -28.00
C SER B 17 -51.27 28.01 -28.82
N GLY B 18 -51.83 28.20 -30.02
CA GLY B 18 -51.33 29.25 -30.90
C GLY B 18 -51.72 30.63 -30.42
N GLY B 19 -52.94 30.77 -29.89
CA GLY B 19 -53.43 32.08 -29.49
C GLY B 19 -52.65 32.67 -28.33
N LEU B 20 -52.34 31.84 -27.34
CA LEU B 20 -51.58 32.33 -26.19
C LEU B 20 -50.13 32.65 -26.55
N GLU B 21 -49.51 31.84 -27.41
CA GLU B 21 -48.17 32.18 -27.87
C GLU B 21 -48.16 33.55 -28.55
N ALA B 22 -49.12 33.77 -29.46
CA ALA B 22 -49.19 35.05 -30.15
C ALA B 22 -49.45 36.21 -29.20
N GLY B 23 -50.39 36.01 -28.26
CA GLY B 23 -50.75 37.10 -27.35
C GLY B 23 -49.63 37.45 -26.39
N TRP B 24 -49.04 36.44 -25.76
CA TRP B 24 -47.93 36.68 -24.84
C TRP B 24 -46.74 37.31 -25.56
N ASN B 25 -46.39 36.82 -26.75
CA ASN B 25 -45.27 37.40 -27.49
C ASN B 25 -45.57 38.84 -27.90
N ALA B 26 -46.79 39.11 -28.39
CA ALA B 26 -47.10 40.48 -28.79
C ALA B 26 -46.99 41.44 -27.60
N ALA B 27 -47.47 41.02 -26.44
CA ALA B 27 -47.47 41.89 -25.27
C ALA B 27 -46.07 42.05 -24.70
N THR B 28 -45.41 40.93 -24.36
CA THR B 28 -44.15 41.01 -23.64
C THR B 28 -42.96 41.33 -24.53
N LEU B 29 -42.95 40.84 -25.77
CA LEU B 29 -41.81 41.11 -26.63
C LEU B 29 -41.94 42.45 -27.34
N TYR B 30 -43.16 42.83 -27.73
CA TYR B 30 -43.33 44.02 -28.57
C TYR B 30 -44.12 45.12 -27.87
N GLY B 31 -44.49 44.94 -26.60
CA GLY B 31 -45.12 46.01 -25.85
C GLY B 31 -46.49 46.41 -26.35
N LYS B 32 -47.16 45.52 -27.08
CA LYS B 32 -48.48 45.80 -27.63
C LYS B 32 -49.57 45.53 -26.59
N ARG B 33 -50.76 46.03 -26.90
CA ARG B 33 -51.93 45.90 -26.03
C ARG B 33 -52.83 44.81 -26.61
N VAL B 34 -53.02 43.73 -25.86
CA VAL B 34 -53.55 42.47 -26.36
C VAL B 34 -54.75 42.05 -25.52
N ALA B 35 -55.83 41.66 -26.19
CA ALA B 35 -56.96 41.00 -25.55
C ALA B 35 -57.13 39.62 -26.13
N VAL B 36 -57.48 38.65 -25.29
CA VAL B 36 -57.61 37.25 -25.66
C VAL B 36 -58.94 36.73 -25.11
N VAL B 37 -59.73 36.10 -25.98
CA VAL B 37 -61.09 35.65 -25.67
C VAL B 37 -61.11 34.12 -25.64
N ASP B 38 -61.70 33.56 -24.59
CA ASP B 38 -62.05 32.14 -24.57
C ASP B 38 -63.36 31.96 -23.83
N VAL B 39 -64.03 30.82 -24.08
CA VAL B 39 -65.39 30.59 -23.61
C VAL B 39 -65.46 30.01 -22.20
N GLN B 40 -64.33 29.66 -21.60
CA GLN B 40 -64.33 28.96 -20.31
C GLN B 40 -62.96 29.17 -19.67
N THR B 41 -62.95 29.33 -18.34
CA THR B 41 -61.69 29.58 -17.65
C THR B 41 -60.98 28.31 -17.21
N SER B 42 -61.68 27.17 -17.18
CA SER B 42 -61.03 25.91 -16.81
C SER B 42 -61.73 24.75 -17.51
N HIS B 43 -61.12 23.58 -17.40
CA HIS B 43 -61.42 22.44 -18.27
C HIS B 43 -62.77 21.83 -17.96
N GLY B 44 -63.34 21.17 -18.97
CA GLY B 44 -64.41 20.22 -18.74
C GLY B 44 -65.76 20.69 -19.25
N PRO B 45 -66.78 19.88 -19.00
CA PRO B 45 -68.15 20.24 -19.39
C PRO B 45 -68.49 21.62 -18.88
N PRO B 46 -69.31 22.38 -19.62
CA PRO B 46 -69.97 22.02 -20.89
C PRO B 46 -69.17 22.23 -22.17
N PHE B 47 -68.10 23.04 -22.20
CA PHE B 47 -67.46 23.38 -23.47
C PHE B 47 -66.11 22.71 -23.66
N TYR B 48 -65.64 21.94 -22.67
CA TYR B 48 -64.47 21.05 -22.72
C TYR B 48 -63.16 21.81 -22.88
N ALA B 49 -62.90 22.35 -24.06
CA ALA B 49 -61.74 23.23 -24.20
C ALA B 49 -61.99 24.53 -23.42
N ALA B 50 -60.91 25.20 -23.05
CA ALA B 50 -60.99 26.38 -22.20
C ALA B 50 -59.65 27.12 -22.25
N LEU B 51 -59.50 28.12 -21.40
CA LEU B 51 -58.23 28.81 -21.21
C LEU B 51 -57.09 27.81 -21.17
N GLY B 52 -56.12 27.98 -22.08
CA GLY B 52 -55.04 27.03 -22.29
C GLY B 52 -55.17 26.26 -23.60
N GLY B 53 -56.39 26.05 -24.07
CA GLY B 53 -56.62 25.41 -25.35
C GLY B 53 -56.99 23.94 -25.24
N THR B 54 -57.10 23.33 -26.42
CA THR B 54 -57.54 21.94 -26.50
C THR B 54 -56.47 20.99 -25.96
N CYS B 55 -55.21 21.24 -26.30
CA CYS B 55 -54.11 20.39 -25.83
C CYS B 55 -54.07 20.35 -24.31
N VAL B 56 -54.08 21.51 -23.68
CA VAL B 56 -54.02 21.60 -22.22
C VAL B 56 -55.22 20.92 -21.58
N ASN B 57 -56.41 21.21 -22.09
CA ASN B 57 -57.62 20.83 -21.36
C ASN B 57 -58.17 19.46 -21.73
N VAL B 58 -58.23 19.12 -23.02
CA VAL B 58 -58.83 17.88 -23.48
C VAL B 58 -58.00 17.33 -24.63
N GLY B 59 -56.68 17.31 -24.47
CA GLY B 59 -55.81 16.96 -25.58
C GLY B 59 -54.50 16.36 -25.11
N CYS B 60 -53.38 16.86 -25.65
CA CYS B 60 -52.08 16.23 -25.44
C CYS B 60 -51.79 15.99 -23.97
N VAL B 61 -51.99 17.02 -23.15
CA VAL B 61 -51.56 16.98 -21.75
C VAL B 61 -52.32 15.89 -21.01
N PRO B 62 -53.66 15.95 -20.89
CA PRO B 62 -54.33 14.85 -20.17
C PRO B 62 -54.21 13.50 -20.84
N LYS B 63 -54.21 13.41 -22.17
CA LYS B 63 -54.12 12.08 -22.77
C LYS B 63 -52.76 11.45 -22.50
N LYS B 64 -51.69 12.23 -22.50
CA LYS B 64 -50.38 11.67 -22.20
C LYS B 64 -50.34 11.10 -20.79
N LEU B 65 -50.93 11.83 -19.84
CA LEU B 65 -51.06 11.31 -18.48
C LEU B 65 -51.81 9.98 -18.47
N MET B 66 -52.91 9.89 -19.22
CA MET B 66 -53.71 8.66 -19.23
C MET B 66 -53.00 7.54 -19.95
N VAL B 67 -52.24 7.84 -21.01
CA VAL B 67 -51.48 6.78 -21.66
C VAL B 67 -50.38 6.29 -20.74
N THR B 68 -49.74 7.22 -20.03
CA THR B 68 -48.76 6.82 -19.02
C THR B 68 -49.38 5.87 -18.02
N GLY B 69 -50.59 6.18 -17.56
CA GLY B 69 -51.29 5.27 -16.66
C GLY B 69 -51.55 3.92 -17.29
N ALA B 70 -51.99 3.91 -18.55
CA ALA B 70 -52.28 2.64 -19.22
C ALA B 70 -51.03 1.79 -19.38
N GLN B 71 -49.86 2.40 -19.55
CA GLN B 71 -48.62 1.64 -19.69
C GLN B 71 -48.32 0.76 -18.49
N TYR B 72 -48.87 1.09 -17.30
CA TYR B 72 -48.56 0.26 -16.15
C TYR B 72 -49.18 -1.13 -16.28
N MET B 73 -50.20 -1.31 -17.12
CA MET B 73 -50.68 -2.67 -17.31
C MET B 73 -49.58 -3.53 -17.91
N ASP B 74 -48.80 -2.95 -18.82
CA ASP B 74 -47.67 -3.66 -19.41
C ASP B 74 -46.53 -3.80 -18.39
N HIS B 75 -46.21 -2.73 -17.67
CA HIS B 75 -45.09 -2.79 -16.73
C HIS B 75 -45.30 -3.85 -15.67
N LEU B 76 -46.51 -3.93 -15.10
CA LEU B 76 -46.76 -4.89 -14.03
C LEU B 76 -46.57 -6.32 -14.54
N ARG B 77 -47.13 -6.64 -15.72
CA ARG B 77 -46.95 -7.98 -16.27
C ARG B 77 -45.49 -8.26 -16.60
N GLU B 78 -44.83 -7.30 -17.27
CA GLU B 78 -43.47 -7.51 -17.77
C GLU B 78 -42.43 -7.58 -16.66
N SER B 79 -42.71 -6.96 -15.49
CA SER B 79 -41.81 -7.05 -14.34
C SER B 79 -41.51 -8.49 -13.96
N ALA B 80 -42.43 -9.41 -14.24
CA ALA B 80 -42.24 -10.80 -13.84
C ALA B 80 -40.98 -11.39 -14.44
N GLY B 81 -40.73 -11.12 -15.73
CA GLY B 81 -39.56 -11.67 -16.40
C GLY B 81 -38.25 -11.24 -15.77
N PHE B 82 -38.24 -10.13 -15.03
CA PHE B 82 -37.07 -9.63 -14.36
C PHE B 82 -37.05 -9.99 -12.87
N GLY B 83 -37.89 -10.94 -12.45
CA GLY B 83 -37.83 -11.46 -11.11
C GLY B 83 -38.85 -10.87 -10.15
N TRP B 84 -39.67 -9.92 -10.57
CA TRP B 84 -40.62 -9.31 -9.65
C TRP B 84 -41.81 -10.24 -9.45
N GLU B 85 -42.17 -10.46 -8.19
CA GLU B 85 -43.27 -11.30 -7.77
C GLU B 85 -44.24 -10.49 -6.94
N PHE B 86 -45.54 -10.68 -7.18
CA PHE B 86 -46.58 -10.10 -6.34
C PHE B 86 -47.89 -10.80 -6.71
N ASP B 87 -48.95 -10.48 -5.96
CA ASP B 87 -50.23 -11.17 -6.11
C ASP B 87 -50.97 -10.54 -7.30
N GLY B 88 -50.88 -11.20 -8.45
CA GLY B 88 -51.50 -10.67 -9.66
C GLY B 88 -53.01 -10.54 -9.55
N SER B 89 -53.65 -11.43 -8.78
CA SER B 89 -55.10 -11.38 -8.59
C SER B 89 -55.54 -10.16 -7.80
N SER B 90 -54.61 -9.48 -7.11
CA SER B 90 -54.96 -8.28 -6.38
C SER B 90 -54.88 -7.02 -7.22
N VAL B 91 -54.42 -7.12 -8.46
CA VAL B 91 -54.21 -5.95 -9.30
C VAL B 91 -55.56 -5.43 -9.77
N LYS B 92 -55.79 -4.13 -9.63
CA LYS B 92 -56.94 -3.50 -10.25
C LYS B 92 -56.58 -2.09 -10.68
N ALA B 93 -57.19 -1.65 -11.79
CA ALA B 93 -56.94 -0.33 -12.37
C ALA B 93 -58.08 0.61 -11.97
N ASN B 94 -57.77 1.61 -11.15
CA ASN B 94 -58.78 2.55 -10.65
C ASN B 94 -58.89 3.75 -11.57
N TRP B 95 -59.84 3.67 -12.51
CA TRP B 95 -60.10 4.76 -13.46
C TRP B 95 -60.48 6.05 -12.75
N LYS B 96 -61.32 5.97 -11.71
CA LYS B 96 -61.70 7.19 -11.00
C LYS B 96 -60.49 7.93 -10.45
N LYS B 97 -59.51 7.18 -9.91
CA LYS B 97 -58.29 7.80 -9.41
C LYS B 97 -57.50 8.46 -10.54
N LEU B 98 -57.37 7.75 -11.67
CA LEU B 98 -56.72 8.34 -12.84
C LEU B 98 -57.38 9.66 -13.22
N ILE B 99 -58.70 9.65 -13.38
CA ILE B 99 -59.39 10.86 -13.85
C ILE B 99 -59.21 11.99 -12.85
N ALA B 100 -59.27 11.68 -11.55
CA ALA B 100 -59.11 12.70 -10.52
C ALA B 100 -57.72 13.32 -10.58
N ALA B 101 -56.68 12.49 -10.72
CA ALA B 101 -55.33 13.03 -10.81
C ALA B 101 -55.17 13.87 -12.07
N LYS B 102 -55.72 13.40 -13.19
CA LYS B 102 -55.65 14.17 -14.42
C LYS B 102 -56.37 15.51 -14.26
N ASN B 103 -57.56 15.49 -13.62
CA ASN B 103 -58.34 16.71 -13.42
C ASN B 103 -57.56 17.73 -12.59
N GLU B 104 -56.87 17.27 -11.55
CA GLU B 104 -56.11 18.19 -10.71
C GLU B 104 -54.95 18.80 -11.50
N ALA B 105 -54.26 17.99 -12.32
CA ALA B 105 -53.13 18.53 -13.08
C ALA B 105 -53.59 19.56 -14.10
N VAL B 106 -54.70 19.30 -14.79
CA VAL B 106 -55.20 20.23 -15.78
C VAL B 106 -55.63 21.53 -15.10
N LEU B 107 -56.38 21.42 -14.01
CA LEU B 107 -56.87 22.61 -13.30
C LEU B 107 -55.71 23.48 -12.82
N ASP B 108 -54.63 22.85 -12.34
CA ASP B 108 -53.43 23.61 -11.99
C ASP B 108 -52.91 24.43 -13.15
N ILE B 109 -52.91 23.86 -14.37
CA ILE B 109 -52.47 24.62 -15.53
C ILE B 109 -53.44 25.76 -15.82
N ASN B 110 -54.76 25.50 -15.71
CA ASN B 110 -55.74 26.56 -15.91
C ASN B 110 -55.44 27.75 -15.00
N LYS B 111 -55.27 27.48 -13.69
CA LYS B 111 -54.98 28.54 -12.72
C LYS B 111 -53.68 29.26 -13.04
N SER B 112 -52.69 28.53 -13.55
CA SER B 112 -51.40 29.16 -13.86
C SER B 112 -51.55 30.17 -14.99
N TYR B 113 -52.36 29.85 -16.00
CA TYR B 113 -52.63 30.78 -17.10
C TYR B 113 -53.41 31.99 -16.60
N GLU B 114 -54.30 31.78 -15.63
CA GLU B 114 -55.02 32.88 -15.00
C GLU B 114 -54.03 33.88 -14.39
N GLY B 115 -53.08 33.38 -13.60
CA GLY B 115 -52.08 34.24 -13.01
C GLY B 115 -51.20 34.90 -14.04
N MET B 116 -50.92 34.19 -15.14
CA MET B 116 -50.15 34.79 -16.23
C MET B 116 -50.83 36.05 -16.74
N PHE B 117 -52.13 35.95 -17.03
CA PHE B 117 -52.88 37.14 -17.47
C PHE B 117 -52.84 38.23 -16.41
N ASN B 118 -53.07 37.87 -15.15
CA ASN B 118 -53.06 38.86 -14.07
C ASN B 118 -51.69 39.54 -13.92
N ASP B 119 -50.61 38.83 -14.25
CA ASP B 119 -49.27 39.32 -13.98
C ASP B 119 -48.63 40.07 -15.13
N THR B 120 -49.21 40.04 -16.32
CA THR B 120 -48.53 40.50 -17.53
C THR B 120 -49.16 41.80 -18.04
N GLU B 121 -48.33 42.82 -18.24
CA GLU B 121 -48.84 44.08 -18.77
C GLU B 121 -49.30 43.93 -20.22
N GLY B 122 -50.40 44.61 -20.54
CA GLY B 122 -50.90 44.63 -21.91
C GLY B 122 -51.49 43.33 -22.40
N LEU B 123 -51.92 42.44 -21.49
CA LEU B 123 -52.42 41.12 -21.87
C LEU B 123 -53.67 40.86 -21.05
N ASP B 124 -54.84 40.99 -21.67
CA ASP B 124 -56.10 40.90 -20.94
C ASP B 124 -56.95 39.76 -21.46
N PHE B 125 -57.60 39.05 -20.54
CA PHE B 125 -58.46 37.91 -20.85
C PHE B 125 -59.91 38.33 -20.74
N PHE B 126 -60.72 37.95 -21.73
CA PHE B 126 -62.15 38.18 -21.72
C PHE B 126 -62.89 36.87 -21.90
N LEU B 127 -63.86 36.61 -21.02
CA LEU B 127 -64.62 35.36 -21.02
C LEU B 127 -65.87 35.50 -21.90
N GLY B 128 -66.04 34.57 -22.85
CA GLY B 128 -67.22 34.52 -23.68
C GLY B 128 -66.92 34.09 -25.10
N TRP B 129 -67.89 34.30 -25.98
CA TRP B 129 -67.80 33.86 -27.37
C TRP B 129 -67.51 35.07 -28.25
N GLY B 130 -66.37 35.05 -28.91
CA GLY B 130 -66.01 36.11 -29.82
C GLY B 130 -66.45 35.82 -31.26
N SER B 131 -66.81 36.89 -31.96
CA SER B 131 -67.11 36.81 -33.39
C SER B 131 -66.76 38.14 -34.04
N LEU B 132 -66.75 38.15 -35.36
CA LEU B 132 -66.35 39.32 -36.13
C LEU B 132 -67.59 40.18 -36.39
N GLU B 133 -67.64 41.36 -35.77
CA GLU B 133 -68.70 42.32 -36.06
C GLU B 133 -68.35 43.14 -37.30
N SER B 134 -67.13 43.67 -37.35
CA SER B 134 -66.64 44.41 -38.50
C SER B 134 -65.14 44.16 -38.62
N LYS B 135 -64.55 44.74 -39.67
CA LYS B 135 -63.14 44.49 -40.00
C LYS B 135 -62.21 44.79 -38.83
N ASN B 136 -62.63 45.66 -37.91
CA ASN B 136 -61.79 46.05 -36.79
C ASN B 136 -62.53 46.00 -35.46
N VAL B 137 -63.58 45.18 -35.36
CA VAL B 137 -64.36 45.09 -34.12
C VAL B 137 -64.67 43.62 -33.85
N VAL B 138 -64.21 43.12 -32.70
CA VAL B 138 -64.54 41.79 -32.20
C VAL B 138 -65.57 41.95 -31.09
N VAL B 139 -66.70 41.26 -31.21
CA VAL B 139 -67.75 41.31 -30.20
C VAL B 139 -67.71 40.01 -29.39
N VAL B 140 -67.85 40.15 -28.08
CA VAL B 140 -67.85 39.03 -27.14
C VAL B 140 -69.25 38.93 -26.56
N ARG B 141 -69.85 37.74 -26.66
CA ARG B 141 -71.23 37.51 -26.21
C ARG B 141 -71.27 36.40 -25.17
N GLU B 142 -72.47 36.18 -24.62
CA GLU B 142 -72.64 35.25 -23.51
C GLU B 142 -72.70 33.79 -23.96
N THR B 143 -73.15 33.51 -25.19
CA THR B 143 -73.24 32.15 -25.70
C THR B 143 -72.84 32.16 -27.17
N ALA B 144 -72.79 30.97 -27.78
CA ALA B 144 -72.47 30.88 -29.20
C ALA B 144 -73.55 31.47 -30.09
N ASP B 145 -74.74 31.73 -29.54
CA ASP B 145 -75.82 32.34 -30.32
C ASP B 145 -75.48 33.79 -30.66
N PRO B 146 -75.45 34.17 -31.93
CA PRO B 146 -75.16 35.57 -32.27
C PRO B 146 -76.24 36.55 -31.81
N LYS B 147 -77.30 36.08 -31.15
CA LYS B 147 -78.32 36.94 -30.57
C LYS B 147 -78.18 37.09 -29.06
N SER B 148 -77.27 36.36 -28.43
CA SER B 148 -77.08 36.47 -26.99
C SER B 148 -76.48 37.83 -26.64
N ALA B 149 -76.48 38.12 -25.33
CA ALA B 149 -76.16 39.46 -24.85
C ALA B 149 -74.70 39.82 -25.11
N VAL B 150 -74.49 41.02 -25.67
CA VAL B 150 -73.14 41.55 -25.81
C VAL B 150 -72.54 41.77 -24.43
N LYS B 151 -71.31 41.27 -24.23
CA LYS B 151 -70.54 41.49 -23.03
C LYS B 151 -69.44 42.53 -23.23
N GLU B 152 -68.79 42.51 -24.40
CA GLU B 152 -67.71 43.42 -24.70
C GLU B 152 -67.73 43.73 -26.20
N ARG B 153 -67.24 44.91 -26.53
CA ARG B 153 -66.93 45.26 -27.91
C ARG B 153 -65.46 45.68 -27.92
N LEU B 154 -64.65 44.94 -28.66
CA LEU B 154 -63.21 45.13 -28.69
C LEU B 154 -62.84 45.63 -30.07
N GLN B 155 -62.36 46.86 -30.16
CA GLN B 155 -61.83 47.34 -31.41
C GLN B 155 -60.36 46.94 -31.52
N ALA B 156 -59.94 46.61 -32.72
CA ALA B 156 -58.64 45.97 -32.89
C ALA B 156 -58.00 46.45 -34.19
N ASP B 157 -56.74 46.86 -34.10
CA ASP B 157 -55.98 47.06 -35.32
C ASP B 157 -55.75 45.74 -36.03
N HIS B 158 -55.65 44.65 -35.27
CA HIS B 158 -55.34 43.34 -35.79
C HIS B 158 -56.19 42.30 -35.07
N ILE B 159 -56.71 41.33 -35.83
CA ILE B 159 -57.54 40.26 -35.27
C ILE B 159 -56.90 38.93 -35.63
N LEU B 160 -56.72 38.06 -34.64
CA LEU B 160 -56.18 36.72 -34.84
C LEU B 160 -57.26 35.69 -34.56
N LEU B 161 -57.58 34.86 -35.55
CA LEU B 161 -58.52 33.75 -35.39
C LEU B 161 -57.74 32.53 -34.94
N ALA B 162 -58.06 31.99 -33.77
CA ALA B 162 -57.31 30.85 -33.22
C ALA B 162 -58.25 29.99 -32.38
N THR B 163 -59.39 29.60 -32.96
CA THR B 163 -60.41 28.87 -32.22
C THR B 163 -60.25 27.36 -32.28
N GLY B 164 -59.24 26.86 -32.99
CA GLY B 164 -58.97 25.43 -32.98
C GLY B 164 -59.95 24.65 -33.83
N SER B 165 -60.19 23.41 -33.42
CA SER B 165 -61.02 22.45 -34.15
C SER B 165 -61.99 21.79 -33.17
N TRP B 166 -62.76 20.83 -33.70
CA TRP B 166 -63.84 20.19 -32.94
C TRP B 166 -64.05 18.81 -33.54
N PRO B 167 -64.50 17.83 -32.75
CA PRO B 167 -64.66 16.47 -33.28
C PRO B 167 -65.72 16.44 -34.37
N GLN B 168 -65.42 15.71 -35.42
CA GLN B 168 -66.34 15.53 -36.53
C GLN B 168 -67.23 14.34 -36.21
N MET B 169 -68.54 14.50 -36.40
CA MET B 169 -69.48 13.44 -36.08
C MET B 169 -70.22 13.08 -37.36
N PRO B 170 -70.24 11.82 -37.80
CA PRO B 170 -70.89 11.49 -39.07
C PRO B 170 -72.41 11.56 -38.96
N ALA B 171 -73.05 11.84 -40.08
CA ALA B 171 -74.51 12.01 -40.13
C ALA B 171 -75.16 10.64 -40.29
N ILE B 172 -75.17 9.88 -39.21
CA ILE B 172 -75.83 8.57 -39.21
C ILE B 172 -76.95 8.58 -38.18
N PRO B 173 -78.01 7.80 -38.38
CA PRO B 173 -79.02 7.64 -37.34
C PRO B 173 -78.39 7.18 -36.02
N GLY B 174 -78.72 7.90 -34.95
CA GLY B 174 -78.23 7.53 -33.63
C GLY B 174 -76.89 8.11 -33.26
N ILE B 175 -76.36 9.04 -34.06
CA ILE B 175 -75.07 9.66 -33.77
C ILE B 175 -75.09 10.30 -32.39
N GLU B 176 -76.27 10.71 -31.92
CA GLU B 176 -76.39 11.38 -30.63
C GLU B 176 -76.10 10.44 -29.45
N HIS B 177 -76.07 9.13 -29.69
CA HIS B 177 -75.76 8.17 -28.64
C HIS B 177 -74.28 7.81 -28.60
N CYS B 178 -73.48 8.50 -29.39
CA CYS B 178 -72.03 8.37 -29.41
C CYS B 178 -71.38 9.50 -28.65
N ILE B 179 -70.14 9.30 -28.23
CA ILE B 179 -69.36 10.37 -27.61
C ILE B 179 -68.18 10.67 -28.51
N SER B 180 -67.41 11.69 -28.14
CA SER B 180 -66.11 12.02 -28.72
C SER B 180 -65.06 11.96 -27.63
N SER B 181 -63.81 12.24 -28.02
CA SER B 181 -62.74 12.28 -27.04
C SER B 181 -63.02 13.30 -25.94
N ASN B 182 -63.78 14.36 -26.24
CA ASN B 182 -64.15 15.34 -25.22
C ASN B 182 -64.77 14.66 -24.01
N GLU B 183 -65.79 13.83 -24.24
CA GLU B 183 -66.50 13.15 -23.17
C GLU B 183 -65.71 11.97 -22.59
N ALA B 184 -64.86 11.33 -23.40
CA ALA B 184 -64.06 10.22 -22.89
C ALA B 184 -63.22 10.66 -21.70
N PHE B 185 -62.73 11.90 -21.71
CA PHE B 185 -61.90 12.40 -20.61
C PHE B 185 -62.66 12.48 -19.29
N TYR B 186 -64.00 12.38 -19.30
CA TYR B 186 -64.76 12.60 -18.08
C TYR B 186 -65.72 11.46 -17.76
N LEU B 187 -65.59 10.32 -18.43
CA LEU B 187 -66.47 9.19 -18.14
C LEU B 187 -66.40 8.82 -16.65
N PRO B 188 -67.55 8.71 -15.98
CA PRO B 188 -67.52 8.33 -14.56
C PRO B 188 -66.90 6.97 -14.29
N GLU B 189 -67.03 6.03 -15.22
CA GLU B 189 -66.55 4.67 -15.04
C GLU B 189 -65.82 4.26 -16.30
N PRO B 190 -64.79 3.43 -16.20
CA PRO B 190 -64.14 2.91 -17.40
C PRO B 190 -65.09 1.97 -18.13
N PRO B 191 -65.29 2.17 -19.43
CA PRO B 191 -66.25 1.31 -20.15
C PRO B 191 -65.78 -0.13 -20.19
N ARG B 192 -66.72 -1.05 -19.98
CA ARG B 192 -66.38 -2.46 -20.05
C ARG B 192 -66.20 -2.91 -21.49
N ARG B 193 -67.14 -2.55 -22.37
CA ARG B 193 -67.01 -2.77 -23.80
C ARG B 193 -67.08 -1.42 -24.47
N VAL B 194 -66.08 -1.10 -25.29
CA VAL B 194 -66.08 0.17 -26.00
C VAL B 194 -65.68 -0.07 -27.44
N LEU B 195 -66.30 0.69 -28.35
CA LEU B 195 -65.91 0.79 -29.74
C LEU B 195 -65.32 2.18 -29.98
N THR B 196 -64.07 2.26 -30.43
CA THR B 196 -63.52 3.52 -30.90
C THR B 196 -63.57 3.52 -32.43
N VAL B 197 -64.20 4.53 -32.99
CA VAL B 197 -64.44 4.61 -34.42
C VAL B 197 -63.42 5.55 -35.02
N GLY B 198 -62.54 5.03 -35.85
CA GLY B 198 -61.59 5.83 -36.61
C GLY B 198 -60.21 5.19 -36.60
N GLY B 199 -59.42 5.50 -37.63
CA GLY B 199 -58.09 4.94 -37.78
C GLY B 199 -56.97 5.86 -37.35
N GLY B 200 -57.27 7.06 -36.89
CA GLY B 200 -56.26 8.04 -36.60
C GLY B 200 -55.75 7.95 -35.18
N PHE B 201 -54.88 8.90 -34.84
CA PHE B 201 -54.10 8.77 -33.60
C PHE B 201 -54.97 8.84 -32.36
N ILE B 202 -56.07 9.61 -32.39
CA ILE B 202 -56.91 9.74 -31.21
C ILE B 202 -57.63 8.43 -30.92
N SER B 203 -58.22 7.82 -31.96
CA SER B 203 -58.85 6.52 -31.79
C SER B 203 -57.86 5.47 -31.28
N VAL B 204 -56.68 5.41 -31.89
CA VAL B 204 -55.65 4.45 -31.48
C VAL B 204 -55.22 4.69 -30.05
N GLU B 205 -54.98 5.96 -29.68
CA GLU B 205 -54.50 6.25 -28.34
C GLU B 205 -55.55 5.89 -27.29
N PHE B 206 -56.81 6.21 -27.57
CA PHE B 206 -57.83 5.92 -26.57
C PHE B 206 -58.12 4.43 -26.50
N ALA B 207 -57.99 3.72 -27.63
CA ALA B 207 -58.10 2.27 -27.57
C ALA B 207 -57.12 1.70 -26.53
N GLY B 208 -55.87 2.13 -26.58
CA GLY B 208 -54.90 1.65 -25.59
C GLY B 208 -55.24 2.06 -24.17
N ILE B 209 -55.76 3.28 -24.00
CA ILE B 209 -56.15 3.75 -22.65
C ILE B 209 -57.26 2.87 -22.10
N PHE B 210 -58.37 2.75 -22.84
CA PHE B 210 -59.49 1.93 -22.36
C PHE B 210 -59.09 0.48 -22.17
N ASN B 211 -58.17 -0.03 -23.01
CA ASN B 211 -57.76 -1.43 -22.92
C ASN B 211 -57.12 -1.73 -21.57
N ALA B 212 -56.34 -0.78 -21.03
CA ALA B 212 -55.69 -1.03 -19.75
C ALA B 212 -56.66 -0.86 -18.59
N TYR B 213 -57.59 0.09 -18.66
CA TYR B 213 -58.43 0.39 -17.51
C TYR B 213 -59.78 -0.34 -17.54
N LYS B 214 -60.00 -1.24 -18.50
CA LYS B 214 -61.29 -1.93 -18.62
C LYS B 214 -61.52 -2.90 -17.46
N PRO B 215 -62.74 -2.99 -16.93
CA PRO B 215 -63.02 -3.93 -15.84
C PRO B 215 -62.92 -5.36 -16.33
N PRO B 216 -62.95 -6.34 -15.42
CA PRO B 216 -62.88 -7.76 -15.83
C PRO B 216 -63.94 -8.10 -16.88
N GLY B 217 -63.56 -8.95 -17.83
CA GLY B 217 -64.42 -9.30 -18.92
C GLY B 217 -64.51 -8.27 -20.04
N GLY B 218 -63.79 -7.15 -19.92
CA GLY B 218 -63.92 -6.08 -20.89
C GLY B 218 -63.33 -6.42 -22.24
N LYS B 219 -63.63 -5.55 -23.23
CA LYS B 219 -63.12 -5.70 -24.58
C LYS B 219 -63.13 -4.34 -25.26
N VAL B 220 -62.00 -3.95 -25.84
CA VAL B 220 -61.91 -2.75 -26.67
C VAL B 220 -61.89 -3.20 -28.13
N THR B 221 -62.76 -2.60 -28.93
CA THR B 221 -62.79 -2.75 -30.39
C THR B 221 -62.53 -1.40 -31.05
N LEU B 222 -61.65 -1.40 -32.03
CA LEU B 222 -61.42 -0.23 -32.87
C LEU B 222 -61.87 -0.60 -34.26
N CYS B 223 -62.64 0.28 -34.90
CA CYS B 223 -63.02 0.04 -36.28
C CYS B 223 -62.54 1.19 -37.14
N TYR B 224 -62.30 0.87 -38.42
CA TYR B 224 -61.80 1.85 -39.38
C TYR B 224 -62.35 1.48 -40.74
N ARG B 225 -62.82 2.48 -41.49
CA ARG B 225 -63.59 2.21 -42.69
C ARG B 225 -62.74 1.67 -43.83
N ASN B 226 -61.42 1.89 -43.82
CA ASN B 226 -60.59 1.37 -44.88
C ASN B 226 -59.75 0.20 -44.37
N ASN B 227 -58.71 -0.16 -45.11
CA ASN B 227 -58.05 -1.45 -44.92
C ASN B 227 -56.97 -1.43 -43.84
N LEU B 228 -56.41 -0.27 -43.51
CA LEU B 228 -55.27 -0.26 -42.60
C LEU B 228 -55.27 1.04 -41.80
N ILE B 229 -55.18 0.94 -40.47
CA ILE B 229 -55.28 2.15 -39.65
C ILE B 229 -54.09 3.08 -39.88
N LEU B 230 -54.22 4.30 -39.37
CA LEU B 230 -53.13 5.28 -39.26
C LEU B 230 -52.59 5.71 -40.62
N ARG B 231 -53.53 6.10 -41.50
CA ARG B 231 -53.15 6.67 -42.79
C ARG B 231 -52.27 7.89 -42.59
N GLY B 232 -51.24 8.01 -43.43
CA GLY B 232 -50.29 9.09 -43.36
C GLY B 232 -49.02 8.75 -42.62
N PHE B 233 -49.03 7.63 -41.91
CA PHE B 233 -47.85 7.11 -41.23
C PHE B 233 -47.20 6.02 -42.08
N ASP B 234 -45.98 5.70 -41.72
CA ASP B 234 -45.20 4.69 -42.43
C ASP B 234 -45.96 3.36 -42.49
N GLU B 235 -45.97 2.74 -43.67
CA GLU B 235 -46.81 1.56 -43.88
C GLU B 235 -46.33 0.37 -43.05
N THR B 236 -45.01 0.16 -42.97
CA THR B 236 -44.52 -0.90 -42.11
C THR B 236 -45.02 -0.70 -40.69
N ILE B 237 -44.97 0.55 -40.19
CA ILE B 237 -45.36 0.81 -38.82
C ILE B 237 -46.87 0.67 -38.64
N ARG B 238 -47.65 1.06 -39.65
CA ARG B 238 -49.09 0.89 -39.57
C ARG B 238 -49.45 -0.58 -39.38
N GLU B 239 -48.78 -1.44 -40.14
CA GLU B 239 -49.05 -2.88 -40.02
C GLU B 239 -48.58 -3.41 -38.68
N GLU B 240 -47.41 -2.95 -38.22
CA GLU B 240 -46.84 -3.50 -36.99
C GLU B 240 -47.66 -3.07 -35.78
N VAL B 241 -48.07 -1.80 -35.75
CA VAL B 241 -48.83 -1.34 -34.60
C VAL B 241 -50.20 -2.04 -34.56
N THR B 242 -50.79 -2.29 -35.74
CA THR B 242 -51.98 -3.14 -35.80
C THR B 242 -51.71 -4.47 -35.11
N LYS B 243 -50.58 -5.08 -35.42
CA LYS B 243 -50.25 -6.39 -34.87
C LYS B 243 -50.03 -6.30 -33.36
N GLN B 244 -49.34 -5.26 -32.90
CA GLN B 244 -49.04 -5.19 -31.48
C GLN B 244 -50.26 -4.75 -30.67
N LEU B 245 -51.18 -3.97 -31.25
CA LEU B 245 -52.42 -3.68 -30.55
C LEU B 245 -53.25 -4.94 -30.40
N THR B 246 -53.29 -5.75 -31.45
CA THR B 246 -54.02 -7.02 -31.38
C THR B 246 -53.41 -7.93 -30.33
N ALA B 247 -52.08 -7.99 -30.28
CA ALA B 247 -51.42 -8.86 -29.31
C ALA B 247 -51.72 -8.46 -27.87
N ASN B 248 -52.15 -7.21 -27.63
CA ASN B 248 -52.49 -6.76 -26.29
C ASN B 248 -54.00 -6.77 -26.05
N GLY B 249 -54.76 -7.41 -26.94
CA GLY B 249 -56.15 -7.71 -26.67
C GLY B 249 -57.16 -6.80 -27.33
N ILE B 250 -56.72 -5.87 -28.15
CA ILE B 250 -57.62 -4.95 -28.83
C ILE B 250 -58.01 -5.58 -30.16
N GLU B 251 -59.31 -5.57 -30.46
CA GLU B 251 -59.79 -6.09 -31.73
C GLU B 251 -59.83 -4.97 -32.76
N ILE B 252 -59.18 -5.17 -33.90
CA ILE B 252 -59.13 -4.18 -34.98
C ILE B 252 -60.08 -4.65 -36.09
N MET B 253 -61.20 -3.93 -36.29
CA MET B 253 -62.13 -4.20 -37.38
C MET B 253 -61.84 -3.22 -38.52
N THR B 254 -61.12 -3.67 -39.53
CA THR B 254 -60.91 -2.83 -40.70
C THR B 254 -62.00 -3.08 -41.75
N ASN B 255 -62.12 -2.13 -42.68
CA ASN B 255 -63.14 -2.12 -43.72
C ASN B 255 -64.54 -2.23 -43.11
N GLU B 256 -64.74 -1.58 -41.97
CA GLU B 256 -66.04 -1.54 -41.31
C GLU B 256 -66.35 -0.12 -40.86
N ASN B 257 -67.62 0.27 -41.03
CA ASN B 257 -68.03 1.63 -40.72
C ASN B 257 -69.43 1.59 -40.13
N PRO B 258 -69.66 2.22 -38.98
CA PRO B 258 -71.01 2.26 -38.41
C PRO B 258 -72.01 2.90 -39.36
N ALA B 259 -73.16 2.25 -39.52
CA ALA B 259 -74.29 2.79 -40.27
C ALA B 259 -75.37 3.37 -39.37
N LYS B 260 -75.56 2.83 -38.17
CA LYS B 260 -76.48 3.41 -37.20
C LYS B 260 -76.13 2.90 -35.80
N VAL B 261 -76.62 3.65 -34.82
CA VAL B 261 -76.47 3.29 -33.41
C VAL B 261 -77.82 3.48 -32.74
N SER B 262 -78.19 2.55 -31.86
CA SER B 262 -79.45 2.61 -31.14
C SER B 262 -79.22 2.27 -29.68
N LEU B 263 -80.20 2.66 -28.85
CA LEU B 263 -80.14 2.51 -27.39
C LEU B 263 -80.69 1.15 -26.99
N ASN B 264 -79.91 0.40 -26.20
CA ASN B 264 -80.43 -0.84 -25.61
C ASN B 264 -81.13 -0.54 -24.28
N THR B 265 -81.99 -1.48 -23.86
CA THR B 265 -82.78 -1.26 -22.64
C THR B 265 -81.90 -1.16 -21.41
N ASP B 266 -80.71 -1.75 -21.43
CA ASP B 266 -79.79 -1.64 -20.29
C ASP B 266 -78.89 -0.41 -20.36
N GLY B 267 -79.10 0.47 -21.34
CA GLY B 267 -78.26 1.65 -21.49
C GLY B 267 -77.08 1.49 -22.41
N SER B 268 -76.72 0.26 -22.79
CA SER B 268 -75.64 0.07 -23.74
C SER B 268 -76.10 0.46 -25.15
N LYS B 269 -75.18 0.39 -26.11
CA LYS B 269 -75.41 0.82 -27.48
C LYS B 269 -75.35 -0.37 -28.42
N HIS B 270 -76.29 -0.41 -29.37
CA HIS B 270 -76.34 -1.40 -30.43
C HIS B 270 -75.84 -0.72 -31.71
N VAL B 271 -74.66 -1.11 -32.18
CA VAL B 271 -74.07 -0.55 -33.39
C VAL B 271 -74.37 -1.48 -34.56
N THR B 272 -74.87 -0.93 -35.66
CA THR B 272 -75.00 -1.67 -36.91
C THR B 272 -74.02 -1.11 -37.93
N PHE B 273 -73.20 -1.98 -38.50
CA PHE B 273 -72.22 -1.57 -39.49
C PHE B 273 -72.82 -1.60 -40.88
N GLU B 274 -72.17 -0.89 -41.82
CA GLU B 274 -72.63 -0.88 -43.21
C GLU B 274 -72.69 -2.28 -43.79
N SER B 275 -71.84 -3.17 -43.28
CA SER B 275 -71.76 -4.55 -43.76
C SER B 275 -72.88 -5.43 -43.26
N GLY B 276 -73.70 -4.95 -42.32
CA GLY B 276 -74.67 -5.79 -41.67
C GLY B 276 -74.25 -6.31 -40.30
N LYS B 277 -72.95 -6.34 -40.01
N LYS B 277 -72.95 -6.33 -40.01
N LYS B 277 -72.95 -6.34 -40.01
N LYS B 277 -72.95 -6.33 -40.01
CA LYS B 277 -72.49 -6.79 -38.71
CA LYS B 277 -72.49 -6.79 -38.71
CA LYS B 277 -72.49 -6.79 -38.71
CA LYS B 277 -72.49 -6.79 -38.71
C LYS B 277 -73.03 -5.88 -37.60
C LYS B 277 -73.01 -5.88 -37.60
C LYS B 277 -73.03 -5.88 -37.60
C LYS B 277 -73.02 -5.88 -37.60
N THR B 278 -73.15 -6.44 -36.40
CA THR B 278 -73.62 -5.68 -35.25
C THR B 278 -72.71 -5.93 -34.07
N LEU B 279 -72.72 -4.97 -33.14
CA LEU B 279 -71.87 -5.02 -31.96
C LEU B 279 -72.53 -4.24 -30.83
N ASP B 280 -72.66 -4.87 -29.66
CA ASP B 280 -73.16 -4.19 -28.48
C ASP B 280 -71.99 -3.72 -27.62
N VAL B 281 -71.98 -2.43 -27.28
CA VAL B 281 -70.91 -1.86 -26.46
C VAL B 281 -71.51 -0.89 -25.45
N ASP B 282 -70.74 -0.59 -24.42
CA ASP B 282 -71.18 0.40 -23.44
C ASP B 282 -70.96 1.83 -23.95
N VAL B 283 -69.92 2.05 -24.73
CA VAL B 283 -69.57 3.39 -25.22
C VAL B 283 -69.12 3.26 -26.68
N VAL B 284 -69.58 4.19 -27.51
CA VAL B 284 -69.11 4.36 -28.89
C VAL B 284 -68.45 5.73 -28.93
N MET B 285 -67.12 5.76 -29.08
CA MET B 285 -66.38 7.02 -29.19
C MET B 285 -66.02 7.26 -30.65
N MET B 286 -66.61 8.31 -31.24
CA MET B 286 -66.31 8.72 -32.60
C MET B 286 -65.03 9.53 -32.61
N ALA B 287 -64.04 9.04 -33.36
CA ALA B 287 -62.78 9.73 -33.53
C ALA B 287 -62.37 9.66 -35.01
N ILE B 288 -63.28 10.13 -35.88
CA ILE B 288 -63.06 10.02 -37.33
C ILE B 288 -62.44 11.27 -37.92
N GLY B 289 -62.22 12.30 -37.12
CA GLY B 289 -61.61 13.52 -37.63
C GLY B 289 -61.95 14.68 -36.74
N ARG B 290 -61.24 15.79 -36.99
CA ARG B 290 -61.50 17.05 -36.34
C ARG B 290 -61.56 18.13 -37.41
N ILE B 291 -62.52 19.04 -37.26
CA ILE B 291 -62.77 20.04 -38.29
C ILE B 291 -62.62 21.45 -37.73
N PRO B 292 -62.21 22.41 -38.56
CA PRO B 292 -61.95 23.77 -38.07
C PRO B 292 -63.19 24.37 -37.44
N ARG B 293 -62.99 25.10 -36.35
CA ARG B 293 -64.10 25.64 -35.57
C ARG B 293 -64.38 27.05 -36.05
N THR B 294 -65.21 27.17 -37.10
CA THR B 294 -65.43 28.43 -37.79
C THR B 294 -66.86 28.94 -37.70
N ASN B 295 -67.81 28.15 -37.20
CA ASN B 295 -69.22 28.48 -37.37
C ASN B 295 -69.64 29.65 -36.47
N ASP B 296 -69.11 29.73 -35.26
CA ASP B 296 -69.54 30.78 -34.34
C ASP B 296 -68.85 32.11 -34.59
N LEU B 297 -67.91 32.20 -35.53
CA LEU B 297 -67.12 33.41 -35.70
C LEU B 297 -67.80 34.46 -36.59
N GLN B 298 -68.85 34.09 -37.34
CA GLN B 298 -69.57 35.02 -38.21
C GLN B 298 -68.65 35.63 -39.26
N LEU B 299 -67.82 34.77 -39.88
CA LEU B 299 -66.88 35.27 -40.88
C LEU B 299 -67.59 35.94 -42.05
N GLY B 300 -68.90 35.69 -42.22
CA GLY B 300 -69.65 36.35 -43.27
C GLY B 300 -69.86 37.84 -43.05
N ASN B 301 -69.81 38.28 -41.79
CA ASN B 301 -69.91 39.71 -41.51
C ASN B 301 -68.80 40.50 -42.17
N VAL B 302 -67.61 39.92 -42.30
CA VAL B 302 -66.48 40.63 -42.88
C VAL B 302 -65.97 39.99 -44.16
N GLY B 303 -66.40 38.78 -44.48
CA GLY B 303 -66.01 38.15 -45.74
C GLY B 303 -64.72 37.38 -45.72
N VAL B 304 -64.34 36.77 -44.59
CA VAL B 304 -63.14 35.96 -44.55
C VAL B 304 -63.38 34.67 -45.32
N LYS B 305 -62.53 34.40 -46.30
CA LYS B 305 -62.74 33.28 -47.22
C LYS B 305 -62.31 31.96 -46.57
N LEU B 306 -63.16 30.94 -46.71
CA LEU B 306 -62.84 29.58 -46.29
C LEU B 306 -62.37 28.76 -47.48
N THR B 307 -61.64 27.69 -47.19
CA THR B 307 -61.24 26.74 -48.22
C THR B 307 -62.38 25.76 -48.46
N PRO B 308 -62.32 24.99 -49.56
CA PRO B 308 -63.36 23.98 -49.77
C PRO B 308 -63.54 23.04 -48.59
N LYS B 309 -62.45 22.73 -47.88
CA LYS B 309 -62.52 21.80 -46.75
C LYS B 309 -63.06 22.43 -45.47
N GLY B 310 -63.16 23.76 -45.41
CA GLY B 310 -63.75 24.44 -44.26
C GLY B 310 -62.77 25.18 -43.37
N GLY B 311 -61.47 25.11 -43.62
CA GLY B 311 -60.55 25.94 -42.88
C GLY B 311 -60.60 27.39 -43.32
N VAL B 312 -60.11 28.28 -42.45
CA VAL B 312 -59.89 29.66 -42.87
C VAL B 312 -58.70 29.68 -43.83
N GLN B 313 -58.91 30.22 -45.03
CA GLN B 313 -57.82 30.28 -45.98
C GLN B 313 -56.78 31.29 -45.52
N VAL B 314 -55.49 30.92 -45.63
CA VAL B 314 -54.39 31.78 -45.24
C VAL B 314 -53.25 31.64 -46.24
N ASP B 315 -52.43 32.69 -46.34
CA ASP B 315 -51.16 32.57 -47.05
C ASP B 315 -50.08 32.05 -46.11
N GLU B 316 -48.84 31.99 -46.62
CA GLU B 316 -47.75 31.42 -45.83
C GLU B 316 -47.47 32.22 -44.56
N PHE B 317 -47.97 33.46 -44.48
CA PHE B 317 -47.77 34.31 -43.32
C PHE B 317 -49.00 34.40 -42.46
N SER B 318 -49.95 33.47 -42.64
CA SER B 318 -51.17 33.36 -41.82
C SER B 318 -52.15 34.50 -42.06
N ARG B 319 -52.05 35.18 -43.21
CA ARG B 319 -52.96 36.28 -43.52
C ARG B 319 -54.18 35.77 -44.28
N THR B 320 -55.37 36.19 -43.84
CA THR B 320 -56.58 35.94 -44.59
C THR B 320 -56.67 36.88 -45.80
N ASN B 321 -57.79 36.79 -46.51
CA ASN B 321 -58.05 37.72 -47.61
C ASN B 321 -58.44 39.10 -47.11
N VAL B 322 -58.87 39.21 -45.86
CA VAL B 322 -59.27 40.49 -45.28
C VAL B 322 -58.04 41.08 -44.58
N PRO B 323 -57.55 42.25 -45.01
CA PRO B 323 -56.41 42.87 -44.33
C PRO B 323 -56.66 43.00 -42.83
N ASN B 324 -55.60 42.80 -42.05
CA ASN B 324 -55.52 42.92 -40.58
CA ASN B 324 -55.58 42.97 -40.58
C ASN B 324 -56.21 41.79 -39.84
N ILE B 325 -56.69 40.75 -40.53
CA ILE B 325 -57.26 39.57 -39.90
C ILE B 325 -56.43 38.35 -40.29
N TYR B 326 -56.04 37.56 -39.29
CA TYR B 326 -55.13 36.43 -39.48
C TYR B 326 -55.72 35.18 -38.85
N ALA B 327 -55.23 34.02 -39.29
CA ALA B 327 -55.65 32.76 -38.69
C ALA B 327 -54.45 31.83 -38.55
N ILE B 328 -54.37 31.16 -37.40
CA ILE B 328 -53.31 30.20 -37.12
C ILE B 328 -53.95 29.00 -36.46
N GLY B 329 -53.22 27.88 -36.47
CA GLY B 329 -53.61 26.71 -35.70
C GLY B 329 -54.61 25.84 -36.43
N ASP B 330 -55.34 25.04 -35.67
CA ASP B 330 -56.20 24.02 -36.28
C ASP B 330 -57.27 24.65 -37.18
N ILE B 331 -57.58 25.93 -36.99
CA ILE B 331 -58.63 26.55 -37.80
C ILE B 331 -58.19 26.67 -39.25
N THR B 332 -56.89 26.60 -39.55
CA THR B 332 -56.41 26.61 -40.92
C THR B 332 -56.35 25.23 -41.55
N ASP B 333 -56.71 24.18 -40.80
CA ASP B 333 -56.93 22.84 -41.35
C ASP B 333 -55.69 22.31 -42.07
N ARG B 334 -54.53 22.57 -41.50
CA ARG B 334 -53.31 22.02 -42.04
C ARG B 334 -52.77 20.97 -41.07
N LEU B 335 -51.60 21.22 -40.48
CA LEU B 335 -51.07 20.34 -39.45
C LEU B 335 -51.72 20.68 -38.11
N MET B 336 -52.48 19.73 -37.55
CA MET B 336 -53.17 19.97 -36.28
C MET B 336 -52.31 19.43 -35.14
N LEU B 337 -51.28 20.20 -34.80
CA LEU B 337 -50.37 19.89 -33.72
C LEU B 337 -50.16 21.16 -32.91
N THR B 338 -50.06 20.99 -31.59
CA THR B 338 -49.84 22.15 -30.71
C THR B 338 -48.55 22.91 -31.01
N PRO B 339 -47.39 22.26 -31.15
CA PRO B 339 -46.17 23.03 -31.45
C PRO B 339 -46.20 23.76 -32.79
N VAL B 340 -46.96 23.24 -33.77
CA VAL B 340 -47.12 23.98 -35.02
C VAL B 340 -47.95 25.24 -34.78
N ALA B 341 -49.03 25.13 -34.00
CA ALA B 341 -49.85 26.31 -33.73
C ALA B 341 -49.04 27.38 -33.00
N ILE B 342 -48.25 26.95 -32.01
CA ILE B 342 -47.35 27.86 -31.30
C ILE B 342 -46.40 28.55 -32.27
N ASN B 343 -45.72 27.76 -33.12
CA ASN B 343 -44.79 28.34 -34.09
C ASN B 343 -45.49 29.36 -34.99
N GLU B 344 -46.67 28.99 -35.51
CA GLU B 344 -47.43 29.91 -36.36
C GLU B 344 -47.74 31.23 -35.64
N GLY B 345 -48.18 31.14 -34.39
CA GLY B 345 -48.51 32.36 -33.65
C GLY B 345 -47.31 33.26 -33.44
N ALA B 346 -46.16 32.66 -33.12
CA ALA B 346 -44.95 33.44 -32.92
C ALA B 346 -44.50 34.06 -34.23
N ALA B 347 -44.50 33.28 -35.32
CA ALA B 347 -44.13 33.82 -36.62
C ALA B 347 -45.02 35.00 -36.98
N LEU B 348 -46.32 34.86 -36.73
CA LEU B 348 -47.28 35.91 -37.06
C LEU B 348 -46.91 37.23 -36.38
N VAL B 349 -46.70 37.18 -35.06
CA VAL B 349 -46.41 38.39 -34.30
C VAL B 349 -45.06 38.99 -34.69
N ASP B 350 -44.05 38.14 -34.94
CA ASP B 350 -42.79 38.67 -35.43
C ASP B 350 -42.97 39.41 -36.76
N THR B 351 -43.84 38.88 -37.63
CA THR B 351 -44.10 39.52 -38.91
C THR B 351 -44.82 40.85 -38.74
N VAL B 352 -45.88 40.85 -37.95
CA VAL B 352 -46.76 42.01 -37.86
C VAL B 352 -46.10 43.12 -37.03
N PHE B 353 -45.52 42.78 -35.89
CA PHE B 353 -45.10 43.76 -34.90
C PHE B 353 -43.60 43.93 -34.77
N GLY B 354 -42.81 43.09 -35.42
CA GLY B 354 -41.37 43.26 -35.48
C GLY B 354 -40.96 43.54 -36.91
N ASN B 355 -39.70 43.92 -37.07
CA ASN B 355 -39.18 44.15 -38.41
C ASN B 355 -38.38 42.93 -38.87
N LYS B 356 -39.15 41.86 -39.13
CA LYS B 356 -38.66 40.66 -39.80
C LYS B 356 -39.83 39.72 -40.06
N PRO B 357 -40.31 39.63 -41.29
CA PRO B 357 -41.31 38.62 -41.62
C PRO B 357 -40.77 37.22 -41.34
N ARG B 358 -41.63 36.36 -40.82
CA ARG B 358 -41.28 35.00 -40.46
C ARG B 358 -42.45 34.09 -40.83
N LYS B 359 -42.16 33.01 -41.55
CA LYS B 359 -43.19 32.03 -41.91
C LYS B 359 -42.84 30.67 -41.33
N THR B 360 -43.86 29.95 -40.90
CA THR B 360 -43.67 28.63 -40.33
C THR B 360 -43.33 27.62 -41.42
N ASP B 361 -42.36 26.76 -41.14
CA ASP B 361 -42.01 25.65 -42.03
C ASP B 361 -42.85 24.45 -41.61
N HIS B 362 -43.76 24.01 -42.48
CA HIS B 362 -44.61 22.85 -42.20
C HIS B 362 -44.03 21.55 -42.74
N THR B 363 -42.81 21.56 -43.27
CA THR B 363 -42.15 20.32 -43.63
C THR B 363 -41.29 19.83 -42.46
N ARG B 364 -41.05 18.52 -42.44
CA ARG B 364 -40.08 17.93 -41.51
C ARG B 364 -40.44 18.24 -40.05
N VAL B 365 -41.74 18.25 -39.76
CA VAL B 365 -42.22 18.45 -38.41
C VAL B 365 -42.25 17.09 -37.71
N ALA B 366 -41.47 16.95 -36.65
CA ALA B 366 -41.53 15.70 -35.91
C ALA B 366 -42.81 15.63 -35.11
N SER B 367 -43.36 14.42 -34.98
CA SER B 367 -44.59 14.23 -34.23
C SER B 367 -44.61 12.81 -33.69
N ALA B 368 -45.64 12.51 -32.90
CA ALA B 368 -45.69 11.22 -32.25
C ALA B 368 -47.13 10.74 -32.17
N VAL B 369 -47.27 9.42 -32.00
CA VAL B 369 -48.51 8.78 -31.57
C VAL B 369 -48.22 8.03 -30.28
N PHE B 370 -48.95 8.36 -29.22
CA PHE B 370 -48.75 7.65 -27.96
C PHE B 370 -49.64 6.42 -27.85
N SER B 371 -49.56 5.62 -28.90
CA SER B 371 -50.04 4.26 -28.86
C SER B 371 -49.14 3.43 -27.95
N ILE B 372 -49.63 2.26 -27.59
CA ILE B 372 -48.79 1.32 -26.84
C ILE B 372 -48.50 0.13 -27.75
N PRO B 373 -47.26 0.00 -28.26
CA PRO B 373 -46.12 0.92 -28.12
C PRO B 373 -46.26 2.13 -29.04
N PRO B 374 -45.44 3.18 -28.81
CA PRO B 374 -45.67 4.45 -29.51
C PRO B 374 -44.87 4.64 -30.78
N ILE B 375 -45.28 5.66 -31.54
CA ILE B 375 -44.69 6.04 -32.81
C ILE B 375 -43.98 7.39 -32.67
N GLY B 376 -42.82 7.51 -33.28
CA GLY B 376 -42.20 8.82 -33.52
C GLY B 376 -41.79 8.94 -34.97
N THR B 377 -42.03 10.12 -35.56
CA THR B 377 -41.84 10.27 -36.99
C THR B 377 -41.49 11.71 -37.33
N CYS B 378 -40.70 11.88 -38.39
CA CYS B 378 -40.36 13.20 -38.89
C CYS B 378 -40.08 13.08 -40.38
N GLY B 379 -40.78 13.87 -41.18
CA GLY B 379 -40.51 13.91 -42.62
C GLY B 379 -41.36 12.93 -43.40
N LEU B 380 -40.91 12.64 -44.61
CA LEU B 380 -41.76 11.99 -45.61
C LEU B 380 -41.78 10.47 -45.44
N ILE B 381 -42.98 9.89 -45.61
CA ILE B 381 -43.06 8.44 -45.78
C ILE B 381 -42.65 8.09 -47.20
N GLU B 382 -42.24 6.83 -47.38
CA GLU B 382 -41.56 6.46 -48.62
C GLU B 382 -42.44 6.62 -49.86
N GLU B 383 -43.74 6.35 -49.76
CA GLU B 383 -44.57 6.48 -50.96
C GLU B 383 -44.77 7.93 -51.35
N VAL B 384 -44.77 8.86 -50.38
CA VAL B 384 -44.84 10.27 -50.73
C VAL B 384 -43.51 10.75 -51.32
N ALA B 385 -42.39 10.25 -50.78
CA ALA B 385 -41.09 10.57 -51.35
C ALA B 385 -40.96 10.05 -52.77
N ALA B 386 -41.50 8.87 -53.03
CA ALA B 386 -41.34 8.25 -54.35
C ALA B 386 -42.06 9.03 -55.44
N LYS B 387 -43.06 9.83 -55.10
CA LYS B 387 -43.68 10.70 -56.10
C LYS B 387 -42.88 11.96 -56.35
N GLU B 388 -41.99 12.35 -55.44
CA GLU B 388 -41.24 13.59 -55.54
C GLU B 388 -39.81 13.40 -56.04
N PHE B 389 -39.25 12.19 -55.95
CA PHE B 389 -37.85 11.93 -56.24
C PHE B 389 -37.71 10.71 -57.13
N GLU B 390 -36.79 10.77 -58.08
CA GLU B 390 -36.62 9.67 -59.02
C GLU B 390 -36.09 8.43 -58.33
N LYS B 391 -35.21 8.60 -57.34
CA LYS B 391 -34.55 7.49 -56.67
C LYS B 391 -34.67 7.66 -55.16
N VAL B 392 -35.39 6.75 -54.50
CA VAL B 392 -35.60 6.75 -53.06
C VAL B 392 -35.06 5.44 -52.52
N ALA B 393 -34.31 5.51 -51.42
CA ALA B 393 -33.86 4.31 -50.71
C ALA B 393 -34.54 4.25 -49.34
N VAL B 394 -34.88 3.04 -48.92
CA VAL B 394 -35.49 2.79 -47.62
C VAL B 394 -34.55 1.87 -46.86
N TYR B 395 -34.08 2.35 -45.71
CA TYR B 395 -33.26 1.59 -44.79
C TYR B 395 -34.15 1.15 -43.65
N MET B 396 -34.10 -0.14 -43.31
CA MET B 396 -35.08 -0.71 -42.38
C MET B 396 -34.39 -1.62 -41.38
N SER B 397 -34.78 -1.48 -40.12
CA SER B 397 -34.32 -2.34 -39.04
C SER B 397 -35.52 -2.69 -38.18
N SER B 398 -35.74 -3.98 -37.94
CA SER B 398 -36.94 -4.41 -37.23
C SER B 398 -36.63 -5.67 -36.44
N PHE B 399 -36.80 -5.62 -35.12
CA PHE B 399 -36.49 -6.76 -34.27
C PHE B 399 -37.16 -6.55 -32.93
N THR B 400 -37.35 -7.63 -32.20
CA THR B 400 -37.77 -7.50 -30.82
C THR B 400 -36.56 -7.26 -29.95
N PRO B 401 -36.51 -6.15 -29.19
CA PRO B 401 -35.34 -5.89 -28.34
C PRO B 401 -35.18 -6.97 -27.28
N LEU B 402 -33.93 -7.18 -26.87
CA LEU B 402 -33.59 -8.21 -25.90
C LEU B 402 -34.50 -8.14 -24.66
N MET B 403 -34.75 -6.93 -24.15
CA MET B 403 -35.51 -6.85 -22.90
C MET B 403 -36.92 -7.41 -23.05
N HIS B 404 -37.50 -7.35 -24.26
CA HIS B 404 -38.84 -7.88 -24.42
C HIS B 404 -38.87 -9.35 -24.73
N ASN B 405 -37.74 -9.95 -25.06
CA ASN B 405 -37.63 -11.41 -24.98
C ASN B 405 -37.63 -11.86 -23.52
N ILE B 406 -37.13 -11.05 -22.60
CA ILE B 406 -37.18 -11.43 -21.18
C ILE B 406 -38.51 -11.03 -20.54
N SER B 407 -39.05 -9.89 -20.93
CA SER B 407 -40.32 -9.44 -20.35
C SER B 407 -41.47 -10.34 -20.73
N GLY B 408 -41.35 -11.08 -21.83
CA GLY B 408 -42.45 -11.88 -22.32
C GLY B 408 -43.30 -11.20 -23.38
N SER B 409 -43.09 -9.91 -23.64
CA SER B 409 -43.81 -9.20 -24.70
C SER B 409 -43.03 -9.32 -26.02
N LYS B 410 -42.91 -10.56 -26.49
CA LYS B 410 -42.09 -10.83 -27.67
C LYS B 410 -42.66 -10.18 -28.91
N TYR B 411 -43.93 -9.79 -28.88
CA TYR B 411 -44.56 -9.13 -30.01
C TYR B 411 -44.08 -7.69 -30.19
N LYS B 412 -43.34 -7.15 -29.22
CA LYS B 412 -42.95 -5.73 -29.26
C LYS B 412 -41.67 -5.55 -30.09
N LYS B 413 -41.84 -5.67 -31.41
CA LYS B 413 -40.77 -5.36 -32.33
C LYS B 413 -40.58 -3.84 -32.42
N PHE B 414 -39.32 -3.41 -32.30
CA PHE B 414 -38.94 -2.04 -32.58
C PHE B 414 -38.72 -1.90 -34.08
N VAL B 415 -39.26 -0.85 -34.69
CA VAL B 415 -39.07 -0.59 -36.11
C VAL B 415 -38.39 0.76 -36.26
N ALA B 416 -37.31 0.79 -37.03
CA ALA B 416 -36.62 2.03 -37.39
C ALA B 416 -36.46 2.06 -38.90
N LYS B 417 -37.00 3.10 -39.55
CA LYS B 417 -36.86 3.24 -40.99
C LYS B 417 -36.36 4.63 -41.33
N ILE B 418 -35.40 4.68 -42.26
CA ILE B 418 -34.88 5.94 -42.79
C ILE B 418 -35.16 5.96 -44.30
N VAL B 419 -35.72 7.07 -44.77
CA VAL B 419 -36.06 7.26 -46.19
C VAL B 419 -35.14 8.32 -46.74
N THR B 420 -34.41 8.01 -47.81
CA THR B 420 -33.49 8.96 -48.38
C THR B 420 -33.82 9.25 -49.84
N ASN B 421 -33.37 10.41 -50.29
CA ASN B 421 -33.15 10.67 -51.71
C ASN B 421 -31.85 9.94 -52.07
N HIS B 422 -31.97 8.80 -52.74
CA HIS B 422 -30.78 8.00 -52.99
C HIS B 422 -29.79 8.70 -53.92
N SER B 423 -30.24 9.72 -54.66
CA SER B 423 -29.34 10.42 -55.57
C SER B 423 -28.23 11.15 -54.81
N ASP B 424 -28.50 11.62 -53.59
CA ASP B 424 -27.47 12.33 -52.85
C ASP B 424 -27.42 11.96 -51.37
N GLY B 425 -28.11 10.91 -50.93
CA GLY B 425 -28.09 10.48 -49.55
C GLY B 425 -28.90 11.32 -48.57
N THR B 426 -29.58 12.37 -49.01
CA THR B 426 -30.31 13.25 -48.07
C THR B 426 -31.41 12.47 -47.37
N VAL B 427 -31.49 12.59 -46.04
CA VAL B 427 -32.58 11.95 -45.30
C VAL B 427 -33.85 12.74 -45.50
N LEU B 428 -34.88 12.09 -46.00
CA LEU B 428 -36.18 12.69 -46.23
C LEU B 428 -37.18 12.39 -45.12
N GLY B 429 -37.04 11.27 -44.45
CA GLY B 429 -37.97 10.90 -43.40
C GLY B 429 -37.36 9.86 -42.51
N VAL B 430 -37.79 9.86 -41.24
CA VAL B 430 -37.38 8.89 -40.24
C VAL B 430 -38.63 8.49 -39.47
N HIS B 431 -38.85 7.18 -39.33
CA HIS B 431 -40.09 6.63 -38.77
C HIS B 431 -39.76 5.53 -37.79
N LEU B 432 -40.28 5.64 -36.58
CA LEU B 432 -39.90 4.79 -35.45
C LEU B 432 -41.13 4.22 -34.78
N LEU B 433 -41.08 2.94 -34.41
CA LEU B 433 -42.09 2.34 -33.56
C LEU B 433 -41.41 1.55 -32.43
N GLY B 434 -41.82 1.83 -31.19
CA GLY B 434 -41.26 1.16 -30.01
C GLY B 434 -41.08 2.08 -28.82
N ASP B 435 -40.83 1.52 -27.63
CA ASP B 435 -40.62 2.34 -26.44
C ASP B 435 -39.59 3.42 -26.73
N GLY B 436 -39.90 4.66 -26.33
CA GLY B 436 -38.98 5.76 -26.49
C GLY B 436 -39.03 6.47 -27.81
N ALA B 437 -39.78 5.96 -28.78
CA ALA B 437 -39.75 6.56 -30.11
C ALA B 437 -40.09 8.04 -30.15
N PRO B 438 -41.09 8.56 -29.41
CA PRO B 438 -41.29 10.02 -29.40
C PRO B 438 -40.09 10.81 -28.88
N GLU B 439 -39.35 10.29 -27.89
CA GLU B 439 -38.17 10.98 -27.39
C GLU B 439 -37.03 10.90 -28.40
N ILE B 440 -36.83 9.74 -29.01
CA ILE B 440 -35.72 9.57 -29.96
C ILE B 440 -35.84 10.54 -31.12
N ILE B 441 -37.09 10.80 -31.55
CA ILE B 441 -37.29 11.47 -32.83
C ILE B 441 -37.03 12.97 -32.76
N GLN B 442 -37.04 13.57 -31.56
CA GLN B 442 -36.97 15.03 -31.49
C GLN B 442 -35.71 15.57 -32.15
N ALA B 443 -34.55 15.05 -31.78
CA ALA B 443 -33.31 15.59 -32.35
C ALA B 443 -33.13 15.17 -33.80
N VAL B 444 -33.86 14.15 -34.25
CA VAL B 444 -33.89 13.84 -35.68
C VAL B 444 -34.51 15.01 -36.43
N GLY B 445 -35.52 15.65 -35.84
CA GLY B 445 -36.06 16.85 -36.44
C GLY B 445 -35.03 17.95 -36.60
N VAL B 446 -34.07 18.03 -35.67
CA VAL B 446 -32.99 18.99 -35.82
C VAL B 446 -32.06 18.55 -36.95
N CYS B 447 -31.77 17.24 -37.03
CA CYS B 447 -30.91 16.71 -38.09
C CYS B 447 -31.41 17.06 -39.46
N LEU B 448 -32.73 16.99 -39.67
CA LEU B 448 -33.30 17.27 -40.98
C LEU B 448 -33.17 18.74 -41.36
N ARG B 449 -32.93 19.61 -40.39
N ARG B 449 -32.92 19.61 -40.40
N ARG B 449 -32.93 19.61 -40.39
N ARG B 449 -32.92 19.61 -40.40
CA ARG B 449 -32.66 21.02 -40.66
CA ARG B 449 -32.65 21.02 -40.65
CA ARG B 449 -32.66 21.02 -40.66
CA ARG B 449 -32.65 21.02 -40.65
C ARG B 449 -31.19 21.29 -40.96
C ARG B 449 -31.17 21.31 -40.89
C ARG B 449 -31.19 21.29 -40.96
C ARG B 449 -31.17 21.31 -40.89
N LEU B 450 -30.32 20.29 -40.83
CA LEU B 450 -28.91 20.41 -41.14
C LEU B 450 -28.56 19.62 -42.40
N ASN B 451 -29.58 19.36 -43.23
CA ASN B 451 -29.52 18.50 -44.40
C ASN B 451 -28.63 17.27 -44.17
N ALA B 452 -29.01 16.54 -43.12
CA ALA B 452 -28.30 15.33 -42.77
C ALA B 452 -28.46 14.29 -43.87
N LYS B 453 -27.39 13.55 -44.10
CA LYS B 453 -27.40 12.44 -45.04
C LYS B 453 -27.35 11.14 -44.27
N ILE B 454 -27.72 10.05 -44.95
CA ILE B 454 -27.67 8.74 -44.31
C ILE B 454 -26.27 8.49 -43.75
N SER B 455 -25.23 8.91 -44.47
CA SER B 455 -23.87 8.70 -43.97
C SER B 455 -23.55 9.55 -42.76
N ASP B 456 -24.23 10.69 -42.58
CA ASP B 456 -24.05 11.44 -41.34
C ASP B 456 -24.59 10.66 -40.15
N PHE B 457 -25.71 9.95 -40.33
CA PHE B 457 -26.21 9.07 -39.28
C PHE B 457 -25.26 7.91 -39.02
N TYR B 458 -24.85 7.18 -40.09
CA TYR B 458 -24.04 5.97 -39.89
CA TYR B 458 -24.08 5.98 -39.77
C TYR B 458 -22.62 6.28 -39.41
N ASN B 459 -22.10 7.47 -39.71
CA ASN B 459 -20.77 7.80 -39.22
C ASN B 459 -20.79 8.37 -37.81
N THR B 460 -21.96 8.61 -37.22
CA THR B 460 -22.05 9.02 -35.82
C THR B 460 -21.92 7.81 -34.93
N ILE B 461 -21.17 7.95 -33.83
CA ILE B 461 -20.94 6.84 -32.92
C ILE B 461 -22.19 6.62 -32.07
N GLY B 462 -22.60 5.36 -31.94
CA GLY B 462 -23.82 5.06 -31.21
C GLY B 462 -23.65 5.18 -29.70
N VAL B 463 -24.77 5.40 -29.02
CA VAL B 463 -24.88 5.23 -27.59
C VAL B 463 -25.43 3.83 -27.34
N HIS B 464 -24.76 3.06 -26.49
CA HIS B 464 -25.06 1.63 -26.35
C HIS B 464 -25.20 1.26 -24.88
N PRO B 465 -26.20 0.46 -24.53
CA PRO B 465 -27.25 -0.07 -25.39
C PRO B 465 -28.48 0.82 -25.43
N THR B 466 -28.97 1.17 -26.61
CA THR B 466 -30.21 1.93 -26.75
C THR B 466 -30.94 1.42 -27.98
N SER B 467 -32.22 1.73 -28.05
CA SER B 467 -32.94 1.56 -29.31
C SER B 467 -32.48 2.58 -30.36
N ALA B 468 -32.20 3.81 -29.92
CA ALA B 468 -31.88 4.89 -30.85
C ALA B 468 -30.64 4.59 -31.68
N GLU B 469 -29.67 3.82 -31.15
CA GLU B 469 -28.45 3.57 -31.89
C GLU B 469 -28.70 2.79 -33.17
N GLU B 470 -29.86 2.17 -33.31
CA GLU B 470 -30.24 1.55 -34.58
C GLU B 470 -30.17 2.54 -35.73
N LEU B 471 -30.50 3.81 -35.47
CA LEU B 471 -30.48 4.84 -36.50
C LEU B 471 -29.08 5.11 -37.02
N CYS B 472 -28.04 4.75 -36.27
CA CYS B 472 -26.66 4.99 -36.68
C CYS B 472 -25.97 3.71 -37.14
N SER B 473 -26.71 2.64 -37.38
CA SER B 473 -26.15 1.36 -37.81
C SER B 473 -26.65 0.91 -39.17
N MET B 474 -27.36 1.76 -39.91
CA MET B 474 -27.94 1.36 -41.19
C MET B 474 -27.10 1.94 -42.34
N ARG B 475 -26.41 1.04 -43.06
CA ARG B 475 -25.53 1.34 -44.18
C ARG B 475 -26.13 1.03 -45.53
N THR B 476 -26.90 -0.05 -45.61
CA THR B 476 -27.31 -0.61 -46.89
C THR B 476 -28.82 -0.53 -47.01
N PRO B 477 -29.34 0.02 -48.10
CA PRO B 477 -30.81 0.08 -48.26
C PRO B 477 -31.41 -1.33 -48.28
N SER B 478 -32.60 -1.45 -47.71
CA SER B 478 -33.38 -2.68 -47.84
C SER B 478 -34.06 -2.76 -49.19
N TYR B 479 -34.49 -1.64 -49.73
CA TYR B 479 -35.14 -1.62 -51.04
C TYR B 479 -35.22 -0.17 -51.50
N TYR B 480 -35.86 0.02 -52.65
CA TYR B 480 -35.80 1.28 -53.38
C TYR B 480 -37.15 1.58 -54.01
N TYR B 481 -37.33 2.84 -54.39
CA TYR B 481 -38.38 3.24 -55.33
C TYR B 481 -37.70 3.98 -56.48
N VAL B 482 -37.94 3.51 -57.71
CA VAL B 482 -37.40 4.15 -58.91
C VAL B 482 -38.58 4.60 -59.76
N LYS B 483 -38.66 5.91 -60.01
CA LYS B 483 -39.78 6.49 -60.75
C LYS B 483 -41.11 6.06 -60.15
N GLY B 484 -41.14 5.90 -58.83
CA GLY B 484 -42.37 5.58 -58.14
C GLY B 484 -42.66 4.11 -57.94
N GLU B 485 -41.82 3.20 -58.43
CA GLU B 485 -42.11 1.77 -58.33
C GLU B 485 -41.13 1.09 -57.37
N LYS B 486 -41.69 0.30 -56.46
CA LYS B 486 -40.93 -0.35 -55.40
C LYS B 486 -40.16 -1.52 -55.96
N MET B 487 -38.87 -1.62 -55.61
CA MET B 487 -38.05 -2.71 -56.10
C MET B 487 -36.89 -2.95 -55.15
N GLU B 488 -36.48 -4.22 -55.05
CA GLU B 488 -35.45 -4.61 -54.10
C GLU B 488 -34.05 -4.17 -54.53
N LYS B 489 -33.79 -4.10 -55.83
CA LYS B 489 -32.48 -3.75 -56.35
C LYS B 489 -32.61 -2.60 -57.34
N LEU B 490 -31.57 -1.78 -57.41
CA LEU B 490 -31.56 -0.71 -58.39
C LEU B 490 -31.49 -1.29 -59.80
N PRO B 491 -32.09 -0.61 -60.79
CA PRO B 491 -32.11 -1.11 -62.17
C PRO B 491 -31.09 -0.44 -63.11
N LYS C 6 10.93 32.51 20.52
CA LYS C 6 12.00 33.36 20.00
C LYS C 6 12.57 32.78 18.71
N ALA C 7 13.70 33.35 18.28
CA ALA C 7 14.46 32.86 17.15
C ALA C 7 15.71 32.14 17.65
N PHE C 8 16.23 31.26 16.80
CA PHE C 8 17.36 30.40 17.16
C PHE C 8 18.24 30.19 15.95
N ASP C 9 19.50 29.87 16.22
CA ASP C 9 20.39 29.40 15.16
C ASP C 9 19.98 28.02 14.68
N LEU C 10 19.53 27.17 15.59
CA LEU C 10 19.29 25.77 15.30
C LEU C 10 18.07 25.30 16.09
N VAL C 11 17.11 24.68 15.41
CA VAL C 11 16.00 24.00 16.06
C VAL C 11 16.08 22.53 15.68
N VAL C 12 16.16 21.68 16.69
CA VAL C 12 16.25 20.22 16.52
C VAL C 12 14.91 19.62 16.95
N ILE C 13 14.28 18.89 16.06
CA ILE C 13 13.08 18.14 16.40
C ILE C 13 13.51 16.71 16.73
N GLY C 14 13.43 16.36 18.01
CA GLY C 14 13.87 15.06 18.49
C GLY C 14 15.08 15.18 19.40
N ALA C 15 14.86 15.10 20.71
CA ALA C 15 15.92 15.17 21.72
C ALA C 15 16.56 13.79 21.95
N GLY C 16 16.99 13.16 20.86
CA GLY C 16 17.46 11.81 20.89
C GLY C 16 18.98 11.70 20.75
N SER C 17 19.41 10.52 20.29
CA SER C 17 20.83 10.23 20.18
C SER C 17 21.54 11.25 19.30
N GLY C 18 21.07 11.41 18.07
CA GLY C 18 21.70 12.32 17.13
C GLY C 18 21.32 13.75 17.40
N GLY C 19 20.05 13.97 17.76
CA GLY C 19 19.59 15.33 18.01
C GLY C 19 20.32 15.98 19.17
N LEU C 20 20.43 15.27 20.29
CA LEU C 20 21.11 15.82 21.45
C LEU C 20 22.60 16.03 21.18
N GLU C 21 23.23 15.16 20.39
CA GLU C 21 24.64 15.40 20.05
C GLU C 21 24.78 16.68 19.25
N ALA C 22 23.91 16.87 18.26
CA ALA C 22 23.99 18.07 17.43
C ALA C 22 23.71 19.32 18.25
N GLY C 23 22.74 19.26 19.16
CA GLY C 23 22.34 20.45 19.91
C GLY C 23 23.37 20.85 20.95
N TRP C 24 23.94 19.87 21.65
CA TRP C 24 25.00 20.16 22.61
C TRP C 24 26.23 20.71 21.91
N ASN C 25 26.62 20.13 20.78
CA ASN C 25 27.80 20.58 20.05
C ASN C 25 27.62 21.99 19.50
N ALA C 26 26.44 22.27 18.93
CA ALA C 26 26.17 23.61 18.42
C ALA C 26 26.29 24.65 19.53
N ALA C 27 25.68 24.38 20.69
CA ALA C 27 25.66 25.40 21.74
C ALA C 27 27.01 25.51 22.45
N THR C 28 27.69 24.40 22.71
CA THR C 28 28.89 24.46 23.53
C THR C 28 30.18 24.54 22.72
N LEU C 29 30.19 24.08 21.48
CA LEU C 29 31.39 24.19 20.67
C LEU C 29 31.38 25.39 19.75
N TYR C 30 30.21 25.93 19.42
CA TYR C 30 30.11 27.04 18.48
C TYR C 30 29.27 28.20 19.03
N GLY C 31 28.85 28.13 20.29
CA GLY C 31 28.16 29.24 20.93
C GLY C 31 26.85 29.65 20.27
N LYS C 32 26.14 28.71 19.65
CA LYS C 32 24.89 29.03 18.97
C LYS C 32 23.72 28.90 19.92
N ARG C 33 22.64 29.61 19.58
CA ARG C 33 21.38 29.55 20.33
C ARG C 33 20.55 28.41 19.74
N VAL C 34 20.23 27.41 20.56
CA VAL C 34 19.74 26.12 20.07
C VAL C 34 18.44 25.77 20.79
N ALA C 35 17.45 25.34 20.02
CA ALA C 35 16.22 24.78 20.56
C ALA C 35 16.16 23.30 20.22
N VAL C 36 15.67 22.50 21.17
CA VAL C 36 15.49 21.05 21.00
C VAL C 36 14.11 20.71 21.51
N VAL C 37 13.34 19.98 20.71
CA VAL C 37 11.94 19.67 21.01
C VAL C 37 11.79 18.17 21.19
N ASP C 38 11.08 17.76 22.24
CA ASP C 38 10.69 16.36 22.39
C ASP C 38 9.33 16.32 23.08
N VAL C 39 8.68 15.16 22.93
CA VAL C 39 7.28 15.02 23.35
C VAL C 39 7.12 14.66 24.82
N GLN C 40 8.21 14.37 25.53
CA GLN C 40 8.12 13.84 26.88
C GLN C 40 9.45 14.10 27.56
N THR C 41 9.41 14.33 28.88
CA THR C 41 10.65 14.60 29.59
C THR C 41 11.26 13.35 30.22
N SER C 42 10.52 12.26 30.34
CA SER C 42 11.08 11.02 30.89
C SER C 42 10.36 9.83 30.26
N HIS C 43 10.92 8.65 30.53
CA HIS C 43 10.59 7.44 29.80
C HIS C 43 9.17 6.96 30.06
N GLY C 44 8.61 6.24 29.09
CA GLY C 44 7.48 5.37 29.33
C GLY C 44 6.21 5.83 28.65
N PRO C 45 5.13 5.09 28.86
CA PRO C 45 3.82 5.52 28.33
C PRO C 45 3.50 6.93 28.78
N PRO C 46 2.83 7.71 27.93
CA PRO C 46 2.23 7.33 26.63
C PRO C 46 3.14 7.30 25.41
N PHE C 47 4.22 8.07 25.34
CA PHE C 47 4.94 8.15 24.07
C PHE C 47 6.25 7.37 24.07
N TYR C 48 6.61 6.76 25.20
CA TYR C 48 7.71 5.78 25.33
C TYR C 48 9.08 6.41 25.17
N ALA C 49 9.47 6.77 23.95
CA ALA C 49 10.63 7.62 23.77
C ALA C 49 10.37 8.98 24.40
N ALA C 50 11.44 9.67 24.75
CA ALA C 50 11.36 10.91 25.50
C ALA C 50 12.71 11.60 25.39
N LEU C 51 12.89 12.67 26.16
CA LEU C 51 14.20 13.29 26.35
C LEU C 51 15.27 12.22 26.54
N GLY C 52 16.26 12.21 25.65
CA GLY C 52 17.27 11.17 25.61
C GLY C 52 17.22 10.31 24.36
N GLY C 53 16.02 10.11 23.81
CA GLY C 53 15.87 9.37 22.58
C GLY C 53 15.43 7.95 22.85
N THR C 54 15.30 7.20 21.76
CA THR C 54 14.81 5.83 21.86
C THR C 54 15.79 4.93 22.60
N CYS C 55 17.09 5.06 22.28
CA CYS C 55 18.11 4.20 22.88
C CYS C 55 18.09 4.31 24.41
N VAL C 56 18.08 5.55 24.91
CA VAL C 56 18.09 5.80 26.35
C VAL C 56 16.82 5.26 27.01
N ASN C 57 15.67 5.48 26.37
CA ASN C 57 14.40 5.28 27.06
C ASN C 57 13.80 3.90 26.85
N VAL C 58 13.82 3.39 25.62
CA VAL C 58 13.17 2.12 25.27
C VAL C 58 14.01 1.44 24.19
N GLY C 59 15.32 1.41 24.39
CA GLY C 59 16.22 0.81 23.41
C GLY C 59 17.47 0.24 24.05
N CYS C 60 18.64 0.58 23.48
CA CYS C 60 19.90 -0.06 23.88
C CYS C 60 20.10 -0.07 25.40
N VAL C 61 19.89 1.06 26.05
CA VAL C 61 20.24 1.18 27.46
C VAL C 61 19.37 0.26 28.33
N PRO C 62 18.02 0.39 28.34
CA PRO C 62 17.25 -0.56 29.16
C PRO C 62 17.37 -1.99 28.67
N LYS C 63 17.46 -2.24 27.36
CA LYS C 63 17.50 -3.63 26.94
C LYS C 63 18.79 -4.30 27.39
N LYS C 64 19.91 -3.56 27.44
CA LYS C 64 21.17 -4.19 27.85
C LYS C 64 21.11 -4.55 29.32
N LEU C 65 20.49 -3.70 30.15
CA LEU C 65 20.30 -4.02 31.55
C LEU C 65 19.47 -5.28 31.71
N MET C 66 18.42 -5.40 30.89
CA MET C 66 17.54 -6.57 30.98
C MET C 66 18.22 -7.82 30.45
N VAL C 67 19.05 -7.71 29.41
CA VAL C 67 19.81 -8.89 28.99
C VAL C 67 20.78 -9.30 30.09
N THR C 68 21.43 -8.32 30.72
CA THR C 68 22.32 -8.62 31.84
C THR C 68 21.56 -9.37 32.92
N GLY C 69 20.34 -8.93 33.23
CA GLY C 69 19.52 -9.67 34.17
C GLY C 69 19.23 -11.08 33.70
N ALA C 70 18.93 -11.23 32.41
CA ALA C 70 18.60 -12.56 31.90
C ALA C 70 19.81 -13.49 31.97
N GLN C 71 21.01 -12.96 31.83
CA GLN C 71 22.22 -13.79 31.89
C GLN C 71 22.38 -14.51 33.22
N TYR C 72 21.78 -14.00 34.30
CA TYR C 72 21.96 -14.69 35.57
C TYR C 72 21.27 -16.05 35.59
N MET C 73 20.27 -16.29 34.74
CA MET C 73 19.74 -17.66 34.65
C MET C 73 20.86 -18.63 34.32
N ASP C 74 21.70 -18.25 33.35
CA ASP C 74 22.85 -19.06 32.99
C ASP C 74 23.88 -19.09 34.11
N HIS C 75 24.21 -17.93 34.69
CA HIS C 75 25.25 -17.88 35.71
C HIS C 75 24.92 -18.76 36.91
N LEU C 76 23.66 -18.74 37.36
CA LEU C 76 23.31 -19.50 38.56
C LEU C 76 23.45 -20.99 38.29
N ARG C 77 23.03 -21.44 37.11
CA ARG C 77 23.15 -22.85 36.76
C ARG C 77 24.61 -23.26 36.60
N GLU C 78 25.38 -22.43 35.89
CA GLU C 78 26.76 -22.72 35.54
C GLU C 78 27.70 -22.66 36.74
N SER C 79 27.30 -21.96 37.80
CA SER C 79 28.15 -21.88 38.99
C SER C 79 28.36 -23.25 39.63
N ALA C 80 27.41 -24.16 39.45
CA ALA C 80 27.49 -25.48 40.09
C ALA C 80 28.76 -26.24 39.67
N GLY C 81 29.10 -26.17 38.37
CA GLY C 81 30.27 -26.88 37.87
C GLY C 81 31.58 -26.41 38.47
N PHE C 82 31.59 -25.20 39.01
CA PHE C 82 32.74 -24.61 39.69
C PHE C 82 32.63 -24.72 41.20
N GLY C 83 31.73 -25.56 41.70
CA GLY C 83 31.66 -25.87 43.11
C GLY C 83 30.69 -25.04 43.92
N TRP C 84 29.86 -24.21 43.29
CA TRP C 84 28.93 -23.42 44.07
C TRP C 84 27.69 -24.24 44.37
N GLU C 85 27.26 -24.20 45.63
CA GLU C 85 26.12 -24.97 46.09
C GLU C 85 25.12 -24.02 46.73
N PHE C 86 23.85 -24.21 46.42
CA PHE C 86 22.76 -23.48 47.06
C PHE C 86 21.46 -24.19 46.71
N ASP C 87 20.39 -23.80 47.37
CA ASP C 87 19.08 -24.43 47.19
C ASP C 87 18.49 -24.01 45.84
N GLY C 88 18.67 -24.85 44.83
CA GLY C 88 18.13 -24.54 43.52
C GLY C 88 16.62 -24.35 43.52
N SER C 89 15.91 -25.07 44.40
CA SER C 89 14.46 -24.96 44.43
C SER C 89 14.00 -23.59 44.90
N SER C 90 14.88 -22.80 45.50
CA SER C 90 14.55 -21.47 45.98
C SER C 90 14.74 -20.37 44.94
N VAL C 91 15.32 -20.68 43.78
CA VAL C 91 15.62 -19.63 42.81
C VAL C 91 14.34 -19.14 42.14
N LYS C 92 14.16 -17.83 42.10
CA LYS C 92 13.07 -17.23 41.33
C LYS C 92 13.54 -15.91 40.73
N ALA C 93 13.04 -15.60 39.54
CA ALA C 93 13.39 -14.38 38.82
C ALA C 93 12.26 -13.38 38.96
N ASN C 94 12.52 -12.28 39.67
CA ASN C 94 11.49 -11.29 39.98
C ASN C 94 11.52 -10.23 38.91
N TRP C 95 10.62 -10.36 37.92
CA TRP C 95 10.53 -9.42 36.81
C TRP C 95 10.19 -8.02 37.29
N LYS C 96 9.29 -7.89 38.27
CA LYS C 96 8.94 -6.55 38.75
C LYS C 96 10.16 -5.83 39.30
N LYS C 97 11.04 -6.54 40.02
CA LYS C 97 12.24 -5.89 40.53
C LYS C 97 13.13 -5.41 39.39
N LEU C 98 13.28 -6.23 38.34
CA LEU C 98 14.10 -5.83 37.20
C LEU C 98 13.57 -4.55 36.55
N ILE C 99 12.27 -4.54 36.25
CA ILE C 99 11.68 -3.38 35.57
C ILE C 99 11.80 -2.14 36.44
N ALA C 100 11.58 -2.29 37.74
CA ALA C 100 11.69 -1.14 38.62
C ALA C 100 13.13 -0.62 38.68
N ALA C 101 14.12 -1.53 38.74
CA ALA C 101 15.51 -1.07 38.72
C ALA C 101 15.85 -0.44 37.38
N LYS C 102 15.38 -1.04 36.27
CA LYS C 102 15.57 -0.41 34.97
C LYS C 102 14.92 0.98 34.91
N ASN C 103 13.68 1.10 35.44
CA ASN C 103 12.97 2.37 35.40
C ASN C 103 13.74 3.46 36.12
N GLU C 104 14.30 3.13 37.28
CA GLU C 104 15.04 4.11 38.06
C GLU C 104 16.32 4.52 37.35
N ALA C 105 16.99 3.57 36.69
CA ALA C 105 18.23 3.91 35.98
C ALA C 105 17.95 4.85 34.81
N VAL C 106 16.91 4.55 34.04
CA VAL C 106 16.55 5.40 32.91
C VAL C 106 16.06 6.77 33.38
N LEU C 107 15.27 6.79 34.45
CA LEU C 107 14.79 8.07 34.99
C LEU C 107 15.96 8.96 35.40
N ASP C 108 17.02 8.37 35.97
CA ASP C 108 18.19 9.16 36.33
C ASP C 108 18.87 9.74 35.10
N ILE C 109 18.85 9.02 33.96
CA ILE C 109 19.41 9.58 32.74
C ILE C 109 18.50 10.68 32.19
N ASN C 110 17.17 10.52 32.31
CA ASN C 110 16.26 11.60 31.94
C ASN C 110 16.56 12.86 32.73
N LYS C 111 16.61 12.74 34.06
CA LYS C 111 16.87 13.89 34.93
C LYS C 111 18.24 14.50 34.63
N SER C 112 19.22 13.65 34.32
CA SER C 112 20.54 14.14 33.94
C SER C 112 20.47 15.01 32.69
N TYR C 113 19.64 14.62 31.71
CA TYR C 113 19.48 15.46 30.53
C TYR C 113 18.71 16.74 30.84
N GLU C 114 17.77 16.69 31.79
CA GLU C 114 17.10 17.91 32.23
C GLU C 114 18.11 18.89 32.83
N GLY C 115 19.03 18.39 33.65
CA GLY C 115 20.06 19.26 34.21
C GLY C 115 20.96 19.84 33.14
N MET C 116 21.31 19.03 32.13
CA MET C 116 22.15 19.51 31.03
C MET C 116 21.52 20.73 30.36
N PHE C 117 20.19 20.73 30.20
CA PHE C 117 19.53 21.88 29.58
C PHE C 117 19.51 23.08 30.53
N ASN C 118 19.07 22.87 31.76
CA ASN C 118 18.96 23.97 32.72
C ASN C 118 20.32 24.59 33.00
N ASP C 119 21.40 23.83 32.88
CA ASP C 119 22.74 24.32 33.21
C ASP C 119 23.44 25.00 32.03
N THR C 120 23.01 24.75 30.80
CA THR C 120 23.73 25.23 29.62
C THR C 120 23.02 26.43 29.01
N GLU C 121 23.77 27.52 28.81
CA GLU C 121 23.24 28.71 28.16
C GLU C 121 23.23 28.53 26.65
N GLY C 122 22.17 29.01 26.02
CA GLY C 122 22.03 28.82 24.58
C GLY C 122 21.56 27.44 24.19
N LEU C 123 21.02 26.67 25.13
CA LEU C 123 20.51 25.33 24.85
C LEU C 123 19.21 25.19 25.63
N ASP C 124 18.09 25.23 24.92
CA ASP C 124 16.77 25.26 25.55
C ASP C 124 15.95 24.06 25.09
N PHE C 125 15.14 23.53 26.00
CA PHE C 125 14.28 22.40 25.71
C PHE C 125 12.83 22.87 25.66
N PHE C 126 12.09 22.36 24.67
CA PHE C 126 10.68 22.67 24.53
C PHE C 126 9.88 21.38 24.47
N LEU C 127 8.91 21.24 25.37
CA LEU C 127 8.06 20.07 25.47
C LEU C 127 6.88 20.20 24.51
N GLY C 128 6.73 19.23 23.61
CA GLY C 128 5.60 19.20 22.72
C GLY C 128 5.97 18.52 21.41
N TRP C 129 5.04 18.57 20.46
CA TRP C 129 5.21 17.94 19.15
C TRP C 129 5.65 18.98 18.13
N GLY C 130 6.84 18.79 17.57
CA GLY C 130 7.37 19.72 16.59
C GLY C 130 7.02 19.30 15.17
N SER C 131 6.73 20.30 14.34
CA SER C 131 6.46 20.08 12.92
C SER C 131 6.84 21.33 12.15
N LEU C 132 6.93 21.19 10.83
CA LEU C 132 7.39 22.25 9.95
C LEU C 132 6.21 23.10 9.50
N GLU C 133 6.15 24.34 9.97
CA GLU C 133 5.19 25.30 9.44
C GLU C 133 5.67 25.88 8.11
N SER C 134 6.93 26.32 8.08
CA SER C 134 7.52 26.93 6.90
C SER C 134 9.03 26.74 6.97
N LYS C 135 9.72 27.21 5.93
CA LYS C 135 11.15 26.98 5.73
C LYS C 135 11.99 27.34 6.95
N ASN C 136 11.56 28.30 7.77
CA ASN C 136 12.34 28.74 8.92
C ASN C 136 11.47 28.88 10.17
N VAL C 137 10.36 28.14 10.22
CA VAL C 137 9.46 28.16 11.37
C VAL C 137 9.14 26.74 11.78
N VAL C 138 9.34 26.43 13.06
CA VAL C 138 8.98 25.15 13.63
C VAL C 138 7.88 25.39 14.66
N VAL C 139 6.72 24.77 14.45
CA VAL C 139 5.62 24.84 15.42
C VAL C 139 5.78 23.73 16.44
N VAL C 140 5.48 24.05 17.69
CA VAL C 140 5.41 23.07 18.77
C VAL C 140 3.96 23.07 19.26
N ARG C 141 3.29 21.92 19.15
CA ARG C 141 1.88 21.81 19.48
C ARG C 141 1.67 20.88 20.68
N GLU C 142 0.45 20.93 21.21
CA GLU C 142 0.12 20.19 22.41
C GLU C 142 0.08 18.68 22.16
N THR C 143 -0.30 18.25 20.96
CA THR C 143 -0.33 16.83 20.62
C THR C 143 0.21 16.63 19.21
N ALA C 144 0.30 15.36 18.81
CA ALA C 144 0.67 15.03 17.44
C ALA C 144 -0.37 15.48 16.44
N ASP C 145 -1.59 15.78 16.90
CA ASP C 145 -2.64 16.30 16.05
C ASP C 145 -2.27 17.68 15.52
N PRO C 146 -2.11 17.87 14.21
CA PRO C 146 -1.70 19.19 13.70
C PRO C 146 -2.75 20.27 13.93
N LYS C 147 -3.97 19.89 14.30
CA LYS C 147 -5.00 20.84 14.69
C LYS C 147 -4.90 21.22 16.17
N SER C 148 -3.98 20.62 16.91
CA SER C 148 -3.90 20.88 18.34
C SER C 148 -3.28 22.24 18.58
N ALA C 149 -3.41 22.70 19.83
CA ALA C 149 -3.06 24.07 20.16
C ALA C 149 -1.56 24.30 20.04
N VAL C 150 -1.19 25.43 19.42
CA VAL C 150 0.20 25.85 19.37
C VAL C 150 0.67 26.19 20.78
N LYS C 151 1.88 25.74 21.11
CA LYS C 151 2.56 26.12 22.35
C LYS C 151 3.70 27.09 22.10
N GLU C 152 4.43 26.92 21.00
CA GLU C 152 5.50 27.82 20.60
C GLU C 152 5.58 27.81 19.08
N ARG C 153 6.07 28.90 18.51
CA ARG C 153 6.67 28.89 17.18
C ARG C 153 8.10 29.35 17.36
N LEU C 154 9.03 28.64 16.72
CA LEU C 154 10.45 28.92 16.85
C LEU C 154 10.98 29.28 15.48
N GLN C 155 11.55 30.48 15.37
CA GLN C 155 12.26 30.85 14.17
C GLN C 155 13.63 30.17 14.19
N ALA C 156 14.06 29.70 13.03
CA ALA C 156 15.27 28.89 13.01
C ALA C 156 16.04 29.17 11.72
N ASP C 157 17.30 29.61 11.86
CA ASP C 157 18.20 29.58 10.72
C ASP C 157 18.24 28.18 10.11
N HIS C 158 18.40 27.17 10.98
CA HIS C 158 18.65 25.80 10.56
C HIS C 158 17.75 24.88 11.36
N ILE C 159 17.15 23.91 10.67
CA ILE C 159 16.21 22.97 11.28
C ILE C 159 16.75 21.56 11.07
N LEU C 160 16.81 20.79 12.15
CA LEU C 160 17.30 19.42 12.12
C LEU C 160 16.17 18.46 12.45
N LEU C 161 15.87 17.56 11.52
CA LEU C 161 14.90 16.51 11.73
C LEU C 161 15.61 15.31 12.34
N ALA C 162 15.21 14.92 13.55
CA ALA C 162 15.88 13.82 14.23
C ALA C 162 14.89 13.05 15.10
N THR C 163 13.77 12.66 14.50
CA THR C 163 12.66 12.06 15.23
C THR C 163 12.75 10.54 15.33
N GLY C 164 13.80 9.93 14.78
CA GLY C 164 13.99 8.50 14.94
C GLY C 164 13.03 7.67 14.12
N SER C 165 12.77 6.46 14.61
CA SER C 165 11.93 5.49 13.94
C SER C 165 10.85 4.97 14.89
N TRP C 166 10.11 3.95 14.48
CA TRP C 166 8.95 3.50 15.24
C TRP C 166 8.64 2.07 14.83
N PRO C 167 8.11 1.23 15.72
CA PRO C 167 7.91 -0.18 15.35
C PRO C 167 6.98 -0.32 14.18
N GLN C 168 7.35 -1.17 13.24
CA GLN C 168 6.48 -1.50 12.13
C GLN C 168 5.49 -2.57 12.57
N MET C 169 4.20 -2.36 12.30
CA MET C 169 3.18 -3.30 12.70
C MET C 169 2.45 -3.77 11.45
N PRO C 170 2.50 -5.05 11.10
CA PRO C 170 1.83 -5.52 9.89
C PRO C 170 0.32 -5.39 10.00
N ALA C 171 -0.31 -5.07 8.87
CA ALA C 171 -1.75 -4.84 8.86
C ALA C 171 -2.48 -6.18 8.70
N ILE C 172 -2.37 -7.01 9.73
CA ILE C 172 -3.13 -8.26 9.78
C ILE C 172 -4.33 -8.03 10.69
N PRO C 173 -5.40 -8.81 10.55
CA PRO C 173 -6.51 -8.70 11.50
C PRO C 173 -6.05 -9.09 12.90
N GLY C 174 -6.41 -8.26 13.88
CA GLY C 174 -6.00 -8.48 15.26
C GLY C 174 -4.66 -7.89 15.62
N ILE C 175 -4.07 -7.05 14.76
CA ILE C 175 -2.78 -6.45 15.09
C ILE C 175 -2.89 -5.61 16.38
N GLU C 176 -4.07 -5.06 16.67
CA GLU C 176 -4.25 -4.24 17.86
C GLU C 176 -4.10 -5.03 19.15
N HIS C 177 -4.11 -6.36 19.09
CA HIS C 177 -3.90 -7.19 20.27
C HIS C 177 -2.43 -7.49 20.52
N CYS C 178 -1.56 -7.05 19.64
CA CYS C 178 -0.13 -7.29 19.74
C CYS C 178 0.54 -6.07 20.36
N ILE C 179 1.76 -6.28 20.86
CA ILE C 179 2.54 -5.18 21.38
C ILE C 179 3.80 -5.05 20.54
N SER C 180 4.60 -4.05 20.83
CA SER C 180 5.93 -3.92 20.26
C SER C 180 6.94 -3.90 21.40
N SER C 181 8.21 -3.65 21.08
CA SER C 181 9.21 -3.55 22.14
C SER C 181 8.88 -2.42 23.13
N ASN C 182 8.19 -1.36 22.69
CA ASN C 182 7.84 -0.26 23.60
C ASN C 182 7.10 -0.75 24.83
N GLU C 183 6.03 -1.51 24.61
CA GLU C 183 5.21 -2.02 25.71
C GLU C 183 5.91 -3.14 26.46
N ALA C 184 6.77 -3.90 25.78
CA ALA C 184 7.52 -4.97 26.44
C ALA C 184 8.32 -4.46 27.62
N PHE C 185 8.85 -3.24 27.54
CA PHE C 185 9.63 -2.67 28.63
C PHE C 185 8.79 -2.36 29.86
N TYR C 186 7.47 -2.42 29.76
CA TYR C 186 6.62 -2.04 30.88
C TYR C 186 5.62 -3.10 31.25
N LEU C 187 5.74 -4.31 30.72
CA LEU C 187 4.79 -5.35 31.09
C LEU C 187 4.77 -5.49 32.61
N PRO C 188 3.59 -5.51 33.23
CA PRO C 188 3.56 -5.61 34.69
C PRO C 188 4.02 -6.96 35.21
N GLU C 189 3.79 -8.03 34.45
CA GLU C 189 4.18 -9.40 34.78
C GLU C 189 4.94 -10.00 33.60
N PRO C 190 5.88 -10.90 33.85
CA PRO C 190 6.56 -11.56 32.73
C PRO C 190 5.61 -12.56 32.10
N PRO C 191 5.51 -12.59 30.76
CA PRO C 191 4.54 -13.48 30.14
C PRO C 191 4.92 -14.94 30.36
N ARG C 192 3.90 -15.77 30.56
CA ARG C 192 4.15 -17.21 30.68
C ARG C 192 4.43 -17.82 29.31
N ARG C 193 3.61 -17.49 28.33
CA ARG C 193 3.83 -17.86 26.94
C ARG C 193 3.97 -16.57 26.16
N VAL C 194 5.03 -16.45 25.37
CA VAL C 194 5.20 -15.26 24.54
C VAL C 194 5.66 -15.67 23.15
N LEU C 195 5.09 -15.03 22.13
CA LEU C 195 5.54 -15.15 20.76
C LEU C 195 6.23 -13.85 20.38
N THR C 196 7.52 -13.91 20.02
CA THR C 196 8.20 -12.75 19.45
C THR C 196 8.23 -12.96 17.93
N VAL C 197 7.73 -12.00 17.18
CA VAL C 197 7.54 -12.12 15.73
C VAL C 197 8.65 -11.33 15.05
N GLY C 198 9.52 -12.02 14.32
CA GLY C 198 10.61 -11.34 13.66
C GLY C 198 11.91 -12.10 13.85
N GLY C 199 12.79 -12.02 12.85
CA GLY C 199 14.04 -12.72 12.96
C GLY C 199 15.23 -11.82 13.25
N GLY C 200 15.00 -10.52 13.46
CA GLY C 200 16.06 -9.56 13.68
C GLY C 200 16.46 -9.44 15.13
N PHE C 201 17.32 -8.45 15.40
CA PHE C 201 18.01 -8.41 16.69
C PHE C 201 17.06 -8.11 17.85
N ILE C 202 16.03 -7.31 17.64
CA ILE C 202 15.16 -6.96 18.76
C ILE C 202 14.35 -8.17 19.21
N SER C 203 13.80 -8.92 18.25
CA SER C 203 13.07 -10.15 18.54
C SER C 203 13.96 -11.16 19.25
N VAL C 204 15.16 -11.41 18.71
CA VAL C 204 16.08 -12.36 19.32
C VAL C 204 16.45 -11.93 20.74
N GLU C 205 16.70 -10.64 20.94
CA GLU C 205 17.14 -10.18 22.25
C GLU C 205 16.04 -10.30 23.28
N PHE C 206 14.81 -9.96 22.90
CA PHE C 206 13.70 -10.08 23.85
C PHE C 206 13.33 -11.52 24.11
N ALA C 207 13.44 -12.40 23.11
CA ALA C 207 13.23 -13.83 23.36
C ALA C 207 14.13 -14.32 24.49
N GLY C 208 15.40 -13.90 24.49
CA GLY C 208 16.30 -14.29 25.56
C GLY C 208 15.92 -13.69 26.90
N ILE C 209 15.47 -12.42 26.92
CA ILE C 209 15.02 -11.78 28.15
C ILE C 209 13.81 -12.51 28.74
N PHE C 210 12.77 -12.72 27.92
CA PHE C 210 11.57 -13.41 28.39
C PHE C 210 11.88 -14.84 28.79
N ASN C 211 12.83 -15.48 28.11
CA ASN C 211 13.14 -16.86 28.43
C ASN C 211 13.65 -17.00 29.87
N ALA C 212 14.38 -15.99 30.34
CA ALA C 212 14.97 -16.07 31.67
C ALA C 212 13.98 -15.69 32.77
N TYR C 213 13.06 -14.77 32.49
CA TYR C 213 12.15 -14.31 33.53
C TYR C 213 10.78 -15.00 33.49
N LYS C 214 10.60 -15.98 32.61
CA LYS C 214 9.30 -16.63 32.48
C LYS C 214 8.99 -17.43 33.75
N PRO C 215 7.72 -17.51 34.13
CA PRO C 215 7.33 -18.28 35.32
C PRO C 215 7.44 -19.77 35.05
N PRO C 216 7.37 -20.60 36.10
CA PRO C 216 7.45 -22.05 35.92
C PRO C 216 6.53 -22.58 34.84
N GLY C 217 7.07 -23.44 33.98
CA GLY C 217 6.31 -24.04 32.90
C GLY C 217 6.10 -23.14 31.70
N GLY C 218 6.64 -21.93 31.71
CA GLY C 218 6.48 -21.01 30.60
C GLY C 218 7.27 -21.44 29.38
N LYS C 219 7.09 -20.68 28.30
CA LYS C 219 7.66 -21.04 27.01
C LYS C 219 7.75 -19.80 26.13
N VAL C 220 8.95 -19.55 25.58
CA VAL C 220 9.17 -18.47 24.63
C VAL C 220 9.24 -19.07 23.24
N THR C 221 8.44 -18.53 22.32
CA THR C 221 8.48 -18.91 20.90
C THR C 221 8.84 -17.70 20.06
N LEU C 222 9.77 -17.88 19.13
CA LEU C 222 10.15 -16.85 18.17
C LEU C 222 9.77 -17.36 16.80
N CYS C 223 9.09 -16.55 16.00
CA CYS C 223 8.78 -16.99 14.65
C CYS C 223 9.38 -16.01 13.65
N TYR C 224 9.69 -16.54 12.48
CA TYR C 224 10.29 -15.76 11.41
C TYR C 224 9.81 -16.34 10.10
N ARG C 225 9.48 -15.46 9.16
CA ARG C 225 8.80 -15.88 7.95
C ARG C 225 9.70 -16.65 6.99
N ASN C 226 11.01 -16.52 7.10
CA ASN C 226 11.91 -17.25 6.22
C ASN C 226 12.60 -18.40 6.96
N ASN C 227 13.58 -19.02 6.30
N ASN C 227 13.59 -19.02 6.31
N ASN C 227 13.58 -19.02 6.30
N ASN C 227 13.59 -19.02 6.31
CA ASN C 227 14.16 -20.27 6.80
CA ASN C 227 14.14 -20.27 6.82
CA ASN C 227 14.16 -20.27 6.80
CA ASN C 227 14.14 -20.26 6.82
C ASN C 227 15.19 -20.09 7.89
C ASN C 227 15.16 -20.08 7.94
C ASN C 227 15.19 -20.09 7.89
C ASN C 227 15.16 -20.08 7.94
N LEU C 228 15.78 -18.90 8.04
CA LEU C 228 16.86 -18.71 9.00
C LEU C 228 16.88 -17.31 9.58
N ILE C 229 16.97 -17.21 10.91
CA ILE C 229 16.86 -15.90 11.57
C ILE C 229 18.12 -15.07 11.34
N LEU C 230 18.02 -13.79 11.67
CA LEU C 230 19.15 -12.86 11.71
C LEU C 230 19.75 -12.67 10.32
N ARG C 231 18.86 -12.53 9.32
CA ARG C 231 19.28 -12.17 7.98
C ARG C 231 20.22 -10.97 8.04
N GLY C 232 21.29 -11.03 7.26
CA GLY C 232 22.29 -9.97 7.25
C GLY C 232 23.50 -10.26 8.10
N PHE C 233 23.41 -11.24 9.00
CA PHE C 233 24.54 -11.66 9.80
C PHE C 233 25.21 -12.87 9.18
N ASP C 234 26.41 -13.17 9.68
CA ASP C 234 27.17 -14.31 9.18
C ASP C 234 26.34 -15.58 9.27
N GLU C 235 26.36 -16.39 8.20
CA GLU C 235 25.46 -17.55 8.11
C GLU C 235 25.81 -18.62 9.13
N THR C 236 27.09 -18.89 9.34
CA THR C 236 27.47 -19.85 10.38
C THR C 236 26.92 -19.44 11.74
N ILE C 237 27.00 -18.14 12.04
CA ILE C 237 26.52 -17.65 13.32
C ILE C 237 25.00 -17.64 13.38
N ARG C 238 24.33 -17.37 12.25
CA ARG C 238 22.87 -17.47 12.24
C ARG C 238 22.43 -18.86 12.62
N GLU C 239 23.06 -19.88 12.03
CA GLU C 239 22.71 -21.26 12.35
C GLU C 239 23.09 -21.59 13.79
N GLU C 240 24.24 -21.10 14.25
CA GLU C 240 24.72 -21.51 15.55
C GLU C 240 23.96 -20.83 16.67
N VAL C 241 23.59 -19.56 16.48
CA VAL C 241 22.78 -18.90 17.50
C VAL C 241 21.39 -19.54 17.56
N THR C 242 20.87 -20.01 16.42
CA THR C 242 19.61 -20.76 16.43
C THR C 242 19.72 -22.02 17.29
N LYS C 243 20.82 -22.77 17.13
CA LYS C 243 21.03 -23.95 17.97
C LYS C 243 21.14 -23.58 19.43
N GLN C 244 21.82 -22.46 19.74
CA GLN C 244 22.09 -22.15 21.15
C GLN C 244 20.89 -21.55 21.85
N LEU C 245 20.02 -20.83 21.14
CA LEU C 245 18.74 -20.43 21.71
C LEU C 245 17.85 -21.65 21.94
N THR C 246 17.81 -22.56 20.96
CA THR C 246 17.05 -23.79 21.11
C THR C 246 17.52 -24.59 22.33
N ALA C 247 18.84 -24.65 22.55
CA ALA C 247 19.36 -25.41 23.68
C ALA C 247 18.97 -24.80 25.02
N ASN C 248 18.72 -23.49 25.05
CA ASN C 248 18.32 -22.83 26.28
C ASN C 248 16.81 -22.71 26.41
N GLY C 249 16.06 -23.49 25.62
CA GLY C 249 14.64 -23.65 25.82
C GLY C 249 13.73 -22.83 24.95
N ILE C 250 14.26 -22.02 24.03
CA ILE C 250 13.45 -21.18 23.16
C ILE C 250 13.07 -21.96 21.93
N GLU C 251 11.79 -21.90 21.54
CA GLU C 251 11.30 -22.57 20.35
C GLU C 251 11.40 -21.61 19.17
N ILE C 252 12.10 -22.00 18.11
CA ILE C 252 12.31 -21.13 16.96
C ILE C 252 11.51 -21.71 15.78
N MET C 253 10.41 -21.03 15.40
CA MET C 253 9.51 -21.44 14.32
C MET C 253 9.88 -20.68 13.05
N THR C 254 10.61 -21.31 12.15
CA THR C 254 10.96 -20.66 10.90
C THR C 254 9.94 -20.99 9.81
N ASN C 255 9.93 -20.16 8.77
CA ASN C 255 8.98 -20.29 7.66
C ASN C 255 7.54 -20.21 8.15
N GLU C 256 7.29 -19.36 9.14
CA GLU C 256 5.94 -19.17 9.68
C GLU C 256 5.72 -17.68 9.90
N ASN C 257 4.51 -17.21 9.58
CA ASN C 257 4.21 -15.79 9.69
C ASN C 257 2.77 -15.64 10.17
N PRO C 258 2.52 -14.80 11.18
CA PRO C 258 1.14 -14.61 11.65
C PRO C 258 0.26 -13.99 10.57
N ALA C 259 -0.96 -14.53 10.46
CA ALA C 259 -1.96 -14.03 9.53
C ALA C 259 -3.12 -13.38 10.24
N LYS C 260 -3.37 -13.75 11.49
CA LYS C 260 -4.49 -13.25 12.26
C LYS C 260 -4.19 -13.45 13.75
N VAL C 261 -4.57 -12.47 14.57
CA VAL C 261 -4.50 -12.63 16.02
C VAL C 261 -5.88 -12.35 16.57
N SER C 262 -6.39 -13.24 17.42
CA SER C 262 -7.67 -13.00 18.05
C SER C 262 -7.51 -13.01 19.57
N LEU C 263 -8.34 -12.22 20.25
CA LEU C 263 -8.30 -12.09 21.69
C LEU C 263 -9.22 -13.10 22.35
N ASN C 264 -8.67 -13.92 23.24
CA ASN C 264 -9.48 -14.84 24.01
C ASN C 264 -10.11 -14.09 25.18
N THR C 265 -11.26 -14.58 25.66
CA THR C 265 -11.82 -13.76 26.73
C THR C 265 -10.98 -13.80 27.99
N ASP C 266 -10.12 -14.83 28.18
CA ASP C 266 -9.23 -14.77 29.34
C ASP C 266 -8.04 -13.84 29.14
N GLY C 267 -7.99 -13.11 28.02
CA GLY C 267 -6.93 -12.16 27.78
C GLY C 267 -5.76 -12.70 26.99
N SER C 268 -5.65 -14.02 26.84
CA SER C 268 -4.57 -14.52 26.00
C SER C 268 -4.89 -14.28 24.52
N LYS C 269 -3.90 -14.53 23.66
CA LYS C 269 -4.02 -14.29 22.24
C LYS C 269 -3.95 -15.61 21.48
N HIS C 270 -4.82 -15.76 20.49
CA HIS C 270 -4.85 -16.94 19.62
C HIS C 270 -4.31 -16.53 18.26
N VAL C 271 -3.12 -17.02 17.91
CA VAL C 271 -2.44 -16.65 16.67
C VAL C 271 -2.69 -17.73 15.63
N THR C 272 -3.17 -17.32 14.46
CA THR C 272 -3.25 -18.17 13.27
C THR C 272 -2.15 -17.75 12.31
N PHE C 273 -1.34 -18.71 11.88
CA PHE C 273 -0.26 -18.47 10.93
C PHE C 273 -0.77 -18.66 9.50
N GLU C 274 -0.02 -18.11 8.54
CA GLU C 274 -0.34 -18.30 7.13
C GLU C 274 -0.43 -19.79 6.78
N SER C 275 0.37 -20.62 7.44
CA SER C 275 0.30 -22.06 7.23
C SER C 275 -0.99 -22.71 7.73
N GLY C 276 -1.78 -22.02 8.54
CA GLY C 276 -2.88 -22.66 9.22
C GLY C 276 -2.55 -23.17 10.61
N LYS C 277 -1.28 -23.24 10.97
CA LYS C 277 -0.90 -23.54 12.35
C LYS C 277 -1.47 -22.49 13.30
N THR C 278 -1.74 -22.90 14.54
CA THR C 278 -2.18 -21.97 15.57
C THR C 278 -1.35 -22.14 16.84
N LEU C 279 -1.30 -21.06 17.63
CA LEU C 279 -0.55 -21.01 18.88
C LEU C 279 -1.23 -20.04 19.84
N ASP C 280 -1.38 -20.46 21.10
CA ASP C 280 -1.94 -19.60 22.15
C ASP C 280 -0.81 -19.07 23.01
N VAL C 281 -0.78 -17.75 23.21
CA VAL C 281 0.24 -17.12 24.04
C VAL C 281 -0.39 -16.01 24.87
N ASP C 282 0.34 -15.59 25.91
CA ASP C 282 -0.11 -14.46 26.70
C ASP C 282 0.23 -13.11 26.06
N VAL C 283 1.30 -13.04 25.29
CA VAL C 283 1.77 -11.80 24.68
C VAL C 283 2.28 -12.12 23.27
N VAL C 284 1.91 -11.29 22.29
CA VAL C 284 2.49 -11.29 20.95
C VAL C 284 3.28 -10.01 20.77
N MET C 285 4.60 -10.11 20.69
CA MET C 285 5.44 -8.94 20.50
C MET C 285 5.90 -8.88 19.04
N MET C 286 5.45 -7.86 18.32
CA MET C 286 5.82 -7.67 16.92
C MET C 286 7.13 -6.92 16.86
N ALA C 287 8.14 -7.53 16.25
CA ALA C 287 9.47 -6.94 16.08
C ALA C 287 9.96 -7.24 14.66
N ILE C 288 9.14 -6.93 13.66
CA ILE C 288 9.47 -7.25 12.26
C ILE C 288 10.19 -6.12 11.55
N GLY C 289 10.40 -4.99 12.20
CA GLY C 289 11.09 -3.87 11.57
C GLY C 289 10.77 -2.57 12.29
N ARG C 290 11.51 -1.53 11.91
CA ARG C 290 11.26 -0.18 12.40
C ARG C 290 11.27 0.79 11.24
N ILE C 291 10.36 1.75 11.26
CA ILE C 291 10.20 2.62 10.09
C ILE C 291 10.42 4.09 10.49
N PRO C 292 10.96 4.90 9.56
CA PRO C 292 11.21 6.31 9.86
C PRO C 292 9.95 7.02 10.34
N ARG C 293 10.13 7.92 11.31
CA ARG C 293 9.02 8.56 12.00
C ARG C 293 8.80 9.94 11.39
N THR C 294 8.02 10.00 10.30
CA THR C 294 7.88 11.22 9.51
C THR C 294 6.47 11.81 9.51
N ASN C 295 5.46 11.07 9.94
CA ASN C 295 4.08 11.50 9.72
C ASN C 295 3.74 12.80 10.45
N ASP C 296 4.23 12.97 11.67
CA ASP C 296 3.83 14.12 12.46
C ASP C 296 4.54 15.41 12.07
N LEU C 297 5.58 15.33 11.23
CA LEU C 297 6.42 16.48 10.93
C LEU C 297 5.78 17.47 9.96
N GLN C 298 4.69 17.10 9.28
CA GLN C 298 4.05 17.96 8.30
C GLN C 298 5.04 18.35 7.21
N LEU C 299 5.78 17.36 6.72
CA LEU C 299 6.83 17.63 5.74
C LEU C 299 6.27 18.24 4.46
N GLY C 300 4.99 17.97 4.14
CA GLY C 300 4.36 18.55 2.97
C GLY C 300 4.22 20.05 3.03
N ASN C 301 4.19 20.63 4.23
CA ASN C 301 4.13 22.07 4.38
C ASN C 301 5.32 22.78 3.75
N VAL C 302 6.46 22.10 3.56
CA VAL C 302 7.63 22.70 2.93
C VAL C 302 8.23 21.85 1.83
N GLY C 303 7.69 20.66 1.57
CA GLY C 303 8.13 19.86 0.43
C GLY C 303 9.38 19.02 0.62
N VAL C 304 9.73 18.65 1.86
CA VAL C 304 10.91 17.82 2.09
C VAL C 304 10.66 16.42 1.52
N LYS C 305 11.60 15.94 0.70
CA LYS C 305 11.38 14.71 -0.06
C LYS C 305 11.65 13.46 0.78
N LEU C 306 10.85 12.42 0.53
CA LEU C 306 11.01 11.11 1.13
C LEU C 306 11.39 10.08 0.08
N THR C 307 12.19 9.11 0.50
CA THR C 307 12.57 8.00 -0.35
C THR C 307 11.37 7.08 -0.59
N PRO C 308 11.42 6.22 -1.61
CA PRO C 308 10.39 5.19 -1.76
C PRO C 308 10.15 4.39 -0.49
N LYS C 309 11.14 4.31 0.40
CA LYS C 309 11.03 3.53 1.63
C LYS C 309 10.38 4.32 2.77
N GLY C 310 10.26 5.63 2.66
CA GLY C 310 9.65 6.46 3.67
C GLY C 310 10.62 7.26 4.51
N GLY C 311 11.93 7.07 4.33
CA GLY C 311 12.89 7.90 5.04
C GLY C 311 13.07 9.26 4.38
N VAL C 312 13.48 10.25 5.18
CA VAL C 312 13.85 11.54 4.61
C VAL C 312 15.08 11.34 3.73
N GLN C 313 14.94 11.66 2.45
CA GLN C 313 16.07 11.55 1.53
C GLN C 313 17.13 12.59 1.88
N VAL C 314 18.38 12.16 1.97
CA VAL C 314 19.50 13.04 2.28
C VAL C 314 20.67 12.71 1.37
N ASP C 315 21.55 13.70 1.19
CA ASP C 315 22.85 13.44 0.59
C ASP C 315 23.82 13.01 1.69
N GLU C 316 25.09 12.85 1.31
CA GLU C 316 26.10 12.36 2.24
C GLU C 316 26.36 13.29 3.41
N PHE C 317 25.95 14.56 3.33
CA PHE C 317 26.11 15.50 4.43
C PHE C 317 24.80 15.76 5.15
N SER C 318 23.82 14.86 4.99
CA SER C 318 22.56 14.90 5.71
C SER C 318 21.68 16.07 5.29
N ARG C 319 21.85 16.56 4.07
CA ARG C 319 21.06 17.69 3.59
C ARG C 319 19.85 17.17 2.84
N THR C 320 18.69 17.71 3.17
CA THR C 320 17.48 17.44 2.39
C THR C 320 17.47 18.32 1.15
N ASN C 321 16.43 18.16 0.33
CA ASN C 321 16.25 19.01 -0.84
C ASN C 321 15.89 20.44 -0.47
N VAL C 322 15.42 20.70 0.75
CA VAL C 322 15.10 22.04 1.21
C VAL C 322 16.33 22.61 1.90
N PRO C 323 16.88 23.74 1.44
CA PRO C 323 18.05 24.31 2.09
C PRO C 323 17.79 24.59 3.56
N ASN C 324 18.86 24.50 4.34
N ASN C 324 18.87 24.56 4.35
N ASN C 324 18.86 24.50 4.34
N ASN C 324 18.87 24.56 4.35
CA ASN C 324 18.85 24.75 5.78
CA ASN C 324 18.89 24.74 5.80
CA ASN C 324 18.85 24.75 5.78
CA ASN C 324 18.89 24.74 5.80
C ASN C 324 17.92 23.81 6.53
C ASN C 324 17.94 23.78 6.54
C ASN C 324 17.92 23.81 6.53
C ASN C 324 17.94 23.78 6.54
N ILE C 325 17.53 22.70 5.91
CA ILE C 325 16.76 21.63 6.57
C ILE C 325 17.52 20.33 6.40
N TYR C 326 17.85 19.66 7.51
CA TYR C 326 18.69 18.48 7.50
C TYR C 326 18.01 17.33 8.24
N ALA C 327 18.50 16.12 8.00
CA ALA C 327 17.98 14.93 8.66
C ALA C 327 19.11 13.94 8.94
N ILE C 328 19.17 13.48 10.19
CA ILE C 328 20.15 12.49 10.63
C ILE C 328 19.41 11.42 11.42
N GLY C 329 20.06 10.27 11.56
CA GLY C 329 19.55 9.23 12.42
C GLY C 329 18.59 8.29 11.72
N ASP C 330 17.79 7.61 12.55
CA ASP C 330 16.88 6.58 12.03
C ASP C 330 15.91 7.16 11.03
N ILE C 331 15.56 8.44 11.15
CA ILE C 331 14.62 9.03 10.20
C ILE C 331 15.14 8.96 8.77
N THR C 332 16.45 8.76 8.59
CA THR C 332 17.02 8.63 7.25
C THR C 332 17.07 7.19 6.76
N ASP C 333 16.82 6.21 7.62
CA ASP C 333 16.69 4.80 7.21
C ASP C 333 17.98 4.26 6.57
N ARG C 334 19.13 4.69 7.09
CA ARG C 334 20.40 4.11 6.68
C ARG C 334 20.77 2.99 7.65
N LEU C 335 21.64 3.28 8.60
CA LEU C 335 22.02 2.33 9.64
C LEU C 335 21.36 2.78 10.93
N MET C 336 20.42 1.98 11.44
CA MET C 336 19.66 2.37 12.63
C MET C 336 20.45 1.95 13.87
N LEU C 337 21.51 2.71 14.17
CA LEU C 337 22.34 2.49 15.34
C LEU C 337 22.58 3.82 16.04
N THR C 338 22.56 3.81 17.37
CA THR C 338 22.77 5.04 18.14
C THR C 338 24.10 5.71 17.84
N PRO C 339 25.25 5.01 17.79
CA PRO C 339 26.50 5.72 17.51
C PRO C 339 26.61 6.26 16.10
N VAL C 340 25.89 5.67 15.14
CA VAL C 340 25.80 6.26 13.81
C VAL C 340 25.03 7.57 13.86
N ALA C 341 23.87 7.57 14.53
CA ALA C 341 23.10 8.82 14.66
C ALA C 341 23.91 9.91 15.36
N ILE C 342 24.68 9.52 16.38
CA ILE C 342 25.54 10.48 17.07
C ILE C 342 26.59 11.04 16.11
N ASN C 343 27.27 10.15 15.38
CA ASN C 343 28.28 10.57 14.41
C ASN C 343 27.68 11.52 13.38
N GLU C 344 26.51 11.16 12.83
CA GLU C 344 25.87 12.00 11.82
C GLU C 344 25.52 13.38 12.37
N GLY C 345 25.08 13.44 13.62
CA GLY C 345 24.70 14.73 14.19
C GLY C 345 25.88 15.62 14.45
N ALA C 346 27.00 15.02 14.86
CA ALA C 346 28.20 15.81 15.09
C ALA C 346 28.78 16.30 13.77
N ALA C 347 28.80 15.43 12.75
CA ALA C 347 29.32 15.82 11.45
C ALA C 347 28.49 16.92 10.80
N LEU C 348 27.18 16.93 11.06
CA LEU C 348 26.33 17.97 10.48
C LEU C 348 26.63 19.33 11.11
N VAL C 349 26.67 19.39 12.45
CA VAL C 349 26.99 20.65 13.12
C VAL C 349 28.37 21.15 12.69
N ASP C 350 29.33 20.24 12.53
CA ASP C 350 30.64 20.64 12.02
C ASP C 350 30.55 21.22 10.61
N THR C 351 29.61 20.71 9.80
CA THR C 351 29.50 21.15 8.42
C THR C 351 28.74 22.46 8.30
N VAL C 352 27.69 22.63 9.11
CA VAL C 352 26.89 23.85 9.02
C VAL C 352 27.59 25.00 9.75
N PHE C 353 28.07 24.76 10.96
CA PHE C 353 28.61 25.82 11.80
C PHE C 353 30.14 25.78 11.94
N GLY C 354 30.81 24.86 11.25
CA GLY C 354 32.26 24.80 11.32
C GLY C 354 32.93 25.07 9.98
N ASN C 355 34.23 24.85 9.91
CA ASN C 355 35.00 25.19 8.71
C ASN C 355 35.01 24.07 7.68
N LYS C 356 35.41 22.88 8.08
CA LYS C 356 35.47 21.82 7.08
C LYS C 356 34.20 20.98 7.14
N PRO C 357 33.56 20.73 6.00
CA PRO C 357 32.47 19.76 5.98
C PRO C 357 32.97 18.35 6.28
N ARG C 358 32.12 17.58 6.95
CA ARG C 358 32.43 16.21 7.32
C ARG C 358 31.19 15.33 7.08
N LYS C 359 31.43 14.11 6.59
CA LYS C 359 30.36 13.17 6.31
C LYS C 359 30.61 11.86 7.05
N THR C 360 29.52 11.23 7.48
CA THR C 360 29.59 9.97 8.22
C THR C 360 29.92 8.80 7.28
N ASP C 361 30.88 7.98 7.67
CA ASP C 361 31.22 6.76 6.94
C ASP C 361 30.33 5.62 7.43
N HIS C 362 29.55 5.03 6.52
CA HIS C 362 28.59 4.00 6.89
C HIS C 362 29.10 2.59 6.67
N THR C 363 30.34 2.42 6.20
CA THR C 363 30.93 1.12 5.98
C THR C 363 31.78 0.73 7.18
N ARG C 364 31.97 -0.58 7.35
CA ARG C 364 32.85 -1.12 8.38
C ARG C 364 32.46 -0.63 9.78
N VAL C 365 31.15 -0.45 10.00
CA VAL C 365 30.63 -0.07 11.31
C VAL C 365 30.45 -1.33 12.14
N ALA C 366 31.10 -1.39 13.30
CA ALA C 366 30.96 -2.55 14.17
C ALA C 366 29.64 -2.46 14.91
N SER C 367 29.03 -3.62 15.16
CA SER C 367 27.77 -3.66 15.88
C SER C 367 27.67 -4.99 16.63
N ALA C 368 26.61 -5.12 17.42
CA ALA C 368 26.43 -6.28 18.27
C ALA C 368 24.97 -6.69 18.31
N VAL C 369 24.73 -7.96 18.66
CA VAL C 369 23.42 -8.42 19.10
C VAL C 369 23.60 -8.97 20.50
N PHE C 370 22.84 -8.44 21.46
CA PHE C 370 22.94 -8.94 22.82
C PHE C 370 21.96 -10.08 23.05
N SER C 371 22.07 -11.04 22.13
CA SER C 371 21.49 -12.33 22.33
C SER C 371 22.27 -13.09 23.40
N ILE C 372 21.70 -14.20 23.84
CA ILE C 372 22.37 -15.11 24.75
C ILE C 372 22.56 -16.44 24.03
N PRO C 373 23.77 -16.69 23.49
CA PRO C 373 25.01 -15.89 23.59
C PRO C 373 25.04 -14.74 22.59
N PRO C 374 25.93 -13.75 22.76
CA PRO C 374 25.88 -12.54 21.94
C PRO C 374 26.76 -12.58 20.69
N ILE C 375 26.46 -11.66 19.77
CA ILE C 375 27.16 -11.53 18.49
C ILE C 375 27.92 -10.21 18.45
N GLY C 376 29.10 -10.24 17.86
CA GLY C 376 29.82 -9.02 17.51
C GLY C 376 30.31 -9.15 16.09
N THR C 377 30.15 -8.08 15.32
CA THR C 377 30.44 -8.17 13.89
C THR C 377 30.93 -6.82 13.38
N CYS C 378 31.76 -6.87 12.34
CA CYS C 378 32.18 -5.64 11.67
C CYS C 378 32.56 -5.99 10.23
N GLY C 379 31.99 -5.26 9.27
CA GLY C 379 32.33 -5.47 7.87
C GLY C 379 31.46 -6.50 7.17
N LEU C 380 31.96 -6.97 6.02
CA LEU C 380 31.17 -7.75 5.08
C LEU C 380 31.03 -9.21 5.50
N ILE C 381 29.85 -9.77 5.28
CA ILE C 381 29.68 -11.21 5.36
C ILE C 381 30.18 -11.84 4.06
N GLU C 382 30.48 -13.14 4.12
CA GLU C 382 31.22 -13.78 3.04
C GLU C 382 30.43 -13.82 1.72
N GLU C 383 29.10 -13.94 1.78
CA GLU C 383 28.38 -14.01 0.51
C GLU C 383 28.31 -12.65 -0.18
N VAL C 384 28.37 -11.56 0.59
CA VAL C 384 28.46 -10.24 -0.02
C VAL C 384 29.85 -10.02 -0.59
N ALA C 385 30.88 -10.38 0.18
CA ALA C 385 32.25 -10.26 -0.29
C ALA C 385 32.46 -11.05 -1.57
N ALA C 386 31.88 -12.25 -1.65
CA ALA C 386 32.10 -13.11 -2.81
C ALA C 386 31.52 -12.53 -4.09
N LYS C 387 30.60 -11.56 -3.98
CA LYS C 387 30.04 -10.91 -5.16
C LYS C 387 30.92 -9.77 -5.65
N GLU C 388 31.69 -9.16 -4.76
CA GLU C 388 32.49 -7.98 -5.09
C GLU C 388 33.98 -8.29 -5.27
N PHE C 389 34.43 -9.49 -4.88
CA PHE C 389 35.84 -9.85 -5.00
C PHE C 389 35.95 -11.23 -5.64
N GLU C 390 36.93 -11.40 -6.53
CA GLU C 390 37.05 -12.64 -7.28
C GLU C 390 37.51 -13.80 -6.40
N LYS C 391 38.38 -13.55 -5.42
CA LYS C 391 38.87 -14.59 -4.53
C LYS C 391 38.71 -14.14 -3.08
N VAL C 392 37.89 -14.88 -2.33
CA VAL C 392 37.61 -14.59 -0.94
C VAL C 392 38.04 -15.80 -0.12
N ALA C 393 38.71 -15.55 0.99
CA ALA C 393 39.09 -16.60 1.92
C ALA C 393 38.32 -16.42 3.22
N VAL C 394 37.93 -17.53 3.84
CA VAL C 394 37.22 -17.52 5.10
C VAL C 394 38.06 -18.28 6.11
N TYR C 395 38.42 -17.62 7.21
CA TYR C 395 39.10 -18.26 8.33
C TYR C 395 38.06 -18.48 9.43
N MET C 396 38.02 -19.70 9.98
CA MET C 396 36.96 -20.05 10.92
C MET C 396 37.51 -20.88 12.05
N SER C 397 37.10 -20.54 13.27
CA SER C 397 37.40 -21.31 14.48
C SER C 397 36.09 -21.43 15.25
N SER C 398 35.73 -22.65 15.63
CA SER C 398 34.47 -22.88 16.34
C SER C 398 34.65 -24.06 17.28
N PHE C 399 34.57 -23.78 18.58
CA PHE C 399 34.80 -24.76 19.63
C PHE C 399 34.00 -24.34 20.86
N THR C 400 33.62 -25.31 21.67
CA THR C 400 33.13 -25.01 23.03
C THR C 400 34.31 -24.68 23.93
N PRO C 401 34.41 -23.46 24.46
CA PRO C 401 35.52 -23.14 25.40
C PRO C 401 35.52 -24.08 26.60
N LEU C 402 36.73 -24.28 27.15
CA LEU C 402 36.93 -25.19 28.29
C LEU C 402 36.00 -24.86 29.46
N MET C 403 35.85 -23.57 29.79
CA MET C 403 35.02 -23.20 30.94
C MET C 403 33.61 -23.78 30.82
N HIS C 404 33.11 -23.94 29.60
CA HIS C 404 31.74 -24.40 29.40
C HIS C 404 31.63 -25.91 29.29
N ASN C 405 32.75 -26.61 29.18
CA ASN C 405 32.70 -28.04 29.44
C ASN C 405 32.53 -28.30 30.93
N ILE C 406 33.10 -27.43 31.76
CA ILE C 406 32.94 -27.57 33.20
C ILE C 406 31.60 -27.00 33.66
N SER C 407 31.17 -25.88 33.07
CA SER C 407 29.90 -25.27 33.47
C SER C 407 28.71 -26.16 33.16
N GLY C 408 28.85 -27.11 32.23
CA GLY C 408 27.74 -27.89 31.74
C GLY C 408 27.02 -27.31 30.53
N SER C 409 27.36 -26.10 30.11
CA SER C 409 26.73 -25.49 28.94
C SER C 409 27.51 -25.85 27.67
N LYS C 410 27.49 -27.15 27.35
CA LYS C 410 28.36 -27.65 26.29
C LYS C 410 27.94 -27.17 24.91
N TYR C 411 26.70 -26.73 24.75
CA TYR C 411 26.21 -26.16 23.51
C TYR C 411 26.83 -24.81 23.17
N LYS C 412 27.59 -24.22 24.08
CA LYS C 412 28.04 -22.83 23.94
C LYS C 412 29.36 -22.75 23.16
N LYS C 413 29.26 -23.01 21.86
CA LYS C 413 30.41 -22.83 20.98
C LYS C 413 30.72 -21.35 20.79
N PHE C 414 32.00 -21.00 20.85
CA PHE C 414 32.47 -19.69 20.40
C PHE C 414 32.86 -19.77 18.93
N VAL C 415 32.35 -18.85 18.13
CA VAL C 415 32.61 -18.84 16.70
C VAL C 415 33.34 -17.56 16.36
N ALA C 416 34.47 -17.70 15.66
CA ALA C 416 35.24 -16.56 15.19
C ALA C 416 35.51 -16.79 13.71
N LYS C 417 35.09 -15.84 12.87
CA LYS C 417 35.35 -15.94 11.44
C LYS C 417 35.95 -14.64 10.92
N ILE C 418 36.93 -14.76 10.03
CA ILE C 418 37.54 -13.62 9.36
C ILE C 418 37.37 -13.84 7.87
N VAL C 419 36.93 -12.80 7.16
CA VAL C 419 36.68 -12.88 5.73
C VAL C 419 37.68 -11.95 5.04
N THR C 420 38.41 -12.47 4.04
CA THR C 420 39.43 -11.66 3.40
C THR C 420 39.22 -11.61 1.90
N ASN C 421 39.76 -10.55 1.30
CA ASN C 421 40.11 -10.57 -0.10
C ASN C 421 41.41 -11.37 -0.21
N HIS C 422 41.32 -12.59 -0.71
CA HIS C 422 42.48 -13.47 -0.71
C HIS C 422 43.58 -13.00 -1.66
N SER C 423 43.28 -12.05 -2.55
CA SER C 423 44.29 -11.58 -3.50
C SER C 423 45.35 -10.73 -2.82
N ASP C 424 44.97 -9.92 -1.83
CA ASP C 424 45.94 -9.13 -1.10
C ASP C 424 45.88 -9.30 0.41
N GLY C 425 45.00 -10.16 0.92
CA GLY C 425 44.93 -10.44 2.34
C GLY C 425 44.13 -9.47 3.17
N THR C 426 43.54 -8.42 2.55
CA THR C 426 42.79 -7.42 3.29
C THR C 426 41.60 -8.05 4.01
N VAL C 427 41.43 -7.72 5.29
CA VAL C 427 40.28 -8.21 6.06
C VAL C 427 39.05 -7.40 5.67
N LEU C 428 38.01 -8.10 5.19
CA LEU C 428 36.77 -7.48 4.78
C LEU C 428 35.68 -7.54 5.84
N GLY C 429 35.74 -8.54 6.72
CA GLY C 429 34.76 -8.66 7.78
C GLY C 429 35.26 -9.61 8.85
N VAL C 430 34.77 -9.40 10.07
CA VAL C 430 35.06 -10.26 11.21
C VAL C 430 33.73 -10.47 11.93
N HIS C 431 33.42 -11.73 12.24
CA HIS C 431 32.13 -12.10 12.82
C HIS C 431 32.34 -13.08 13.96
N LEU C 432 31.74 -12.77 15.11
CA LEU C 432 32.01 -13.43 16.38
C LEU C 432 30.69 -13.80 17.05
N LEU C 433 30.66 -14.98 17.65
CA LEU C 433 29.53 -15.41 18.48
C LEU C 433 30.05 -16.03 19.77
N GLY C 434 29.55 -15.56 20.90
CA GLY C 434 30.04 -16.08 22.17
C GLY C 434 30.26 -14.99 23.18
N ASP C 435 30.38 -15.37 24.46
CA ASP C 435 30.54 -14.38 25.52
C ASP C 435 31.68 -13.42 25.22
N GLY C 436 31.41 -12.13 25.38
CA GLY C 436 32.41 -11.12 25.13
C GLY C 436 32.47 -10.61 23.71
N ALA C 437 31.74 -11.23 22.77
CA ALA C 437 31.86 -10.84 21.37
C ALA C 437 31.59 -9.36 21.11
N PRO C 438 30.61 -8.70 21.76
CA PRO C 438 30.46 -7.26 21.51
C PRO C 438 31.65 -6.43 21.96
N GLU C 439 32.36 -6.87 23.00
CA GLU C 439 33.52 -6.13 23.49
C GLU C 439 34.75 -6.40 22.62
N ILE C 440 34.90 -7.66 22.18
CA ILE C 440 36.03 -8.04 21.34
C ILE C 440 36.00 -7.27 20.01
N ILE C 441 34.81 -7.06 19.46
CA ILE C 441 34.74 -6.55 18.09
C ILE C 441 35.10 -5.07 17.99
N GLN C 442 35.06 -4.31 19.08
CA GLN C 442 35.18 -2.84 18.97
C GLN C 442 36.48 -2.44 18.28
N ALA C 443 37.61 -2.93 18.79
CA ALA C 443 38.90 -2.53 18.22
C ALA C 443 39.13 -3.16 16.85
N VAL C 444 38.36 -4.20 16.49
CA VAL C 444 38.43 -4.70 15.11
C VAL C 444 37.93 -3.63 14.16
N GLY C 445 36.94 -2.84 14.59
CA GLY C 445 36.48 -1.72 13.78
C GLY C 445 37.59 -0.73 13.49
N VAL C 446 38.48 -0.52 14.45
CA VAL C 446 39.64 0.35 14.22
C VAL C 446 40.59 -0.30 13.22
N CYS C 447 40.80 -1.62 13.35
CA CYS C 447 41.69 -2.35 12.45
C CYS C 447 41.23 -2.24 11.01
N LEU C 448 39.92 -2.22 10.77
CA LEU C 448 39.45 -2.16 9.40
C LEU C 448 39.64 -0.76 8.82
N ARG C 449 39.69 0.27 9.67
CA ARG C 449 40.03 1.61 9.20
C ARG C 449 41.50 1.76 8.87
N LEU C 450 42.34 0.82 9.30
CA LEU C 450 43.77 0.82 9.00
C LEU C 450 44.11 -0.18 7.91
N ASN C 451 43.10 -0.71 7.22
CA ASN C 451 43.27 -1.69 6.15
C ASN C 451 44.16 -2.84 6.57
N ALA C 452 43.80 -3.43 7.71
CA ALA C 452 44.46 -4.61 8.22
C ALA C 452 44.35 -5.76 7.25
N LYS C 453 45.40 -6.57 7.20
CA LYS C 453 45.42 -7.83 6.46
C LYS C 453 45.37 -8.99 7.43
N ILE C 454 45.09 -10.19 6.91
CA ILE C 454 45.06 -11.37 7.77
C ILE C 454 46.40 -11.54 8.48
N SER C 455 47.51 -11.24 7.79
CA SER C 455 48.81 -11.41 8.43
C SER C 455 49.00 -10.42 9.58
N ASP C 456 48.36 -9.25 9.52
CA ASP C 456 48.41 -8.35 10.66
C ASP C 456 47.75 -8.96 11.87
N PHE C 457 46.64 -9.69 11.68
CA PHE C 457 46.01 -10.37 12.81
C PHE C 457 46.88 -11.52 13.30
N TYR C 458 47.33 -12.40 12.42
CA TYR C 458 48.05 -13.60 12.84
CA TYR C 458 48.00 -13.58 12.95
C TYR C 458 49.42 -13.28 13.42
N ASN C 459 50.03 -12.18 13.02
CA ASN C 459 51.34 -11.88 13.55
C ASN C 459 51.29 -11.13 14.87
N THR C 460 50.11 -10.70 15.30
CA THR C 460 49.94 -10.09 16.62
C THR C 460 49.95 -11.18 17.67
N ILE C 461 50.64 -10.95 18.79
CA ILE C 461 50.75 -11.97 19.83
C ILE C 461 49.45 -12.01 20.65
N GLY C 462 48.95 -13.21 20.89
CA GLY C 462 47.68 -13.35 21.57
C GLY C 462 47.78 -13.01 23.04
N VAL C 463 46.62 -12.70 23.63
CA VAL C 463 46.41 -12.60 25.08
C VAL C 463 45.80 -13.91 25.54
N HIS C 464 46.42 -14.56 26.53
CA HIS C 464 46.01 -15.91 26.87
C HIS C 464 45.72 -16.01 28.37
N PRO C 465 44.62 -16.69 28.76
CA PRO C 465 43.59 -17.26 27.89
C PRO C 465 42.40 -16.33 27.69
N THR C 466 42.01 -16.14 26.43
CA THR C 466 40.83 -15.36 26.07
C THR C 466 40.15 -16.07 24.91
N SER C 467 38.89 -15.70 24.65
CA SER C 467 38.30 -16.09 23.38
C SER C 467 38.88 -15.27 22.25
N ALA C 468 39.22 -14.01 22.54
CA ALA C 468 39.65 -13.11 21.49
C ALA C 468 40.94 -13.56 20.81
N GLU C 469 41.81 -14.29 21.54
CA GLU C 469 43.08 -14.68 20.92
C GLU C 469 42.88 -15.59 19.73
N GLU C 470 41.68 -16.16 19.56
CA GLU C 470 41.40 -16.94 18.36
C GLU C 470 41.56 -16.13 17.10
N LEU C 471 41.28 -14.82 17.18
CA LEU C 471 41.41 -13.95 16.02
C LEU C 471 42.85 -13.80 15.59
N CYS C 472 43.80 -14.13 16.45
CA CYS C 472 45.22 -14.01 16.15
C CYS C 472 45.90 -15.37 15.99
N SER C 473 45.12 -16.43 15.79
CA SER C 473 45.66 -17.77 15.66
C SER C 473 45.28 -18.44 14.35
N MET C 474 44.76 -17.69 13.39
CA MET C 474 44.23 -18.27 12.15
C MET C 474 45.10 -17.82 11.00
N ARG C 475 45.83 -18.74 10.39
CA ARG C 475 46.66 -18.41 9.25
C ARG C 475 46.33 -19.21 8.00
N THR C 476 45.55 -20.28 8.11
CA THR C 476 45.19 -21.11 6.96
C THR C 476 43.69 -21.02 6.71
N PRO C 477 43.24 -20.58 5.54
CA PRO C 477 41.80 -20.49 5.28
C PRO C 477 41.11 -21.82 5.47
N SER C 478 39.87 -21.76 5.98
CA SER C 478 39.02 -22.94 6.09
C SER C 478 38.41 -23.29 4.75
N TYR C 479 38.05 -22.30 3.96
CA TYR C 479 37.52 -22.50 2.61
C TYR C 479 37.58 -21.16 1.89
N TYR C 480 37.19 -21.17 0.62
CA TYR C 480 37.30 -19.99 -0.23
C TYR C 480 36.01 -19.82 -1.02
N TYR C 481 35.87 -18.63 -1.60
CA TYR C 481 34.95 -18.36 -2.70
C TYR C 481 35.79 -17.89 -3.88
N VAL C 482 35.64 -18.56 -5.01
CA VAL C 482 36.35 -18.19 -6.24
C VAL C 482 35.31 -17.92 -7.31
N LYS C 483 35.24 -16.66 -7.77
CA LYS C 483 34.21 -16.22 -8.70
C LYS C 483 32.81 -16.54 -8.18
N GLY C 484 32.59 -16.29 -6.89
CA GLY C 484 31.30 -16.56 -6.27
C GLY C 484 31.05 -18.00 -5.90
N GLU C 485 31.98 -18.91 -6.15
CA GLU C 485 31.78 -20.34 -5.94
C GLU C 485 32.54 -20.80 -4.71
N LYS C 486 31.80 -21.34 -3.72
CA LYS C 486 32.39 -21.89 -2.52
C LYS C 486 33.19 -23.15 -2.83
N MET C 487 34.34 -23.31 -2.17
CA MET C 487 35.16 -24.49 -2.37
C MET C 487 36.20 -24.60 -1.25
N GLU C 488 36.47 -25.82 -0.83
CA GLU C 488 37.41 -26.04 0.27
C GLU C 488 38.82 -25.62 -0.10
N LYS C 489 39.25 -25.87 -1.33
CA LYS C 489 40.62 -25.62 -1.73
C LYS C 489 40.70 -24.61 -2.87
N LEU C 490 41.91 -24.08 -3.07
CA LEU C 490 42.24 -23.08 -4.09
C LEU C 490 41.74 -21.69 -3.72
N GLY D 1 78.82 -55.51 22.00
CA GLY D 1 79.41 -54.24 21.60
C GLY D 1 78.44 -53.09 21.73
N SER D 2 78.83 -51.94 21.21
CA SER D 2 78.01 -50.74 21.31
C SER D 2 76.90 -50.75 20.27
N HIS D 3 75.91 -49.86 20.46
CA HIS D 3 74.82 -49.69 19.51
C HIS D 3 74.38 -48.23 19.52
N MET D 4 73.71 -47.81 18.46
CA MET D 4 73.55 -46.39 18.20
C MET D 4 72.47 -45.75 19.06
N SER D 5 72.74 -44.52 19.50
CA SER D 5 71.75 -43.70 20.19
C SER D 5 70.64 -43.30 19.24
N LYS D 6 69.44 -43.11 19.77
CA LYS D 6 68.40 -42.42 19.03
C LYS D 6 68.90 -41.02 18.64
N ALA D 7 68.71 -40.63 17.37
CA ALA D 7 69.28 -39.39 16.84
C ALA D 7 68.20 -38.48 16.25
N PHE D 8 68.38 -37.16 16.40
CA PHE D 8 67.33 -36.19 16.12
C PHE D 8 67.92 -34.96 15.45
N ASP D 9 67.12 -34.35 14.56
CA ASP D 9 67.46 -33.01 14.09
C ASP D 9 67.41 -32.03 15.25
N LEU D 10 66.45 -32.19 16.15
CA LEU D 10 66.19 -31.21 17.19
C LEU D 10 65.80 -31.95 18.47
N VAL D 11 66.48 -31.65 19.57
CA VAL D 11 66.04 -32.10 20.87
C VAL D 11 65.64 -30.86 21.67
N VAL D 12 64.38 -30.85 22.11
CA VAL D 12 63.83 -29.79 22.94
C VAL D 12 63.80 -30.26 24.38
N ILE D 13 64.39 -29.50 25.29
CA ILE D 13 64.32 -29.84 26.71
C ILE D 13 63.24 -28.95 27.31
N GLY D 14 62.14 -29.59 27.71
CA GLY D 14 60.98 -28.92 28.26
C GLY D 14 59.82 -28.89 27.27
N ALA D 15 58.76 -29.62 27.59
CA ALA D 15 57.62 -29.78 26.70
C ALA D 15 56.49 -28.82 27.07
N GLY D 16 56.82 -27.54 27.09
CA GLY D 16 55.90 -26.50 27.52
C GLY D 16 55.43 -25.64 26.38
N SER D 17 54.99 -24.42 26.72
CA SER D 17 54.33 -23.55 25.73
C SER D 17 55.23 -23.35 24.52
N GLY D 18 56.45 -22.88 24.75
CA GLY D 18 57.41 -22.70 23.68
C GLY D 18 57.96 -23.98 23.09
N GLY D 19 58.34 -24.92 23.95
CA GLY D 19 58.95 -26.16 23.47
C GLY D 19 58.04 -26.96 22.56
N LEU D 20 56.75 -27.05 22.91
CA LEU D 20 55.83 -27.81 22.07
C LEU D 20 55.55 -27.11 20.75
N GLU D 21 55.42 -25.79 20.76
CA GLU D 21 55.25 -25.09 19.50
C GLU D 21 56.43 -25.34 18.57
N ALA D 22 57.64 -25.26 19.11
CA ALA D 22 58.84 -25.52 18.31
C ALA D 22 58.86 -26.96 17.82
N GLY D 23 58.64 -27.91 18.73
CA GLY D 23 58.72 -29.32 18.36
C GLY D 23 57.70 -29.69 17.30
N TRP D 24 56.44 -29.32 17.54
CA TRP D 24 55.39 -29.59 16.58
C TRP D 24 55.69 -28.97 15.22
N ASN D 25 56.11 -27.70 15.20
CA ASN D 25 56.34 -27.04 13.92
C ASN D 25 57.50 -27.69 13.19
N ALA D 26 58.59 -27.97 13.89
CA ALA D 26 59.75 -28.55 13.21
C ALA D 26 59.41 -29.90 12.60
N ALA D 27 58.60 -30.70 13.32
CA ALA D 27 58.26 -32.02 12.83
C ALA D 27 57.20 -32.00 11.73
N THR D 28 56.15 -31.19 11.88
CA THR D 28 55.03 -31.30 10.95
C THR D 28 55.10 -30.31 9.80
N LEU D 29 55.75 -29.17 10.01
CA LEU D 29 55.93 -28.20 8.93
C LEU D 29 57.21 -28.42 8.16
N TYR D 30 58.27 -28.87 8.81
CA TYR D 30 59.58 -28.95 8.16
C TYR D 30 60.12 -30.36 8.10
N GLY D 31 59.34 -31.36 8.48
CA GLY D 31 59.75 -32.73 8.27
C GLY D 31 60.90 -33.20 9.14
N LYS D 32 61.16 -32.52 10.25
CA LYS D 32 62.33 -32.86 11.06
C LYS D 32 62.02 -33.96 12.06
N ARG D 33 63.07 -34.67 12.47
CA ARG D 33 62.96 -35.67 13.52
C ARG D 33 63.25 -34.97 14.84
N VAL D 34 62.26 -34.98 15.74
CA VAL D 34 62.27 -34.12 16.92
C VAL D 34 62.05 -34.97 18.16
N ALA D 35 62.84 -34.69 19.20
CA ALA D 35 62.65 -35.26 20.52
C ALA D 35 62.27 -34.14 21.48
N VAL D 36 61.32 -34.42 22.38
CA VAL D 36 60.88 -33.48 23.40
C VAL D 36 60.90 -34.18 24.75
N VAL D 37 61.53 -33.55 25.75
CA VAL D 37 61.76 -34.14 27.07
C VAL D 37 60.95 -33.37 28.10
N ASP D 38 60.28 -34.09 29.00
CA ASP D 38 59.70 -33.44 30.16
C ASP D 38 59.70 -34.43 31.32
N VAL D 39 59.56 -33.89 32.53
CA VAL D 39 59.77 -34.65 33.75
C VAL D 39 58.53 -35.39 34.24
N GLN D 40 57.35 -35.09 33.68
CA GLN D 40 56.12 -35.77 34.03
C GLN D 40 55.20 -35.77 32.82
N THR D 41 54.36 -36.80 32.71
CA THR D 41 53.42 -36.85 31.61
C THR D 41 52.04 -36.29 31.95
N SER D 42 51.76 -36.00 33.23
CA SER D 42 50.53 -35.30 33.60
C SER D 42 50.80 -34.42 34.82
N HIS D 43 49.84 -33.53 35.11
CA HIS D 43 50.01 -32.44 36.07
C HIS D 43 50.17 -32.95 37.51
N GLY D 44 50.76 -32.11 38.37
CA GLY D 44 50.64 -32.29 39.80
C GLY D 44 51.92 -32.69 40.49
N PRO D 45 51.86 -32.87 41.82
CA PRO D 45 53.07 -33.25 42.56
C PRO D 45 53.60 -34.57 42.06
N PRO D 46 54.92 -34.79 42.15
CA PRO D 46 55.92 -33.95 42.82
C PRO D 46 56.46 -32.75 42.02
N PHE D 47 56.41 -32.73 40.68
CA PHE D 47 57.13 -31.71 39.92
C PHE D 47 56.22 -30.64 39.31
N TYR D 48 54.89 -30.81 39.46
CA TYR D 48 53.87 -29.79 39.18
C TYR D 48 53.70 -29.47 37.69
N ALA D 49 54.68 -28.83 37.07
CA ALA D 49 54.64 -28.76 35.61
C ALA D 49 54.89 -30.16 35.02
N ALA D 50 54.55 -30.30 33.74
CA ALA D 50 54.54 -31.60 33.08
C ALA D 50 54.40 -31.35 31.59
N LEU D 51 54.34 -32.43 30.83
CA LEU D 51 53.90 -32.41 29.43
C LEU D 51 52.78 -31.39 29.26
N GLY D 52 53.04 -30.38 28.42
CA GLY D 52 52.14 -29.28 28.20
C GLY D 52 52.66 -27.96 28.73
N GLY D 53 53.41 -28.00 29.80
CA GLY D 53 54.14 -26.85 30.29
C GLY D 53 53.50 -26.26 31.53
N THR D 54 54.06 -25.13 31.96
CA THR D 54 53.58 -24.51 33.19
C THR D 54 52.20 -23.90 33.02
N CYS D 55 51.93 -23.29 31.87
CA CYS D 55 50.62 -22.69 31.65
C CYS D 55 49.51 -23.74 31.73
N VAL D 56 49.69 -24.85 31.00
CA VAL D 56 48.70 -25.90 30.94
C VAL D 56 48.49 -26.52 32.32
N ASN D 57 49.57 -26.79 33.04
CA ASN D 57 49.49 -27.62 34.22
C ASN D 57 49.27 -26.85 35.52
N VAL D 58 50.00 -25.74 35.75
CA VAL D 58 49.95 -25.00 37.01
C VAL D 58 50.09 -23.52 36.68
N GLY D 59 49.34 -23.06 35.67
CA GLY D 59 49.46 -21.68 35.22
C GLY D 59 48.18 -21.13 34.63
N CYS D 60 48.27 -20.53 33.44
CA CYS D 60 47.14 -19.80 32.85
C CYS D 60 45.87 -20.64 32.83
N VAL D 61 45.97 -21.89 32.36
CA VAL D 61 44.75 -22.65 32.12
C VAL D 61 44.03 -22.94 33.44
N PRO D 62 44.61 -23.64 34.43
CA PRO D 62 43.87 -23.87 35.69
C PRO D 62 43.55 -22.59 36.45
N LYS D 63 44.44 -21.60 36.43
CA LYS D 63 44.16 -20.39 37.20
C LYS D 63 42.97 -19.64 36.60
N LYS D 64 42.82 -19.66 35.27
CA LYS D 64 41.67 -18.99 34.70
C LYS D 64 40.39 -19.70 35.09
N LEU D 65 40.41 -21.04 35.12
CA LEU D 65 39.22 -21.76 35.58
C LEU D 65 38.88 -21.40 37.01
N MET D 66 39.91 -21.24 37.86
CA MET D 66 39.66 -20.95 39.27
C MET D 66 39.21 -19.51 39.47
N VAL D 67 39.73 -18.57 38.67
CA VAL D 67 39.21 -17.20 38.73
C VAL D 67 37.76 -17.16 38.25
N THR D 68 37.43 -17.93 37.21
CA THR D 68 36.05 -18.00 36.77
C THR D 68 35.16 -18.52 37.89
N GLY D 69 35.58 -19.58 38.58
CA GLY D 69 34.85 -20.03 39.75
C GLY D 69 34.73 -18.95 40.81
N ALA D 70 35.81 -18.23 41.04
CA ALA D 70 35.80 -17.18 42.06
C ALA D 70 34.80 -16.07 41.71
N GLN D 71 34.65 -15.78 40.41
CA GLN D 71 33.73 -14.73 39.96
C GLN D 71 32.28 -15.01 40.33
N TYR D 72 31.89 -16.26 40.57
CA TYR D 72 30.49 -16.51 40.91
C TYR D 72 30.10 -15.94 42.25
N MET D 73 31.07 -15.74 43.16
CA MET D 73 30.75 -15.02 44.39
C MET D 73 30.13 -13.67 44.05
N ASP D 74 30.74 -12.94 43.11
CA ASP D 74 30.20 -11.66 42.69
C ASP D 74 28.88 -11.83 41.94
N HIS D 75 28.81 -12.79 41.01
CA HIS D 75 27.60 -12.98 40.22
C HIS D 75 26.40 -13.26 41.12
N LEU D 76 26.57 -14.17 42.09
CA LEU D 76 25.46 -14.51 42.97
C LEU D 76 24.97 -13.28 43.73
N ARG D 77 25.90 -12.46 44.24
CA ARG D 77 25.48 -11.28 44.99
C ARG D 77 24.87 -10.21 44.06
N GLU D 78 25.52 -9.96 42.91
CA GLU D 78 25.03 -8.97 41.95
C GLU D 78 23.69 -9.38 41.32
N SER D 79 23.34 -10.66 41.31
CA SER D 79 22.11 -11.06 40.64
C SER D 79 20.89 -10.46 41.34
N ALA D 80 21.01 -10.15 42.65
CA ALA D 80 19.86 -9.67 43.39
C ALA D 80 19.34 -8.35 42.83
N GLY D 81 20.25 -7.47 42.42
CA GLY D 81 19.84 -6.18 41.88
C GLY D 81 19.00 -6.30 40.63
N PHE D 82 19.15 -7.39 39.89
CA PHE D 82 18.37 -7.64 38.69
C PHE D 82 17.17 -8.53 38.94
N GLY D 83 16.82 -8.75 40.22
CA GLY D 83 15.59 -9.42 40.57
C GLY D 83 15.72 -10.89 40.91
N TRP D 84 16.93 -11.44 40.91
CA TRP D 84 17.08 -12.86 41.23
C TRP D 84 17.00 -13.05 42.74
N GLU D 85 16.20 -14.02 43.15
CA GLU D 85 15.95 -14.32 44.54
C GLU D 85 16.31 -15.78 44.76
N PHE D 86 16.95 -16.07 45.90
CA PHE D 86 17.21 -17.43 46.32
C PHE D 86 17.65 -17.39 47.77
N ASP D 87 17.73 -18.56 48.39
CA ASP D 87 18.14 -18.67 49.78
C ASP D 87 19.62 -18.38 49.98
N GLY D 88 19.97 -17.14 50.30
CA GLY D 88 21.37 -16.77 50.45
C GLY D 88 22.07 -17.54 51.55
N SER D 89 21.32 -17.99 52.56
CA SER D 89 21.94 -18.73 53.64
C SER D 89 22.36 -20.13 53.22
N SER D 90 21.90 -20.62 52.06
CA SER D 90 22.31 -21.93 51.59
C SER D 90 23.53 -21.89 50.69
N VAL D 91 24.12 -20.73 50.45
CA VAL D 91 25.22 -20.62 49.50
C VAL D 91 26.49 -21.10 50.16
N LYS D 92 27.19 -22.04 49.51
CA LYS D 92 28.53 -22.39 49.95
C LYS D 92 29.40 -22.67 48.74
N ALA D 93 30.67 -22.27 48.83
CA ALA D 93 31.66 -22.49 47.79
C ALA D 93 32.43 -23.76 48.11
N ASN D 94 32.40 -24.72 47.19
CA ASN D 94 33.00 -26.03 47.43
C ASN D 94 34.32 -26.07 46.66
N TRP D 95 35.40 -25.79 47.39
CA TRP D 95 36.76 -25.80 46.85
C TRP D 95 37.11 -27.16 46.28
N LYS D 96 36.69 -28.23 46.96
CA LYS D 96 37.06 -29.57 46.55
C LYS D 96 36.53 -29.89 45.16
N LYS D 97 35.28 -29.50 44.89
CA LYS D 97 34.71 -29.75 43.57
C LYS D 97 35.42 -28.91 42.51
N LEU D 98 35.77 -27.67 42.85
CA LEU D 98 36.50 -26.84 41.91
C LEU D 98 37.82 -27.47 41.51
N ILE D 99 38.59 -27.92 42.50
CA ILE D 99 39.90 -28.49 42.20
C ILE D 99 39.73 -29.80 41.44
N ALA D 100 38.72 -30.60 41.79
CA ALA D 100 38.50 -31.85 41.05
C ALA D 100 38.14 -31.56 39.61
N ALA D 101 37.35 -30.51 39.37
CA ALA D 101 36.98 -30.17 37.99
C ALA D 101 38.19 -29.64 37.23
N LYS D 102 38.97 -28.79 37.87
CA LYS D 102 40.22 -28.29 37.28
C LYS D 102 41.16 -29.43 36.96
N ASN D 103 41.33 -30.37 37.90
CA ASN D 103 42.24 -31.49 37.68
C ASN D 103 41.84 -32.31 36.45
N GLU D 104 40.53 -32.53 36.28
CA GLU D 104 40.04 -33.30 35.14
C GLU D 104 40.31 -32.57 33.83
N ALA D 105 40.03 -31.27 33.80
CA ALA D 105 40.31 -30.47 32.60
C ALA D 105 41.78 -30.50 32.23
N VAL D 106 42.68 -30.39 33.21
CA VAL D 106 44.10 -30.41 32.91
C VAL D 106 44.55 -31.80 32.47
N LEU D 107 44.10 -32.85 33.17
CA LEU D 107 44.46 -34.20 32.76
C LEU D 107 44.04 -34.49 31.32
N ASP D 108 42.84 -34.03 30.94
CA ASP D 108 42.39 -34.20 29.56
C ASP D 108 43.35 -33.57 28.57
N ILE D 109 43.91 -32.40 28.90
CA ILE D 109 44.91 -31.80 28.03
C ILE D 109 46.19 -32.63 28.03
N ASN D 110 46.65 -33.08 29.20
CA ASN D 110 47.81 -33.98 29.26
C ASN D 110 47.63 -35.16 28.31
N LYS D 111 46.49 -35.85 28.43
CA LYS D 111 46.22 -37.01 27.58
C LYS D 111 46.18 -36.62 26.11
N SER D 112 45.66 -35.44 25.80
CA SER D 112 45.59 -35.01 24.41
C SER D 112 46.99 -34.79 23.83
N TYR D 113 47.91 -34.24 24.62
CA TYR D 113 49.29 -34.12 24.15
C TYR D 113 49.96 -35.49 24.01
N GLU D 114 49.64 -36.45 24.87
CA GLU D 114 50.18 -37.79 24.67
C GLU D 114 49.73 -38.36 23.33
N GLY D 115 48.47 -38.16 22.98
CA GLY D 115 47.99 -38.66 21.69
C GLY D 115 48.63 -37.95 20.52
N MET D 116 48.95 -36.66 20.70
CA MET D 116 49.67 -35.93 19.67
C MET D 116 51.02 -36.59 19.39
N PHE D 117 51.78 -36.92 20.45
CA PHE D 117 53.05 -37.61 20.22
C PHE D 117 52.82 -38.98 19.60
N ASN D 118 51.85 -39.73 20.12
CA ASN D 118 51.66 -41.09 19.60
C ASN D 118 51.27 -41.06 18.13
N ASP D 119 50.55 -40.06 17.70
CA ASP D 119 50.00 -40.05 16.35
C ASP D 119 50.91 -39.41 15.31
N THR D 120 51.93 -38.66 15.72
CA THR D 120 52.69 -37.79 14.82
C THR D 120 54.07 -38.39 14.52
N GLU D 121 54.24 -38.89 13.31
CA GLU D 121 55.53 -39.48 12.96
C GLU D 121 56.62 -38.41 12.99
N GLY D 122 57.78 -38.76 13.56
CA GLY D 122 58.86 -37.80 13.68
C GLY D 122 58.85 -36.93 14.93
N LEU D 123 57.81 -36.99 15.76
CA LEU D 123 57.78 -36.24 17.01
C LEU D 123 57.71 -37.24 18.16
N ASP D 124 58.79 -37.35 18.94
CA ASP D 124 58.94 -38.33 20.00
C ASP D 124 59.03 -37.64 21.36
N PHE D 125 58.38 -38.23 22.36
CA PHE D 125 58.44 -37.71 23.72
C PHE D 125 59.35 -38.57 24.59
N PHE D 126 60.12 -37.94 25.47
CA PHE D 126 60.94 -38.69 26.44
C PHE D 126 60.68 -38.18 27.84
N LEU D 127 60.34 -39.11 28.73
CA LEU D 127 60.09 -38.82 30.13
C LEU D 127 61.41 -38.79 30.91
N GLY D 128 61.67 -37.70 31.64
CA GLY D 128 62.78 -37.64 32.57
C GLY D 128 63.41 -36.26 32.56
N TRP D 129 64.62 -36.16 33.13
CA TRP D 129 65.31 -34.89 33.31
C TRP D 129 66.40 -34.74 32.25
N GLY D 130 66.24 -33.76 31.37
CA GLY D 130 67.19 -33.53 30.29
C GLY D 130 68.31 -32.60 30.74
N SER D 131 69.51 -32.90 30.30
CA SER D 131 70.64 -32.02 30.55
C SER D 131 71.64 -32.16 29.41
N LEU D 132 72.55 -31.21 29.33
CA LEU D 132 73.50 -31.15 28.24
C LEU D 132 74.78 -31.89 28.66
N GLU D 133 75.01 -33.06 28.06
CA GLU D 133 76.27 -33.74 28.32
C GLU D 133 77.39 -33.11 27.51
N SER D 134 77.13 -32.82 26.23
CA SER D 134 78.04 -32.09 25.36
C SER D 134 77.22 -31.33 24.31
N LYS D 135 77.94 -30.70 23.39
CA LYS D 135 77.32 -29.74 22.48
C LYS D 135 76.23 -30.37 21.62
N ASN D 136 76.31 -31.68 21.36
CA ASN D 136 75.34 -32.35 20.50
C ASN D 136 74.84 -33.64 21.15
N VAL D 137 74.80 -33.66 22.48
CA VAL D 137 74.39 -34.82 23.24
C VAL D 137 73.50 -34.36 24.39
N VAL D 138 72.24 -34.80 24.40
CA VAL D 138 71.33 -34.58 25.52
C VAL D 138 71.14 -35.90 26.23
N VAL D 139 71.34 -35.90 27.55
CA VAL D 139 71.08 -37.06 28.38
CA VAL D 139 71.08 -37.07 28.37
C VAL D 139 69.77 -36.86 29.12
N VAL D 140 69.00 -37.93 29.25
CA VAL D 140 67.76 -37.93 30.00
C VAL D 140 67.97 -38.86 31.18
N ARG D 141 67.87 -38.32 32.39
CA ARG D 141 68.14 -39.06 33.62
C ARG D 141 66.87 -39.28 34.43
N GLU D 142 67.00 -40.19 35.39
CA GLU D 142 65.86 -40.58 36.21
C GLU D 142 65.36 -39.43 37.07
N THR D 143 66.26 -38.61 37.62
CA THR D 143 65.88 -37.52 38.52
C THR D 143 66.71 -36.28 38.17
N ALA D 144 66.45 -35.18 38.87
CA ALA D 144 67.22 -33.96 38.67
C ALA D 144 68.66 -34.10 39.16
N ASP D 145 68.95 -35.10 39.97
CA ASP D 145 70.30 -35.37 40.43
C ASP D 145 71.16 -35.79 39.26
N PRO D 146 72.22 -35.03 38.89
CA PRO D 146 73.05 -35.39 37.73
C PRO D 146 73.81 -36.70 37.90
N LYS D 147 73.70 -37.31 39.08
CA LYS D 147 74.28 -38.62 39.32
C LYS D 147 73.25 -39.74 39.23
N SER D 148 71.98 -39.42 38.97
CA SER D 148 70.99 -40.48 38.77
C SER D 148 71.20 -41.15 37.42
N ALA D 149 70.58 -42.32 37.27
CA ALA D 149 70.79 -43.19 36.11
C ALA D 149 70.38 -42.51 34.81
N VAL D 150 71.23 -42.64 33.80
CA VAL D 150 70.89 -42.20 32.45
C VAL D 150 69.85 -43.15 31.86
N LYS D 151 68.67 -42.60 31.53
CA LYS D 151 67.65 -43.41 30.85
C LYS D 151 67.94 -43.50 29.36
N GLU D 152 68.29 -42.38 28.75
CA GLU D 152 68.48 -42.28 27.31
C GLU D 152 69.57 -41.25 27.06
N ARG D 153 70.44 -41.55 26.10
CA ARG D 153 71.43 -40.60 25.61
C ARG D 153 71.08 -40.31 24.16
N LEU D 154 70.77 -39.05 23.85
CA LEU D 154 70.19 -38.69 22.54
C LEU D 154 71.19 -37.87 21.73
N GLN D 155 71.38 -38.26 20.47
CA GLN D 155 72.18 -37.46 19.56
C GLN D 155 71.32 -36.32 19.02
N ALA D 156 71.83 -35.09 19.07
CA ALA D 156 71.06 -33.90 18.73
C ALA D 156 71.89 -33.00 17.83
N ASP D 157 71.39 -32.74 16.63
CA ASP D 157 72.03 -31.73 15.78
C ASP D 157 71.83 -30.32 16.34
N HIS D 158 70.64 -30.05 16.87
CA HIS D 158 70.24 -28.77 17.43
C HIS D 158 69.57 -29.04 18.77
N ILE D 159 69.81 -28.17 19.74
CA ILE D 159 69.24 -28.33 21.08
C ILE D 159 68.50 -27.04 21.42
N LEU D 160 67.25 -27.18 21.83
CA LEU D 160 66.42 -26.06 22.24
C LEU D 160 66.18 -26.15 23.74
N LEU D 161 66.65 -25.15 24.48
CA LEU D 161 66.41 -25.07 25.91
C LEU D 161 65.07 -24.36 26.16
N ALA D 162 64.13 -25.05 26.80
CA ALA D 162 62.80 -24.46 27.00
C ALA D 162 62.20 -24.98 28.31
N THR D 163 62.97 -24.88 29.39
CA THR D 163 62.58 -25.43 30.68
C THR D 163 61.79 -24.47 31.55
N GLY D 164 61.52 -23.24 31.06
CA GLY D 164 60.62 -22.33 31.77
C GLY D 164 61.27 -21.68 33.00
N SER D 165 60.42 -21.36 33.97
CA SER D 165 60.86 -20.71 35.21
C SER D 165 60.31 -21.47 36.41
N TRP D 166 60.55 -20.94 37.60
CA TRP D 166 60.24 -21.65 38.83
C TRP D 166 60.03 -20.61 39.91
N PRO D 167 59.15 -20.86 40.88
CA PRO D 167 58.87 -19.85 41.91
C PRO D 167 60.11 -19.49 42.72
N GLN D 168 60.34 -18.18 42.88
CA GLN D 168 61.44 -17.68 43.69
C GLN D 168 61.04 -17.70 45.17
N MET D 169 61.88 -18.29 46.01
CA MET D 169 61.60 -18.36 47.44
C MET D 169 62.65 -17.58 48.22
N PRO D 170 62.27 -16.55 48.98
CA PRO D 170 63.27 -15.78 49.72
C PRO D 170 63.95 -16.61 50.80
N ALA D 171 65.21 -16.30 51.05
CA ALA D 171 66.01 -17.02 52.03
C ALA D 171 65.77 -16.42 53.41
N ILE D 172 64.65 -16.81 54.02
CA ILE D 172 64.32 -16.35 55.37
C ILE D 172 64.15 -17.59 56.24
N PRO D 173 64.31 -17.43 57.56
CA PRO D 173 63.98 -18.54 58.48
C PRO D 173 62.52 -18.95 58.34
N GLY D 174 62.30 -20.25 58.24
CA GLY D 174 60.96 -20.79 58.14
C GLY D 174 60.38 -20.76 56.74
N ILE D 175 61.20 -20.54 55.72
CA ILE D 175 60.72 -20.56 54.34
C ILE D 175 60.12 -21.93 54.02
N GLU D 176 60.60 -22.99 54.67
CA GLU D 176 60.06 -24.31 54.46
C GLU D 176 58.60 -24.44 54.92
N HIS D 177 58.10 -23.50 55.71
CA HIS D 177 56.70 -23.49 56.12
C HIS D 177 55.78 -22.82 55.11
N CYS D 178 56.33 -22.33 54.01
CA CYS D 178 55.61 -21.58 52.99
C CYS D 178 55.41 -22.44 51.74
N ILE D 179 54.51 -21.99 50.87
CA ILE D 179 54.25 -22.67 49.60
C ILE D 179 54.42 -21.66 48.47
N SER D 180 54.29 -22.15 47.24
CA SER D 180 54.26 -21.32 46.04
C SER D 180 52.92 -21.56 45.34
N SER D 181 52.74 -20.92 44.17
CA SER D 181 51.52 -21.17 43.41
C SER D 181 51.39 -22.65 43.05
N ASN D 182 52.51 -23.36 42.87
CA ASN D 182 52.47 -24.79 42.56
C ASN D 182 51.56 -25.54 43.53
N GLU D 183 51.84 -25.43 44.83
CA GLU D 183 51.08 -26.18 45.82
C GLU D 183 49.67 -25.63 46.00
N ALA D 184 49.47 -24.35 45.71
CA ALA D 184 48.13 -23.75 45.83
C ALA D 184 47.12 -24.46 44.96
N PHE D 185 47.54 -24.94 43.78
CA PHE D 185 46.61 -25.63 42.90
C PHE D 185 46.14 -26.97 43.45
N TYR D 186 46.69 -27.43 44.58
CA TYR D 186 46.39 -28.78 45.08
C TYR D 186 46.03 -28.81 46.55
N LEU D 187 45.86 -27.66 47.20
CA LEU D 187 45.44 -27.63 48.59
C LEU D 187 44.20 -28.52 48.76
N PRO D 188 44.19 -29.42 49.75
CA PRO D 188 43.00 -30.25 49.96
C PRO D 188 41.80 -29.47 50.44
N GLU D 189 42.00 -28.43 51.26
CA GLU D 189 40.97 -27.55 51.79
C GLU D 189 41.32 -26.11 51.46
N PRO D 190 40.34 -25.25 51.25
CA PRO D 190 40.63 -23.83 51.07
C PRO D 190 41.08 -23.21 52.37
N PRO D 191 42.13 -22.41 52.37
CA PRO D 191 42.63 -21.88 53.64
C PRO D 191 41.65 -20.87 54.24
N ARG D 192 41.48 -20.96 55.57
CA ARG D 192 40.71 -19.95 56.29
C ARG D 192 41.39 -18.59 56.22
N ARG D 193 42.67 -18.54 56.53
CA ARG D 193 43.48 -17.34 56.47
C ARG D 193 44.68 -17.62 55.59
N VAL D 194 44.94 -16.73 54.63
CA VAL D 194 46.08 -16.89 53.73
C VAL D 194 46.73 -15.53 53.55
N LEU D 195 48.06 -15.53 53.51
CA LEU D 195 48.87 -14.40 53.09
C LEU D 195 49.48 -14.75 51.74
N THR D 196 49.18 -13.95 50.73
CA THR D 196 49.88 -14.05 49.44
C THR D 196 50.94 -12.97 49.41
N VAL D 197 52.19 -13.41 49.29
CA VAL D 197 53.35 -12.54 49.39
C VAL D 197 53.75 -12.11 47.99
N GLY D 198 53.66 -10.82 47.70
CA GLY D 198 53.99 -10.31 46.40
C GLY D 198 52.96 -9.35 45.85
N GLY D 199 53.43 -8.43 45.01
CA GLY D 199 52.55 -7.49 44.34
C GLY D 199 52.30 -7.76 42.86
N GLY D 200 52.78 -8.89 42.31
CA GLY D 200 52.58 -9.20 40.91
C GLY D 200 51.26 -9.91 40.62
N PHE D 201 51.07 -10.28 39.35
CA PHE D 201 49.77 -10.78 38.89
C PHE D 201 49.41 -12.10 39.56
N ILE D 202 50.39 -12.94 39.89
CA ILE D 202 50.06 -14.23 40.50
C ILE D 202 49.51 -14.03 41.92
N SER D 203 50.17 -13.20 42.73
CA SER D 203 49.67 -12.93 44.08
C SER D 203 48.27 -12.31 44.04
N VAL D 204 48.08 -11.29 43.19
CA VAL D 204 46.78 -10.63 43.04
C VAL D 204 45.70 -11.62 42.60
N GLU D 205 46.01 -12.46 41.61
CA GLU D 205 44.99 -13.37 41.09
C GLU D 205 44.60 -14.41 42.12
N PHE D 206 45.59 -14.97 42.82
CA PHE D 206 45.28 -15.97 43.82
C PHE D 206 44.56 -15.37 45.02
N ALA D 207 44.85 -14.11 45.37
CA ALA D 207 44.11 -13.49 46.47
C ALA D 207 42.62 -13.44 46.16
N GLY D 208 42.26 -13.17 44.90
CA GLY D 208 40.85 -13.22 44.52
C GLY D 208 40.28 -14.62 44.57
N ILE D 209 41.06 -15.59 44.12
CA ILE D 209 40.62 -16.99 44.17
C ILE D 209 40.35 -17.39 45.61
N PHE D 210 41.36 -17.24 46.48
CA PHE D 210 41.20 -17.62 47.88
C PHE D 210 40.05 -16.87 48.53
N ASN D 211 39.86 -15.59 48.15
CA ASN D 211 38.83 -14.76 48.78
C ASN D 211 37.43 -15.32 48.56
N ALA D 212 37.17 -15.85 47.36
CA ALA D 212 35.86 -16.38 47.03
C ALA D 212 35.61 -17.74 47.67
N TYR D 213 36.64 -18.54 47.89
CA TYR D 213 36.44 -19.92 48.37
C TYR D 213 36.75 -20.11 49.85
N LYS D 214 37.18 -19.06 50.54
CA LYS D 214 37.55 -19.19 51.93
C LYS D 214 36.34 -19.59 52.80
N PRO D 215 36.56 -20.40 53.83
CA PRO D 215 35.46 -20.80 54.72
C PRO D 215 35.00 -19.64 55.58
N PRO D 216 33.90 -19.80 56.33
CA PRO D 216 33.35 -18.70 57.14
C PRO D 216 34.38 -18.02 58.05
N GLY D 217 34.29 -16.70 58.11
CA GLY D 217 35.18 -15.90 58.93
C GLY D 217 36.62 -15.90 58.48
N GLY D 218 36.90 -16.36 57.26
CA GLY D 218 38.25 -16.34 56.76
C GLY D 218 38.68 -14.95 56.33
N LYS D 219 39.98 -14.81 56.06
CA LYS D 219 40.52 -13.52 55.65
C LYS D 219 41.70 -13.74 54.71
N VAL D 220 41.73 -13.02 53.59
CA VAL D 220 42.87 -13.03 52.67
C VAL D 220 43.65 -11.74 52.84
N THR D 221 44.97 -11.86 53.04
CA THR D 221 45.87 -10.72 53.13
C THR D 221 46.93 -10.83 52.04
N LEU D 222 47.15 -9.76 51.30
CA LEU D 222 48.22 -9.67 50.32
C LEU D 222 49.23 -8.67 50.85
N CYS D 223 50.52 -9.02 50.81
CA CYS D 223 51.53 -8.06 51.20
C CYS D 223 52.52 -7.85 50.05
N TYR D 224 53.04 -6.62 49.96
CA TYR D 224 54.00 -6.24 48.95
C TYR D 224 55.02 -5.33 49.58
N ARG D 225 56.29 -5.52 49.20
CA ARG D 225 57.38 -4.85 49.90
C ARG D 225 57.46 -3.36 49.56
N ASN D 226 56.85 -2.92 48.47
CA ASN D 226 56.91 -1.53 48.10
C ASN D 226 55.55 -0.84 48.32
N ASN D 227 55.41 0.35 47.74
N ASN D 227 55.41 0.37 47.79
N ASN D 227 55.41 0.35 47.74
N ASN D 227 55.41 0.37 47.79
CA ASN D 227 54.32 1.25 48.09
CA ASN D 227 54.26 1.20 48.16
CA ASN D 227 54.32 1.25 48.09
CA ASN D 227 54.26 1.20 48.16
C ASN D 227 53.02 0.96 47.35
C ASN D 227 52.98 0.82 47.42
C ASN D 227 53.02 0.96 47.35
C ASN D 227 52.98 0.82 47.42
N LEU D 228 53.08 0.27 46.22
CA LEU D 228 51.90 0.07 45.37
C LEU D 228 52.01 -1.22 44.57
N ILE D 229 50.97 -2.08 44.65
CA ILE D 229 51.04 -3.36 43.95
C ILE D 229 51.09 -3.16 42.44
N LEU D 230 51.49 -4.22 41.73
CA LEU D 230 51.40 -4.32 40.27
C LEU D 230 52.32 -3.33 39.55
N ARG D 231 53.54 -3.20 40.06
CA ARG D 231 54.62 -2.51 39.36
C ARG D 231 54.64 -2.92 37.88
N GLY D 232 54.83 -1.94 36.99
CA GLY D 232 54.84 -2.17 35.57
C GLY D 232 53.52 -1.88 34.87
N PHE D 233 52.42 -1.85 35.62
CA PHE D 233 51.13 -1.54 35.04
C PHE D 233 50.82 -0.06 35.20
N ASP D 234 49.77 0.38 34.51
CA ASP D 234 49.35 1.77 34.58
C ASP D 234 49.08 2.19 36.01
N GLU D 235 49.49 3.40 36.39
CA GLU D 235 49.44 3.78 37.80
C GLU D 235 48.01 4.02 38.26
N THR D 236 47.17 4.65 37.42
CA THR D 236 45.76 4.78 37.77
C THR D 236 45.16 3.41 38.07
N ILE D 237 45.49 2.43 37.24
CA ILE D 237 44.94 1.09 37.38
C ILE D 237 45.47 0.42 38.64
N ARG D 238 46.76 0.59 38.94
CA ARG D 238 47.33 -0.02 40.15
C ARG D 238 46.59 0.46 41.38
N GLU D 239 46.34 1.77 41.45
CA GLU D 239 45.62 2.32 42.59
C GLU D 239 44.17 1.87 42.59
N GLU D 240 43.57 1.78 41.41
CA GLU D 240 42.16 1.40 41.34
C GLU D 240 41.97 -0.09 41.65
N VAL D 241 42.89 -0.96 41.18
CA VAL D 241 42.81 -2.38 41.55
C VAL D 241 42.96 -2.56 43.05
N THR D 242 43.85 -1.79 43.67
CA THR D 242 44.02 -1.85 45.11
C THR D 242 42.71 -1.60 45.83
N LYS D 243 42.01 -0.52 45.45
CA LYS D 243 40.76 -0.16 46.09
C LYS D 243 39.70 -1.23 45.87
N GLN D 244 39.65 -1.81 44.67
CA GLN D 244 38.58 -2.77 44.39
C GLN D 244 38.83 -4.12 45.04
N LEU D 245 40.10 -4.52 45.22
CA LEU D 245 40.40 -5.66 46.07
C LEU D 245 39.97 -5.41 47.52
N THR D 246 40.32 -4.23 48.05
CA THR D 246 39.92 -3.87 49.40
C THR D 246 38.41 -3.95 49.56
N ALA D 247 37.68 -3.39 48.60
CA ALA D 247 36.22 -3.37 48.67
C ALA D 247 35.66 -4.79 48.69
N ASN D 248 36.35 -5.73 48.08
CA ASN D 248 35.87 -7.10 48.09
C ASN D 248 36.44 -7.89 49.26
N GLY D 249 37.08 -7.22 50.21
CA GLY D 249 37.37 -7.82 51.49
C GLY D 249 38.78 -8.33 51.71
N ILE D 250 39.70 -8.01 50.81
CA ILE D 250 41.10 -8.43 50.90
C ILE D 250 41.91 -7.31 51.54
N GLU D 251 42.75 -7.66 52.51
N GLU D 251 42.76 -7.66 52.50
N GLU D 251 42.75 -7.66 52.51
N GLU D 251 42.76 -7.66 52.50
CA GLU D 251 43.62 -6.70 53.18
CA GLU D 251 43.60 -6.67 53.18
CA GLU D 251 43.62 -6.70 53.18
CA GLU D 251 43.60 -6.67 53.18
C GLU D 251 44.93 -6.58 52.40
C GLU D 251 44.94 -6.56 52.47
C GLU D 251 44.93 -6.58 52.40
C GLU D 251 44.94 -6.56 52.47
N ILE D 252 45.24 -5.36 51.97
CA ILE D 252 46.49 -5.09 51.24
C ILE D 252 47.48 -4.46 52.22
N MET D 253 48.61 -5.14 52.46
CA MET D 253 49.69 -4.65 53.32
C MET D 253 50.86 -4.20 52.46
N THR D 254 50.90 -2.93 52.10
CA THR D 254 52.04 -2.43 51.34
C THR D 254 53.15 -1.97 52.28
N ASN D 255 54.37 -1.87 51.72
CA ASN D 255 55.58 -1.55 52.48
C ASN D 255 55.82 -2.54 53.62
N GLU D 256 55.52 -3.82 53.37
CA GLU D 256 55.76 -4.88 54.34
C GLU D 256 56.38 -6.07 53.63
N ASN D 257 57.29 -6.75 54.34
CA ASN D 257 57.98 -7.88 53.75
C ASN D 257 58.24 -8.90 54.85
N PRO D 258 57.89 -10.17 54.64
CA PRO D 258 58.19 -11.20 55.64
C PRO D 258 59.69 -11.32 55.93
N ALA D 259 60.02 -11.42 57.22
CA ALA D 259 61.37 -11.66 57.69
C ALA D 259 61.59 -13.05 58.23
N LYS D 260 60.56 -13.70 58.76
CA LYS D 260 60.65 -15.11 59.12
C LYS D 260 59.25 -15.66 59.30
N VAL D 261 59.17 -16.99 59.33
CA VAL D 261 57.91 -17.70 59.53
C VAL D 261 58.19 -18.81 60.52
N SER D 262 57.33 -18.94 61.54
CA SER D 262 57.41 -20.06 62.47
C SER D 262 56.11 -20.84 62.45
N LEU D 263 56.20 -22.09 62.89
CA LEU D 263 55.04 -22.96 63.00
C LEU D 263 54.42 -22.81 64.39
N ASN D 264 53.15 -22.44 64.44
CA ASN D 264 52.44 -22.43 65.71
C ASN D 264 52.13 -23.85 66.14
N THR D 265 51.86 -24.01 67.45
CA THR D 265 51.59 -25.36 67.93
C THR D 265 50.34 -25.98 67.30
N ASP D 266 49.43 -25.16 66.75
CA ASP D 266 48.25 -25.72 66.10
C ASP D 266 48.46 -25.92 64.60
N GLY D 267 49.69 -25.71 64.10
CA GLY D 267 50.00 -25.95 62.71
C GLY D 267 49.84 -24.76 61.80
N SER D 268 49.26 -23.67 62.29
CA SER D 268 49.22 -22.44 61.52
C SER D 268 50.61 -21.78 61.55
N LYS D 269 50.74 -20.69 60.79
CA LYS D 269 52.03 -20.05 60.56
C LYS D 269 52.05 -18.69 61.20
N HIS D 270 53.17 -18.37 61.86
CA HIS D 270 53.39 -17.07 62.50
C HIS D 270 54.39 -16.30 61.65
N VAL D 271 53.91 -15.24 60.99
CA VAL D 271 54.72 -14.45 60.08
C VAL D 271 55.16 -13.19 60.81
N THR D 272 56.47 -12.97 60.88
CA THR D 272 57.03 -11.72 61.38
C THR D 272 57.55 -10.93 60.19
N PHE D 273 57.10 -9.70 60.05
CA PHE D 273 57.56 -8.82 58.99
C PHE D 273 58.80 -8.04 59.44
N GLU D 274 59.52 -7.50 58.45
CA GLU D 274 60.70 -6.69 58.72
C GLU D 274 60.38 -5.51 59.64
N SER D 275 59.15 -5.00 59.58
CA SER D 275 58.76 -3.86 60.41
C SER D 275 58.48 -4.25 61.86
N GLY D 276 58.45 -5.54 62.18
CA GLY D 276 58.03 -5.99 63.49
C GLY D 276 56.59 -6.45 63.57
N LYS D 277 55.76 -6.04 62.62
CA LYS D 277 54.38 -6.50 62.57
C LYS D 277 54.34 -8.03 62.46
N THR D 278 53.23 -8.61 62.88
CA THR D 278 53.10 -10.06 62.83
C THR D 278 51.72 -10.40 62.28
N LEU D 279 51.57 -11.65 61.85
CA LEU D 279 50.31 -12.12 61.29
C LEU D 279 50.30 -13.63 61.35
N ASP D 280 49.17 -14.19 61.76
CA ASP D 280 48.97 -15.63 61.77
C ASP D 280 48.04 -16.00 60.64
N VAL D 281 48.44 -16.99 59.85
CA VAL D 281 47.67 -17.47 58.72
C VAL D 281 47.81 -18.98 58.64
N ASP D 282 46.89 -19.60 57.92
CA ASP D 282 46.98 -21.03 57.69
C ASP D 282 47.85 -21.40 56.50
N VAL D 283 48.01 -20.50 55.54
CA VAL D 283 48.84 -20.74 54.37
C VAL D 283 49.60 -19.45 54.05
N VAL D 284 50.90 -19.57 53.81
CA VAL D 284 51.73 -18.47 53.32
C VAL D 284 52.13 -18.81 51.89
N MET D 285 51.58 -18.10 50.89
CA MET D 285 51.92 -18.37 49.49
C MET D 285 52.92 -17.32 48.98
N MET D 286 54.16 -17.75 48.77
CA MET D 286 55.20 -16.88 48.22
C MET D 286 54.98 -16.73 46.71
N ALA D 287 54.75 -15.50 46.26
CA ALA D 287 54.62 -15.17 44.84
C ALA D 287 55.41 -13.91 44.53
N ILE D 288 56.69 -13.91 44.95
CA ILE D 288 57.52 -12.72 44.82
C ILE D 288 58.26 -12.65 43.50
N GLY D 289 58.20 -13.69 42.68
CA GLY D 289 58.86 -13.66 41.38
C GLY D 289 59.03 -15.07 40.85
N ARG D 290 59.52 -15.15 39.61
CA ARG D 290 59.85 -16.43 39.02
C ARG D 290 61.21 -16.31 38.33
N ILE D 291 62.06 -17.30 38.56
CA ILE D 291 63.44 -17.26 38.05
C ILE D 291 63.65 -18.33 36.99
N PRO D 292 64.53 -18.08 36.02
CA PRO D 292 64.75 -19.06 34.95
C PRO D 292 65.24 -20.39 35.50
N ARG D 293 64.78 -21.46 34.88
CA ARG D 293 65.03 -22.81 35.39
C ARG D 293 66.24 -23.39 34.66
N THR D 294 67.43 -23.01 35.15
CA THR D 294 68.68 -23.35 34.49
C THR D 294 69.55 -24.35 35.24
N ASN D 295 69.34 -24.49 36.56
CA ASN D 295 70.23 -25.29 37.40
C ASN D 295 70.41 -26.72 36.91
N ASP D 296 69.32 -27.38 36.52
CA ASP D 296 69.40 -28.81 36.21
C ASP D 296 69.96 -29.08 34.81
N LEU D 297 70.16 -28.05 33.98
CA LEU D 297 70.58 -28.29 32.60
C LEU D 297 72.06 -28.59 32.45
N GLN D 298 72.87 -28.40 33.50
CA GLN D 298 74.31 -28.63 33.48
C GLN D 298 74.95 -27.86 32.33
N LEU D 299 74.57 -26.58 32.22
CA LEU D 299 75.07 -25.77 31.12
C LEU D 299 76.58 -25.56 31.17
N GLY D 300 77.20 -25.74 32.34
CA GLY D 300 78.65 -25.65 32.40
C GLY D 300 79.35 -26.66 31.51
N ASN D 301 78.69 -27.80 31.24
CA ASN D 301 79.28 -28.83 30.39
C ASN D 301 79.58 -28.31 28.99
N VAL D 302 78.87 -27.28 28.53
CA VAL D 302 79.03 -26.82 27.16
C VAL D 302 79.31 -25.33 27.13
N GLY D 303 79.24 -24.70 28.29
CA GLY D 303 79.57 -23.29 28.39
C GLY D 303 78.54 -22.32 27.87
N VAL D 304 77.25 -22.66 27.93
CA VAL D 304 76.20 -21.71 27.60
C VAL D 304 76.19 -20.58 28.61
N LYS D 305 76.22 -19.33 28.12
CA LYS D 305 76.35 -18.17 29.00
C LYS D 305 75.00 -17.76 29.58
N LEU D 306 75.01 -17.45 30.88
CA LEU D 306 73.87 -16.83 31.54
C LEU D 306 74.04 -15.30 31.57
N THR D 307 72.92 -14.60 31.70
CA THR D 307 72.93 -13.18 31.98
C THR D 307 73.23 -12.95 33.46
N PRO D 308 73.52 -11.70 33.86
CA PRO D 308 73.72 -11.44 35.30
C PRO D 308 72.50 -11.79 36.12
N LYS D 309 71.30 -11.62 35.56
CA LYS D 309 70.08 -11.98 36.27
C LYS D 309 69.82 -13.48 36.32
N GLY D 310 70.54 -14.29 35.53
CA GLY D 310 70.44 -15.74 35.61
C GLY D 310 69.67 -16.41 34.49
N GLY D 311 69.15 -15.65 33.53
CA GLY D 311 68.55 -16.27 32.36
C GLY D 311 69.60 -16.71 31.37
N VAL D 312 69.20 -17.55 30.43
CA VAL D 312 70.09 -17.91 29.33
C VAL D 312 70.19 -16.72 28.38
N GLN D 313 71.41 -16.26 28.15
CA GLN D 313 71.63 -15.12 27.26
C GLN D 313 71.39 -15.54 25.82
N VAL D 314 70.65 -14.72 25.07
CA VAL D 314 70.32 -15.03 23.67
C VAL D 314 70.34 -13.74 22.87
N ASP D 315 70.56 -13.90 21.56
CA ASP D 315 70.41 -12.76 20.65
C ASP D 315 68.94 -12.63 20.26
N GLU D 316 68.63 -11.77 19.29
CA GLU D 316 67.24 -11.54 18.90
C GLU D 316 66.62 -12.78 18.27
N PHE D 317 67.44 -13.68 17.73
CA PHE D 317 66.95 -14.89 17.11
C PHE D 317 67.00 -16.09 18.04
N SER D 318 67.16 -15.85 19.34
CA SER D 318 67.11 -16.86 20.39
C SER D 318 68.33 -17.79 20.38
N ARG D 319 69.44 -17.36 19.78
CA ARG D 319 70.66 -18.16 19.77
C ARG D 319 71.51 -17.86 21.00
N THR D 320 72.02 -18.92 21.64
CA THR D 320 73.00 -18.78 22.70
C THR D 320 74.38 -18.54 22.09
N ASN D 321 75.40 -18.49 22.94
CA ASN D 321 76.76 -18.34 22.43
C ASN D 321 77.29 -19.61 21.80
N VAL D 322 76.63 -20.74 22.02
CA VAL D 322 77.08 -22.05 21.56
C VAL D 322 76.30 -22.38 20.29
N PRO D 323 76.95 -22.58 19.15
CA PRO D 323 76.22 -22.91 17.92
C PRO D 323 75.37 -24.15 18.12
N ASN D 324 74.20 -24.14 17.47
CA ASN D 324 73.15 -25.15 17.49
C ASN D 324 72.51 -25.31 18.87
N ILE D 325 72.72 -24.37 19.80
CA ILE D 325 71.99 -24.36 21.06
C ILE D 325 71.23 -23.05 21.17
N TYR D 326 69.91 -23.15 21.35
CA TYR D 326 69.01 -22.02 21.39
C TYR D 326 68.21 -22.07 22.70
N ALA D 327 67.53 -20.97 23.00
CA ALA D 327 66.71 -20.88 24.20
C ALA D 327 65.56 -19.91 23.94
N ILE D 328 64.35 -20.32 24.34
CA ILE D 328 63.14 -19.52 24.19
C ILE D 328 62.34 -19.62 25.49
N GLY D 329 61.34 -18.74 25.64
CA GLY D 329 60.45 -18.82 26.80
C GLY D 329 61.01 -18.18 28.07
N ASP D 330 60.43 -18.58 29.21
CA ASP D 330 60.80 -17.96 30.48
C ASP D 330 62.26 -18.16 30.84
N ILE D 331 62.94 -19.16 30.26
CA ILE D 331 64.34 -19.39 30.62
C ILE D 331 65.21 -18.21 30.19
N THR D 332 64.75 -17.43 29.22
CA THR D 332 65.46 -16.23 28.76
C THR D 332 65.11 -14.98 29.57
N ASP D 333 64.16 -15.04 30.50
CA ASP D 333 63.93 -13.97 31.47
C ASP D 333 63.54 -12.65 30.80
N ARG D 334 62.88 -12.72 29.63
N ARG D 334 62.87 -12.73 29.65
N ARG D 334 62.86 -12.73 29.65
CA ARG D 334 62.32 -11.53 29.00
CA ARG D 334 62.32 -11.55 29.01
CA ARG D 334 62.32 -11.55 29.01
C ARG D 334 60.87 -11.37 29.41
C ARG D 334 60.86 -11.35 29.41
C ARG D 334 60.87 -11.35 29.41
N LEU D 335 59.94 -11.56 28.48
CA LEU D 335 58.52 -11.50 28.77
C LEU D 335 58.04 -12.90 29.15
N MET D 336 57.65 -13.09 30.40
CA MET D 336 57.23 -14.40 30.89
C MET D 336 55.73 -14.56 30.65
N LEU D 337 55.37 -14.81 29.39
CA LEU D 337 53.99 -15.01 28.94
C LEU D 337 53.96 -16.18 27.98
N THR D 338 52.87 -16.94 28.02
CA THR D 338 52.76 -18.11 27.15
C THR D 338 52.74 -17.76 25.67
N PRO D 339 51.96 -16.79 25.19
CA PRO D 339 51.98 -16.51 23.74
C PRO D 339 53.34 -15.99 23.27
N VAL D 340 54.14 -15.41 24.15
CA VAL D 340 55.47 -14.96 23.77
C VAL D 340 56.40 -16.16 23.60
N ALA D 341 56.39 -17.10 24.55
CA ALA D 341 57.19 -18.31 24.40
C ALA D 341 56.81 -19.05 23.12
N ILE D 342 55.52 -19.10 22.81
CA ILE D 342 55.04 -19.76 21.59
C ILE D 342 55.58 -19.05 20.36
N ASN D 343 55.51 -17.72 20.37
CA ASN D 343 56.01 -16.93 19.25
C ASN D 343 57.52 -17.10 19.07
N GLU D 344 58.28 -17.11 20.18
CA GLU D 344 59.73 -17.31 20.07
C GLU D 344 60.05 -18.69 19.52
N GLY D 345 59.28 -19.72 19.92
CA GLY D 345 59.55 -21.07 19.45
C GLY D 345 59.25 -21.26 17.98
N ALA D 346 58.12 -20.72 17.51
CA ALA D 346 57.82 -20.72 16.09
C ALA D 346 58.86 -19.94 15.29
N ALA D 347 59.25 -18.76 15.80
CA ALA D 347 60.25 -17.94 15.12
C ALA D 347 61.59 -18.68 15.01
N LEU D 348 62.04 -19.27 16.12
CA LEU D 348 63.29 -20.02 16.11
C LEU D 348 63.27 -21.16 15.09
N VAL D 349 62.17 -21.91 15.03
CA VAL D 349 62.11 -23.05 14.11
C VAL D 349 62.06 -22.56 12.66
N ASP D 350 61.27 -21.52 12.38
CA ASP D 350 61.31 -20.89 11.06
C ASP D 350 62.73 -20.47 10.70
N THR D 351 63.49 -19.95 11.67
CA THR D 351 64.82 -19.44 11.36
C THR D 351 65.81 -20.57 11.09
N VAL D 352 65.74 -21.64 11.88
CA VAL D 352 66.75 -22.69 11.82
C VAL D 352 66.40 -23.74 10.78
N PHE D 353 65.13 -24.16 10.72
CA PHE D 353 64.69 -25.24 9.86
C PHE D 353 63.78 -24.77 8.74
N GLY D 354 63.25 -23.55 8.82
CA GLY D 354 62.53 -22.96 7.73
C GLY D 354 63.45 -22.17 6.82
N ASN D 355 62.85 -21.46 5.91
CA ASN D 355 63.58 -20.59 5.00
C ASN D 355 63.14 -19.16 5.21
N LYS D 356 62.84 -18.84 6.47
CA LYS D 356 62.19 -17.58 6.85
C LYS D 356 62.76 -17.10 8.18
N PRO D 357 63.95 -16.49 8.17
CA PRO D 357 64.48 -15.91 9.42
C PRO D 357 63.49 -14.92 10.02
N ARG D 358 63.34 -14.99 11.33
CA ARG D 358 62.29 -14.20 11.98
C ARG D 358 62.65 -14.03 13.44
N LYS D 359 62.42 -12.84 13.97
CA LYS D 359 62.63 -12.58 15.39
C LYS D 359 61.33 -12.11 16.02
N THR D 360 61.14 -12.49 17.28
CA THR D 360 59.96 -12.09 18.03
C THR D 360 60.03 -10.61 18.40
N ASP D 361 58.91 -9.91 18.22
CA ASP D 361 58.77 -8.52 18.62
C ASP D 361 58.25 -8.52 20.05
N HIS D 362 59.07 -8.07 20.99
CA HIS D 362 58.67 -8.06 22.39
C HIS D 362 58.02 -6.75 22.82
N THR D 363 57.82 -5.82 21.89
CA THR D 363 57.10 -4.58 22.19
C THR D 363 55.63 -4.73 21.82
N ARG D 364 54.80 -3.94 22.49
CA ARG D 364 53.37 -3.85 22.16
C ARG D 364 52.69 -5.20 22.25
N VAL D 365 53.13 -6.04 23.18
CA VAL D 365 52.47 -7.31 23.47
C VAL D 365 51.30 -7.06 24.41
N ALA D 366 50.10 -7.41 23.98
CA ALA D 366 48.93 -7.32 24.86
C ALA D 366 48.98 -8.42 25.92
N SER D 367 48.56 -8.08 27.14
CA SER D 367 48.52 -9.05 28.23
C SER D 367 47.39 -8.68 29.19
N ALA D 368 47.15 -9.56 30.16
CA ALA D 368 46.01 -9.39 31.06
C ALA D 368 46.42 -9.76 32.48
N VAL D 369 45.66 -9.24 33.45
CA VAL D 369 45.68 -9.76 34.82
C VAL D 369 44.25 -10.14 35.16
N PHE D 370 44.07 -11.39 35.60
CA PHE D 370 42.72 -11.86 35.91
C PHE D 370 42.37 -11.64 37.37
N SER D 371 42.61 -10.41 37.79
CA SER D 371 42.01 -9.86 38.99
C SER D 371 40.50 -9.73 38.78
N ILE D 372 39.80 -9.43 39.86
CA ILE D 372 38.35 -9.24 39.82
C ILE D 372 38.05 -7.82 40.26
N PRO D 373 37.72 -6.92 39.30
CA PRO D 373 37.68 -7.08 37.84
C PRO D 373 39.08 -7.13 37.21
N PRO D 374 39.20 -7.51 35.94
CA PRO D 374 40.52 -7.76 35.35
C PRO D 374 41.14 -6.55 34.66
N ILE D 375 42.42 -6.69 34.34
CA ILE D 375 43.22 -5.70 33.62
C ILE D 375 43.50 -6.25 32.22
N GLY D 376 43.43 -5.37 31.23
CA GLY D 376 43.93 -5.68 29.89
C GLY D 376 44.82 -4.54 29.44
N THR D 377 46.01 -4.84 28.91
CA THR D 377 46.95 -3.78 28.61
C THR D 377 47.81 -4.15 27.40
N CYS D 378 48.25 -3.12 26.67
CA CYS D 378 49.14 -3.28 25.53
C CYS D 378 49.96 -2.01 25.37
N GLY D 379 51.28 -2.14 25.31
CA GLY D 379 52.13 -0.99 25.04
C GLY D 379 52.60 -0.28 26.29
N LEU D 380 53.02 0.97 26.10
CA LEU D 380 53.81 1.68 27.11
C LEU D 380 52.91 2.36 28.14
N ILE D 381 53.32 2.28 29.41
CA ILE D 381 52.71 3.15 30.41
C ILE D 381 53.30 4.55 30.28
N GLU D 382 52.54 5.55 30.75
CA GLU D 382 52.84 6.93 30.40
C GLU D 382 54.18 7.40 30.97
N GLU D 383 54.55 6.93 32.18
CA GLU D 383 55.83 7.36 32.74
C GLU D 383 57.00 6.86 31.89
N VAL D 384 56.86 5.70 31.26
CA VAL D 384 57.89 5.22 30.34
C VAL D 384 57.86 6.03 29.05
N ALA D 385 56.67 6.24 28.49
CA ALA D 385 56.56 7.00 27.25
C ALA D 385 57.13 8.40 27.40
N ALA D 386 56.89 9.04 28.55
CA ALA D 386 57.37 10.40 28.78
C ALA D 386 58.89 10.48 28.72
N LYS D 387 59.60 9.41 29.10
CA LYS D 387 61.05 9.41 29.04
C LYS D 387 61.58 9.28 27.62
N GLU D 388 60.78 8.79 26.67
CA GLU D 388 61.25 8.55 25.32
C GLU D 388 60.65 9.48 24.28
N PHE D 389 59.67 10.31 24.65
CA PHE D 389 59.02 11.20 23.71
C PHE D 389 58.89 12.59 24.31
N GLU D 390 59.18 13.60 23.49
CA GLU D 390 59.13 14.98 23.94
C GLU D 390 57.74 15.35 24.45
N LYS D 391 56.70 14.93 23.73
CA LYS D 391 55.32 15.30 24.05
C LYS D 391 54.45 14.06 24.03
N VAL D 392 53.83 13.74 25.16
CA VAL D 392 52.97 12.58 25.34
C VAL D 392 51.60 13.07 25.78
N ALA D 393 50.54 12.52 25.19
CA ALA D 393 49.18 12.84 25.61
C ALA D 393 48.55 11.64 26.30
N VAL D 394 47.68 11.91 27.27
CA VAL D 394 46.98 10.85 28.00
C VAL D 394 45.48 11.12 27.93
N TYR D 395 44.74 10.19 27.34
CA TYR D 395 43.29 10.23 27.26
C TYR D 395 42.75 9.24 28.27
N MET D 396 41.91 9.70 29.19
CA MET D 396 41.45 8.88 30.29
C MET D 396 39.94 8.99 30.45
N SER D 397 39.26 7.85 30.52
CA SER D 397 37.86 7.77 30.93
C SER D 397 37.75 6.84 32.13
N SER D 398 36.94 7.23 33.11
CA SER D 398 36.81 6.40 34.31
C SER D 398 35.46 6.68 34.95
N PHE D 399 34.72 5.63 35.27
CA PHE D 399 33.35 5.76 35.74
C PHE D 399 32.87 4.39 36.16
N THR D 400 32.00 4.35 37.14
CA THR D 400 31.30 3.12 37.46
C THR D 400 30.26 2.86 36.38
N PRO D 401 30.34 1.76 35.63
CA PRO D 401 29.33 1.48 34.61
C PRO D 401 27.94 1.35 35.22
N LEU D 402 26.92 1.53 34.38
CA LEU D 402 25.54 1.59 34.85
C LEU D 402 25.13 0.29 35.52
N MET D 403 25.42 -0.86 34.87
CA MET D 403 25.00 -2.15 35.40
C MET D 403 25.44 -2.34 36.85
N HIS D 404 26.54 -1.70 37.26
CA HIS D 404 27.04 -1.90 38.61
C HIS D 404 26.50 -0.88 39.60
N ASN D 405 25.85 0.18 39.12
CA ASN D 405 24.91 0.89 40.00
C ASN D 405 23.77 -0.04 40.40
N ILE D 406 23.18 -0.73 39.42
CA ILE D 406 22.07 -1.64 39.70
C ILE D 406 22.54 -2.88 40.46
N SER D 407 23.73 -3.37 40.15
CA SER D 407 24.21 -4.61 40.78
C SER D 407 24.55 -4.37 42.25
N GLY D 408 24.89 -3.15 42.61
CA GLY D 408 25.32 -2.83 43.96
C GLY D 408 26.82 -2.76 44.11
N SER D 409 27.56 -3.21 43.11
CA SER D 409 29.03 -3.20 43.17
C SER D 409 29.56 -1.87 42.64
N LYS D 410 29.20 -0.79 43.35
CA LYS D 410 29.47 0.55 42.85
C LYS D 410 30.95 0.90 42.87
N TYR D 411 31.76 0.14 43.61
CA TYR D 411 33.21 0.31 43.62
C TYR D 411 33.88 -0.13 42.33
N LYS D 412 33.15 -0.76 41.41
CA LYS D 412 33.75 -1.34 40.22
C LYS D 412 33.85 -0.26 39.14
N LYS D 413 34.85 0.59 39.30
CA LYS D 413 35.11 1.64 38.32
C LYS D 413 35.79 1.03 37.10
N PHE D 414 35.25 1.32 35.92
CA PHE D 414 35.95 1.00 34.68
C PHE D 414 36.93 2.13 34.36
N VAL D 415 38.15 1.76 33.94
CA VAL D 415 39.18 2.72 33.58
C VAL D 415 39.68 2.39 32.18
N ALA D 416 39.71 3.41 31.31
CA ALA D 416 40.27 3.28 29.97
C ALA D 416 41.26 4.42 29.74
N LYS D 417 42.51 4.08 29.42
CA LYS D 417 43.50 5.09 29.11
C LYS D 417 44.21 4.78 27.81
N ILE D 418 44.42 5.82 27.01
CA ILE D 418 45.23 5.77 25.79
C ILE D 418 46.39 6.74 25.96
N VAL D 419 47.61 6.25 25.75
CA VAL D 419 48.82 7.04 25.82
C VAL D 419 49.34 7.23 24.39
N THR D 420 49.56 8.49 23.99
CA THR D 420 50.00 8.75 22.62
C THR D 420 51.31 9.55 22.59
N ASN D 421 52.01 9.40 21.48
CA ASN D 421 53.03 10.36 21.07
C ASN D 421 52.29 11.53 20.46
N HIS D 422 52.17 12.63 21.22
CA HIS D 422 51.29 13.71 20.79
C HIS D 422 51.81 14.43 19.55
N SER D 423 53.09 14.26 19.22
CA SER D 423 53.62 14.95 18.04
C SER D 423 53.04 14.39 16.74
N ASP D 424 52.72 13.09 16.69
CA ASP D 424 52.06 12.55 15.50
C ASP D 424 50.78 11.78 15.77
N GLY D 425 50.34 11.69 17.02
CA GLY D 425 49.13 10.98 17.38
C GLY D 425 49.26 9.48 17.55
N THR D 426 50.44 8.92 17.34
CA THR D 426 50.61 7.48 17.41
C THR D 426 50.27 6.96 18.80
N VAL D 427 49.44 5.91 18.86
CA VAL D 427 49.10 5.29 20.13
C VAL D 427 50.29 4.46 20.61
N LEU D 428 50.78 4.78 21.80
CA LEU D 428 51.90 4.07 22.39
C LEU D 428 51.47 2.99 23.37
N GLY D 429 50.31 3.15 24.00
CA GLY D 429 49.83 2.17 24.95
C GLY D 429 48.37 2.37 25.28
N VAL D 430 47.66 1.27 25.58
CA VAL D 430 46.27 1.29 25.99
C VAL D 430 46.14 0.45 27.25
N HIS D 431 45.38 0.95 28.23
CA HIS D 431 45.34 0.35 29.56
C HIS D 431 43.91 0.35 30.04
N LEU D 432 43.42 -0.83 30.43
CA LEU D 432 42.01 -1.07 30.73
C LEU D 432 41.86 -1.82 32.05
N LEU D 433 40.90 -1.38 32.85
CA LEU D 433 40.51 -2.08 34.07
C LEU D 433 39.01 -2.18 34.07
N GLY D 434 38.48 -3.40 34.23
CA GLY D 434 37.04 -3.61 34.24
C GLY D 434 36.65 -4.91 33.54
N ASP D 435 35.38 -5.31 33.69
CA ASP D 435 34.85 -6.53 33.08
C ASP D 435 35.13 -6.53 31.58
N GLY D 436 35.66 -7.65 31.09
CA GLY D 436 35.96 -7.82 29.68
C GLY D 436 37.25 -7.17 29.20
N ALA D 437 37.99 -6.49 30.06
CA ALA D 437 39.23 -5.86 29.62
C ALA D 437 40.20 -6.78 28.89
N PRO D 438 40.43 -8.03 29.34
CA PRO D 438 41.34 -8.90 28.56
C PRO D 438 40.82 -9.20 27.17
N GLU D 439 39.50 -9.29 27.01
CA GLU D 439 38.91 -9.55 25.70
C GLU D 439 39.01 -8.32 24.81
N ILE D 440 38.80 -7.14 25.39
CA ILE D 440 38.82 -5.89 24.63
C ILE D 440 40.21 -5.65 24.05
N ILE D 441 41.25 -5.99 24.81
CA ILE D 441 42.59 -5.54 24.47
C ILE D 441 43.19 -6.30 23.29
N GLN D 442 42.67 -7.49 22.93
CA GLN D 442 43.35 -8.31 21.93
C GLN D 442 43.45 -7.58 20.60
N ALA D 443 42.33 -7.06 20.10
CA ALA D 443 42.38 -6.37 18.81
C ALA D 443 43.07 -5.02 18.93
N VAL D 444 43.17 -4.47 20.14
CA VAL D 444 44.01 -3.29 20.35
C VAL D 444 45.46 -3.62 20.03
N GLY D 445 45.87 -4.86 20.33
CA GLY D 445 47.21 -5.30 19.97
C GLY D 445 47.44 -5.27 18.47
N VAL D 446 46.42 -5.64 17.69
CA VAL D 446 46.53 -5.51 16.25
C VAL D 446 46.64 -4.04 15.85
N CYS D 447 45.83 -3.19 16.48
CA CYS D 447 45.86 -1.76 16.21
C CYS D 447 47.27 -1.19 16.35
N LEU D 448 47.97 -1.56 17.42
CA LEU D 448 49.27 -0.95 17.66
C LEU D 448 50.31 -1.46 16.69
N ARG D 449 50.18 -2.71 16.25
CA ARG D 449 51.13 -3.15 15.25
C ARG D 449 50.83 -2.54 13.89
N LEU D 450 49.62 -1.99 13.72
CA LEU D 450 49.28 -1.18 12.56
C LEU D 450 49.60 0.30 12.77
N ASN D 451 50.28 0.65 13.85
CA ASN D 451 50.65 2.05 14.13
C ASN D 451 49.44 2.97 14.15
N ALA D 452 48.35 2.50 14.75
CA ALA D 452 47.14 3.30 14.89
C ALA D 452 47.43 4.60 15.62
N LYS D 453 46.76 5.67 15.20
CA LYS D 453 46.76 6.96 15.87
C LYS D 453 45.48 7.14 16.67
N ILE D 454 45.50 8.09 17.62
CA ILE D 454 44.29 8.37 18.40
C ILE D 454 43.13 8.72 17.48
N SER D 455 43.42 9.40 16.35
CA SER D 455 42.36 9.74 15.41
C SER D 455 41.72 8.51 14.81
N ASP D 456 42.49 7.42 14.64
CA ASP D 456 41.90 6.20 14.12
C ASP D 456 40.90 5.61 15.11
N PHE D 457 41.23 5.68 16.40
CA PHE D 457 40.29 5.27 17.43
C PHE D 457 39.05 6.17 17.44
N TYR D 458 39.23 7.50 17.49
CA TYR D 458 38.08 8.40 17.60
CA TYR D 458 38.03 8.30 17.63
C TYR D 458 37.24 8.39 16.33
N ASN D 459 37.86 8.17 15.17
CA ASN D 459 37.09 8.12 13.94
C ASN D 459 36.26 6.84 13.82
N THR D 460 36.62 5.78 14.55
CA THR D 460 35.86 4.54 14.50
C THR D 460 34.56 4.69 15.30
N ILE D 461 33.45 4.22 14.72
CA ILE D 461 32.15 4.34 15.38
C ILE D 461 32.03 3.30 16.49
N GLY D 462 31.56 3.73 17.66
CA GLY D 462 31.51 2.82 18.80
C GLY D 462 30.42 1.77 18.67
N VAL D 463 30.63 0.64 19.34
CA VAL D 463 29.60 -0.37 19.57
C VAL D 463 28.90 -0.03 20.88
N HIS D 464 27.58 0.09 20.85
CA HIS D 464 26.83 0.59 21.97
C HIS D 464 25.74 -0.40 22.37
N PRO D 465 25.59 -0.73 23.65
CA PRO D 465 26.40 -0.24 24.77
C PRO D 465 27.50 -1.22 25.10
N THR D 466 28.75 -0.77 25.19
CA THR D 466 29.86 -1.61 25.59
C THR D 466 30.78 -0.76 26.46
N SER D 467 31.67 -1.43 27.20
CA SER D 467 32.79 -0.71 27.79
C SER D 467 33.80 -0.30 26.72
N ALA D 468 33.98 -1.14 25.70
CA ALA D 468 35.04 -0.93 24.72
C ALA D 468 34.85 0.37 23.94
N GLU D 469 33.60 0.85 23.81
CA GLU D 469 33.37 2.04 22.99
C GLU D 469 34.00 3.29 23.62
N GLU D 470 34.32 3.25 24.92
CA GLU D 470 35.05 4.37 25.51
C GLU D 470 36.35 4.66 24.75
N LEU D 471 36.97 3.63 24.18
CA LEU D 471 38.23 3.82 23.47
C LEU D 471 38.05 4.58 22.16
N CYS D 472 36.82 4.68 21.66
CA CYS D 472 36.52 5.35 20.40
C CYS D 472 35.77 6.65 20.63
N SER D 473 35.70 7.12 21.87
CA SER D 473 34.95 8.32 22.21
C SER D 473 35.83 9.38 22.86
N MET D 474 37.15 9.24 22.77
CA MET D 474 38.09 10.13 23.45
C MET D 474 38.83 10.95 22.40
N ARG D 475 38.63 12.26 22.43
CA ARG D 475 39.20 13.17 21.45
C ARG D 475 40.09 14.24 22.06
N THR D 476 39.95 14.53 23.36
CA THR D 476 40.70 15.58 24.04
C THR D 476 41.53 14.96 25.16
N PRO D 477 42.83 15.20 25.20
CA PRO D 477 43.65 14.64 26.29
C PRO D 477 43.19 15.15 27.65
N SER D 478 43.35 14.29 28.65
CA SER D 478 43.14 14.71 30.03
C SER D 478 44.33 15.47 30.58
N TYR D 479 45.54 15.13 30.13
CA TYR D 479 46.76 15.84 30.50
C TYR D 479 47.86 15.39 29.55
N TYR D 480 49.05 15.96 29.75
CA TYR D 480 50.19 15.76 28.85
C TYR D 480 51.45 15.55 29.68
N TYR D 481 52.48 15.05 29.01
CA TYR D 481 53.85 15.11 29.51
C TYR D 481 54.68 15.85 28.48
N VAL D 482 55.30 16.95 28.89
CA VAL D 482 56.17 17.73 28.03
C VAL D 482 57.57 17.69 28.63
N LYS D 483 58.51 17.12 27.88
CA LYS D 483 59.86 16.87 28.36
C LYS D 483 59.83 16.34 29.79
N GLY D 484 59.04 15.31 29.99
CA GLY D 484 58.96 14.60 31.24
C GLY D 484 58.03 15.19 32.28
N GLU D 485 57.49 16.39 32.05
CA GLU D 485 56.73 17.09 33.06
C GLU D 485 55.24 16.96 32.79
N LYS D 486 54.49 16.60 33.83
CA LYS D 486 53.05 16.42 33.73
C LYS D 486 52.33 17.76 33.86
N MET D 487 51.35 18.01 32.99
CA MET D 487 50.60 19.26 33.03
C MET D 487 49.27 19.09 32.29
N GLU D 488 48.26 19.86 32.73
CA GLU D 488 46.90 19.66 32.22
C GLU D 488 46.72 20.22 30.81
N LYS D 489 47.30 21.38 30.52
CA LYS D 489 47.28 21.96 29.19
C LYS D 489 48.71 22.12 28.70
N LEU D 490 48.86 22.18 27.36
CA LEU D 490 50.18 22.36 26.76
C LEU D 490 50.65 23.81 26.93
N PRO D 491 51.96 24.04 27.14
CA PRO D 491 52.55 25.35 27.46
C PRO D 491 52.08 26.50 26.57
#